data_1ZUR
# 
_entry.id   1ZUR 
# 
_audit_conform.dict_name       mmcif_pdbx.dic 
_audit_conform.dict_version    5.398 
_audit_conform.dict_location   http://mmcif.pdb.org/dictionaries/ascii/mmcif_pdbx.dic 
# 
loop_
_database_2.database_id 
_database_2.database_code 
_database_2.pdbx_database_accession 
_database_2.pdbx_DOI 
PDB   1ZUR         pdb_00001zur 10.2210/pdb1zur/pdb 
RCSB  RCSB033142   ?            ?                   
WWPDB D_1000033142 ?            ?                   
# 
loop_
_pdbx_audit_revision_history.ordinal 
_pdbx_audit_revision_history.data_content_type 
_pdbx_audit_revision_history.major_revision 
_pdbx_audit_revision_history.minor_revision 
_pdbx_audit_revision_history.revision_date 
1 'Structure model' 1 0 2006-10-17 
2 'Structure model' 1 1 2008-04-30 
3 'Structure model' 1 2 2011-07-13 
4 'Structure model' 1 3 2012-02-29 
5 'Structure model' 1 4 2023-10-25 
6 'Structure model' 1 5 2024-11-13 
# 
_pdbx_audit_revision_details.ordinal             1 
_pdbx_audit_revision_details.revision_ordinal    1 
_pdbx_audit_revision_details.data_content_type   'Structure model' 
_pdbx_audit_revision_details.provider            repository 
_pdbx_audit_revision_details.type                'Initial release' 
_pdbx_audit_revision_details.description         ? 
_pdbx_audit_revision_details.details             ? 
# 
loop_
_pdbx_audit_revision_group.ordinal 
_pdbx_audit_revision_group.revision_ordinal 
_pdbx_audit_revision_group.data_content_type 
_pdbx_audit_revision_group.group 
1 2 'Structure model' 'Version format compliance' 
2 3 'Structure model' 'Version format compliance' 
3 4 'Structure model' Other                       
4 5 'Structure model' Advisory                    
5 5 'Structure model' 'Data collection'           
6 5 'Structure model' 'Database references'       
7 5 'Structure model' 'Derived calculations'      
8 5 'Structure model' 'Refinement description'    
9 6 'Structure model' 'Structure summary'         
# 
loop_
_pdbx_audit_revision_category.ordinal 
_pdbx_audit_revision_category.revision_ordinal 
_pdbx_audit_revision_category.data_content_type 
_pdbx_audit_revision_category.category 
1  5 'Structure model' chem_comp_atom                
2  5 'Structure model' chem_comp_bond                
3  5 'Structure model' database_2                    
4  5 'Structure model' pdbx_initial_refinement_model 
5  5 'Structure model' pdbx_unobs_or_zero_occ_atoms  
6  5 'Structure model' struct_conn                   
7  5 'Structure model' struct_ref_seq_dif            
8  5 'Structure model' struct_site                   
9  6 'Structure model' pdbx_entry_details            
10 6 'Structure model' pdbx_modification_feature     
# 
loop_
_pdbx_audit_revision_item.ordinal 
_pdbx_audit_revision_item.revision_ordinal 
_pdbx_audit_revision_item.data_content_type 
_pdbx_audit_revision_item.item 
1 5 'Structure model' '_database_2.pdbx_DOI'                
2 5 'Structure model' '_database_2.pdbx_database_accession' 
3 5 'Structure model' '_struct_conn.pdbx_leaving_atom_flag' 
4 5 'Structure model' '_struct_ref_seq_dif.details'         
5 5 'Structure model' '_struct_site.pdbx_auth_asym_id'      
6 5 'Structure model' '_struct_site.pdbx_auth_comp_id'      
7 5 'Structure model' '_struct_site.pdbx_auth_seq_id'       
# 
_pdbx_database_status.status_code                     REL 
_pdbx_database_status.entry_id                        1ZUR 
_pdbx_database_status.recvd_initial_deposition_date   2005-05-31 
_pdbx_database_status.deposit_site                    RCSB 
_pdbx_database_status.process_site                    PDBJ 
_pdbx_database_status.status_code_sf                  REL 
_pdbx_database_status.status_code_mr                  ? 
_pdbx_database_status.SG_entry                        ? 
_pdbx_database_status.status_code_cs                  ? 
_pdbx_database_status.methods_development_category    ? 
_pdbx_database_status.pdb_format_compatible           Y 
_pdbx_database_status.status_code_nmr_data            ? 
# 
loop_
_audit_author.name 
_audit_author.pdbx_ordinal 
'Fleissner, M.R.' 1 
'Cascio, D.'      2 
'Sawaya, M.R.'    3 
'Hideg, K.'       4 
'Hubbell, W.L.'   5 
# 
loop_
_citation.id 
_citation.title 
_citation.journal_abbrev 
_citation.journal_volume 
_citation.page_first 
_citation.page_last 
_citation.year 
_citation.journal_id_ASTM 
_citation.country 
_citation.journal_id_ISSN 
_citation.journal_id_CSD 
_citation.book_publisher 
_citation.pdbx_database_id_PubMed 
_citation.pdbx_database_id_DOI 
primary 'Crystal structure of spin labeled T4 Lysozyme (V131R1F)' 'To be Published' ?  ?    ?    ?    ?      ?  ?         0353 ? ? 
?                 
1       
'Crystal structures of spin labeled T4 lysozyme mutants: implications for the interpretation of EPR spectra in terms of structure' 
Biochemistry      39 8396 8405 2000 BICHAW US 0006-2960 0033 ? 10913245 10.1021/bi000604f 
# 
loop_
_citation_author.citation_id 
_citation_author.name 
_citation_author.ordinal 
_citation_author.identifier_ORCID 
primary 'Fleissner, M.R.' 1 ? 
primary 'Cascio, D.'      2 ? 
primary 'Sawaya, M.R.'    3 ? 
primary 'Hideg, K.'       4 ? 
primary 'Hubbell, W.L.'   5 ? 
1       'Langen, R.'      6 ? 
1       'Oh, K.J.'        7 ? 
1       'Cascio, D.'      8 ? 
1       'Hubbell, W.L.'   9 ? 
# 
loop_
_entity.id 
_entity.type 
_entity.src_method 
_entity.pdbx_description 
_entity.formula_weight 
_entity.pdbx_number_of_molecules 
_entity.pdbx_ec 
_entity.pdbx_mutation 
_entity.pdbx_fragment 
_entity.details 
1 polymer     man Lysozyme                                                                                           18632.375 1   
3.2.1.17 'C54T, C97A, V131C' ? ? 
2 non-polymer syn 'S-[(1-oxyl-2,2,5,5-tetramethyl-4-phenyl-2,5-dihydro-1H-pyrrol-3-yl)methyl] methanesulfonothioate' 340.481   1   
?        ?                   ? ? 
3 non-polymer syn 'CHLORIDE ION'                                                                                     35.453    4   
?        ?                   ? ? 
4 water       nat water                                                                                              18.015    228 
?        ?                   ? ? 
# 
_entity_name_com.entity_id   1 
_entity_name_com.name        'Lysis protein, Muramidase, Endolysin' 
# 
_entity_poly.entity_id                      1 
_entity_poly.type                           'polypeptide(L)' 
_entity_poly.nstd_linkage                   no 
_entity_poly.nstd_monomer                   no 
_entity_poly.pdbx_seq_one_letter_code       
;MNIFEMLRIDEGLRLKIYKDTEGYYTIGIGHLLTKSPSLNAAKSELDKAIGRNTNGVITKDEAEKLFNQDVDAAVRGILR
NAKLKPVYDSLDAVRRAALINMVFQMGETGVAGFTNSLRMLQQKRWDEAACNLAKSRWYNQTPNRAKRVITTFRTGTWDA
YKNL
;
_entity_poly.pdbx_seq_one_letter_code_can   
;MNIFEMLRIDEGLRLKIYKDTEGYYTIGIGHLLTKSPSLNAAKSELDKAIGRNTNGVITKDEAEKLFNQDVDAAVRGILR
NAKLKPVYDSLDAVRRAALINMVFQMGETGVAGFTNSLRMLQQKRWDEAACNLAKSRWYNQTPNRAKRVITTFRTGTWDA
YKNL
;
_entity_poly.pdbx_strand_id                 A 
_entity_poly.pdbx_target_identifier         ? 
# 
loop_
_pdbx_entity_nonpoly.entity_id 
_pdbx_entity_nonpoly.name 
_pdbx_entity_nonpoly.comp_id 
2 'S-[(1-oxyl-2,2,5,5-tetramethyl-4-phenyl-2,5-dihydro-1H-pyrrol-3-yl)methyl] methanesulfonothioate' R1F 
3 'CHLORIDE ION'                                                                                     CL  
4 water                                                                                              HOH 
# 
loop_
_entity_poly_seq.entity_id 
_entity_poly_seq.num 
_entity_poly_seq.mon_id 
_entity_poly_seq.hetero 
1 1   MET n 
1 2   ASN n 
1 3   ILE n 
1 4   PHE n 
1 5   GLU n 
1 6   MET n 
1 7   LEU n 
1 8   ARG n 
1 9   ILE n 
1 10  ASP n 
1 11  GLU n 
1 12  GLY n 
1 13  LEU n 
1 14  ARG n 
1 15  LEU n 
1 16  LYS n 
1 17  ILE n 
1 18  TYR n 
1 19  LYS n 
1 20  ASP n 
1 21  THR n 
1 22  GLU n 
1 23  GLY n 
1 24  TYR n 
1 25  TYR n 
1 26  THR n 
1 27  ILE n 
1 28  GLY n 
1 29  ILE n 
1 30  GLY n 
1 31  HIS n 
1 32  LEU n 
1 33  LEU n 
1 34  THR n 
1 35  LYS n 
1 36  SER n 
1 37  PRO n 
1 38  SER n 
1 39  LEU n 
1 40  ASN n 
1 41  ALA n 
1 42  ALA n 
1 43  LYS n 
1 44  SER n 
1 45  GLU n 
1 46  LEU n 
1 47  ASP n 
1 48  LYS n 
1 49  ALA n 
1 50  ILE n 
1 51  GLY n 
1 52  ARG n 
1 53  ASN n 
1 54  THR n 
1 55  ASN n 
1 56  GLY n 
1 57  VAL n 
1 58  ILE n 
1 59  THR n 
1 60  LYS n 
1 61  ASP n 
1 62  GLU n 
1 63  ALA n 
1 64  GLU n 
1 65  LYS n 
1 66  LEU n 
1 67  PHE n 
1 68  ASN n 
1 69  GLN n 
1 70  ASP n 
1 71  VAL n 
1 72  ASP n 
1 73  ALA n 
1 74  ALA n 
1 75  VAL n 
1 76  ARG n 
1 77  GLY n 
1 78  ILE n 
1 79  LEU n 
1 80  ARG n 
1 81  ASN n 
1 82  ALA n 
1 83  LYS n 
1 84  LEU n 
1 85  LYS n 
1 86  PRO n 
1 87  VAL n 
1 88  TYR n 
1 89  ASP n 
1 90  SER n 
1 91  LEU n 
1 92  ASP n 
1 93  ALA n 
1 94  VAL n 
1 95  ARG n 
1 96  ARG n 
1 97  ALA n 
1 98  ALA n 
1 99  LEU n 
1 100 ILE n 
1 101 ASN n 
1 102 MET n 
1 103 VAL n 
1 104 PHE n 
1 105 GLN n 
1 106 MET n 
1 107 GLY n 
1 108 GLU n 
1 109 THR n 
1 110 GLY n 
1 111 VAL n 
1 112 ALA n 
1 113 GLY n 
1 114 PHE n 
1 115 THR n 
1 116 ASN n 
1 117 SER n 
1 118 LEU n 
1 119 ARG n 
1 120 MET n 
1 121 LEU n 
1 122 GLN n 
1 123 GLN n 
1 124 LYS n 
1 125 ARG n 
1 126 TRP n 
1 127 ASP n 
1 128 GLU n 
1 129 ALA n 
1 130 ALA n 
1 131 CYS n 
1 132 ASN n 
1 133 LEU n 
1 134 ALA n 
1 135 LYS n 
1 136 SER n 
1 137 ARG n 
1 138 TRP n 
1 139 TYR n 
1 140 ASN n 
1 141 GLN n 
1 142 THR n 
1 143 PRO n 
1 144 ASN n 
1 145 ARG n 
1 146 ALA n 
1 147 LYS n 
1 148 ARG n 
1 149 VAL n 
1 150 ILE n 
1 151 THR n 
1 152 THR n 
1 153 PHE n 
1 154 ARG n 
1 155 THR n 
1 156 GLY n 
1 157 THR n 
1 158 TRP n 
1 159 ASP n 
1 160 ALA n 
1 161 TYR n 
1 162 LYS n 
1 163 ASN n 
1 164 LEU n 
# 
_entity_src_gen.entity_id                          1 
_entity_src_gen.pdbx_src_id                        1 
_entity_src_gen.pdbx_alt_source_flag               sample 
_entity_src_gen.pdbx_seq_type                      ? 
_entity_src_gen.pdbx_beg_seq_num                   ? 
_entity_src_gen.pdbx_end_seq_num                   ? 
_entity_src_gen.gene_src_common_name               ? 
_entity_src_gen.gene_src_genus                     'T4-like viruses' 
_entity_src_gen.pdbx_gene_src_gene                 ? 
_entity_src_gen.gene_src_species                   'Enterobacteria phage T4 sensu lato' 
_entity_src_gen.gene_src_strain                    ? 
_entity_src_gen.gene_src_tissue                    ? 
_entity_src_gen.gene_src_tissue_fraction           ? 
_entity_src_gen.gene_src_details                   ? 
_entity_src_gen.pdbx_gene_src_fragment             ? 
_entity_src_gen.pdbx_gene_src_scientific_name      'Enterobacteria phage T4' 
_entity_src_gen.pdbx_gene_src_ncbi_taxonomy_id     10665 
_entity_src_gen.pdbx_gene_src_variant              ? 
_entity_src_gen.pdbx_gene_src_cell_line            ? 
_entity_src_gen.pdbx_gene_src_atcc                 ? 
_entity_src_gen.pdbx_gene_src_organ                ? 
_entity_src_gen.pdbx_gene_src_organelle            ? 
_entity_src_gen.pdbx_gene_src_cell                 ? 
_entity_src_gen.pdbx_gene_src_cellular_location    ? 
_entity_src_gen.host_org_common_name               ? 
_entity_src_gen.pdbx_host_org_scientific_name      'Escherichia coli BL21' 
_entity_src_gen.pdbx_host_org_ncbi_taxonomy_id     511693 
_entity_src_gen.host_org_genus                     Escherichia 
_entity_src_gen.pdbx_host_org_gene                 ? 
_entity_src_gen.pdbx_host_org_organ                ? 
_entity_src_gen.host_org_species                   'Escherichia coli' 
_entity_src_gen.pdbx_host_org_tissue               ? 
_entity_src_gen.pdbx_host_org_tissue_fraction      ? 
_entity_src_gen.pdbx_host_org_strain               BL21 
_entity_src_gen.pdbx_host_org_variant              ? 
_entity_src_gen.pdbx_host_org_cell_line            ? 
_entity_src_gen.pdbx_host_org_atcc                 ? 
_entity_src_gen.pdbx_host_org_culture_collection   ? 
_entity_src_gen.pdbx_host_org_cell                 ? 
_entity_src_gen.pdbx_host_org_organelle            ? 
_entity_src_gen.pdbx_host_org_cellular_location    ? 
_entity_src_gen.pdbx_host_org_vector_type          PLASMID 
_entity_src_gen.pdbx_host_org_vector               ? 
_entity_src_gen.host_org_details                   ? 
_entity_src_gen.expression_system_id               ? 
_entity_src_gen.plasmid_name                       ? 
_entity_src_gen.plasmid_details                    ? 
_entity_src_gen.pdbx_description                   ? 
# 
loop_
_chem_comp.id 
_chem_comp.type 
_chem_comp.mon_nstd_flag 
_chem_comp.name 
_chem_comp.pdbx_synonyms 
_chem_comp.formula 
_chem_comp.formula_weight 
ALA 'L-peptide linking' y ALANINE                                                                                            ? 
'C3 H7 N O2'      89.093  
ARG 'L-peptide linking' y ARGININE                                                                                           ? 
'C6 H15 N4 O2 1'  175.209 
ASN 'L-peptide linking' y ASPARAGINE                                                                                         ? 
'C4 H8 N2 O3'     132.118 
ASP 'L-peptide linking' y 'ASPARTIC ACID'                                                                                    ? 
'C4 H7 N O4'      133.103 
CL  non-polymer         . 'CHLORIDE ION'                                                                                     ? 
'Cl -1'           35.453  
CYS 'L-peptide linking' y CYSTEINE                                                                                           ? 
'C3 H7 N O2 S'    121.158 
GLN 'L-peptide linking' y GLUTAMINE                                                                                          ? 
'C5 H10 N2 O3'    146.144 
GLU 'L-peptide linking' y 'GLUTAMIC ACID'                                                                                    ? 
'C5 H9 N O4'      147.129 
GLY 'peptide linking'   y GLYCINE                                                                                            ? 
'C2 H5 N O2'      75.067  
HIS 'L-peptide linking' y HISTIDINE                                                                                          ? 
'C6 H10 N3 O2 1'  156.162 
HOH non-polymer         . WATER                                                                                              ? 
'H2 O'            18.015  
ILE 'L-peptide linking' y ISOLEUCINE                                                                                         ? 
'C6 H13 N O2'     131.173 
LEU 'L-peptide linking' y LEUCINE                                                                                            ? 
'C6 H13 N O2'     131.173 
LYS 'L-peptide linking' y LYSINE                                                                                             ? 
'C6 H15 N2 O2 1'  147.195 
MET 'L-peptide linking' y METHIONINE                                                                                         ? 
'C5 H11 N O2 S'   149.211 
PHE 'L-peptide linking' y PHENYLALANINE                                                                                      ? 
'C9 H11 N O2'     165.189 
PRO 'L-peptide linking' y PROLINE                                                                                            ? 
'C5 H9 N O2'      115.130 
R1F non-polymer         . 'S-[(1-oxyl-2,2,5,5-tetramethyl-4-phenyl-2,5-dihydro-1H-pyrrol-3-yl)methyl] methanesulfonothioate' ? 
'C16 H22 N O3 S2' 340.481 
SER 'L-peptide linking' y SERINE                                                                                             ? 
'C3 H7 N O3'      105.093 
THR 'L-peptide linking' y THREONINE                                                                                          ? 
'C4 H9 N O3'      119.119 
TRP 'L-peptide linking' y TRYPTOPHAN                                                                                         ? 
'C11 H12 N2 O2'   204.225 
TYR 'L-peptide linking' y TYROSINE                                                                                           ? 
'C9 H11 N O3'     181.189 
VAL 'L-peptide linking' y VALINE                                                                                             ? 
'C5 H11 N O2'     117.146 
# 
loop_
_pdbx_poly_seq_scheme.asym_id 
_pdbx_poly_seq_scheme.entity_id 
_pdbx_poly_seq_scheme.seq_id 
_pdbx_poly_seq_scheme.mon_id 
_pdbx_poly_seq_scheme.ndb_seq_num 
_pdbx_poly_seq_scheme.pdb_seq_num 
_pdbx_poly_seq_scheme.auth_seq_num 
_pdbx_poly_seq_scheme.pdb_mon_id 
_pdbx_poly_seq_scheme.auth_mon_id 
_pdbx_poly_seq_scheme.pdb_strand_id 
_pdbx_poly_seq_scheme.pdb_ins_code 
_pdbx_poly_seq_scheme.hetero 
A 1 1   MET 1   1   1   MET MET A . n 
A 1 2   ASN 2   2   2   ASN ASN A . n 
A 1 3   ILE 3   3   3   ILE ILE A . n 
A 1 4   PHE 4   4   4   PHE PHE A . n 
A 1 5   GLU 5   5   5   GLU GLU A . n 
A 1 6   MET 6   6   6   MET MET A . n 
A 1 7   LEU 7   7   7   LEU LEU A . n 
A 1 8   ARG 8   8   8   ARG ARG A . n 
A 1 9   ILE 9   9   9   ILE ILE A . n 
A 1 10  ASP 10  10  10  ASP ASP A . n 
A 1 11  GLU 11  11  11  GLU GLU A . n 
A 1 12  GLY 12  12  12  GLY GLY A . n 
A 1 13  LEU 13  13  13  LEU LEU A . n 
A 1 14  ARG 14  14  14  ARG ARG A . n 
A 1 15  LEU 15  15  15  LEU LEU A . n 
A 1 16  LYS 16  16  16  LYS LYS A . n 
A 1 17  ILE 17  17  17  ILE ILE A . n 
A 1 18  TYR 18  18  18  TYR TYR A . n 
A 1 19  LYS 19  19  19  LYS LYS A . n 
A 1 20  ASP 20  20  20  ASP ASP A . n 
A 1 21  THR 21  21  21  THR THR A . n 
A 1 22  GLU 22  22  22  GLU GLU A . n 
A 1 23  GLY 23  23  23  GLY GLY A . n 
A 1 24  TYR 24  24  24  TYR TYR A . n 
A 1 25  TYR 25  25  25  TYR TYR A . n 
A 1 26  THR 26  26  26  THR THR A . n 
A 1 27  ILE 27  27  27  ILE ILE A . n 
A 1 28  GLY 28  28  28  GLY GLY A . n 
A 1 29  ILE 29  29  29  ILE ILE A . n 
A 1 30  GLY 30  30  30  GLY GLY A . n 
A 1 31  HIS 31  31  31  HIS HIS A . n 
A 1 32  LEU 32  32  32  LEU LEU A . n 
A 1 33  LEU 33  33  33  LEU LEU A . n 
A 1 34  THR 34  34  34  THR THR A . n 
A 1 35  LYS 35  35  35  LYS LYS A . n 
A 1 36  SER 36  36  36  SER SER A . n 
A 1 37  PRO 37  37  37  PRO PRO A . n 
A 1 38  SER 38  38  38  SER SER A . n 
A 1 39  LEU 39  39  39  LEU LEU A . n 
A 1 40  ASN 40  40  40  ASN ASN A . n 
A 1 41  ALA 41  41  41  ALA ALA A . n 
A 1 42  ALA 42  42  42  ALA ALA A . n 
A 1 43  LYS 43  43  43  LYS LYS A . n 
A 1 44  SER 44  44  44  SER SER A . n 
A 1 45  GLU 45  45  45  GLU GLU A . n 
A 1 46  LEU 46  46  46  LEU LEU A . n 
A 1 47  ASP 47  47  47  ASP ASP A . n 
A 1 48  LYS 48  48  48  LYS LYS A . n 
A 1 49  ALA 49  49  49  ALA ALA A . n 
A 1 50  ILE 50  50  50  ILE ILE A . n 
A 1 51  GLY 51  51  51  GLY GLY A . n 
A 1 52  ARG 52  52  52  ARG ARG A . n 
A 1 53  ASN 53  53  53  ASN ASN A . n 
A 1 54  THR 54  54  54  THR THR A . n 
A 1 55  ASN 55  55  55  ASN ASN A . n 
A 1 56  GLY 56  56  56  GLY GLY A . n 
A 1 57  VAL 57  57  57  VAL VAL A . n 
A 1 58  ILE 58  58  58  ILE ILE A . n 
A 1 59  THR 59  59  59  THR THR A . n 
A 1 60  LYS 60  60  60  LYS LYS A . n 
A 1 61  ASP 61  61  61  ASP ASP A . n 
A 1 62  GLU 62  62  62  GLU GLU A . n 
A 1 63  ALA 63  63  63  ALA ALA A . n 
A 1 64  GLU 64  64  64  GLU GLU A . n 
A 1 65  LYS 65  65  65  LYS LYS A . n 
A 1 66  LEU 66  66  66  LEU LEU A . n 
A 1 67  PHE 67  67  67  PHE PHE A . n 
A 1 68  ASN 68  68  68  ASN ASN A . n 
A 1 69  GLN 69  69  69  GLN GLN A . n 
A 1 70  ASP 70  70  70  ASP ASP A . n 
A 1 71  VAL 71  71  71  VAL VAL A . n 
A 1 72  ASP 72  72  72  ASP ASP A . n 
A 1 73  ALA 73  73  73  ALA ALA A . n 
A 1 74  ALA 74  74  74  ALA ALA A . n 
A 1 75  VAL 75  75  75  VAL VAL A . n 
A 1 76  ARG 76  76  76  ARG ARG A . n 
A 1 77  GLY 77  77  77  GLY GLY A . n 
A 1 78  ILE 78  78  78  ILE ILE A . n 
A 1 79  LEU 79  79  79  LEU LEU A . n 
A 1 80  ARG 80  80  80  ARG ARG A . n 
A 1 81  ASN 81  81  81  ASN ASN A . n 
A 1 82  ALA 82  82  82  ALA ALA A . n 
A 1 83  LYS 83  83  83  LYS LYS A . n 
A 1 84  LEU 84  84  84  LEU LEU A . n 
A 1 85  LYS 85  85  85  LYS LYS A . n 
A 1 86  PRO 86  86  86  PRO PRO A . n 
A 1 87  VAL 87  87  87  VAL VAL A . n 
A 1 88  TYR 88  88  88  TYR TYR A . n 
A 1 89  ASP 89  89  89  ASP ASP A . n 
A 1 90  SER 90  90  90  SER SER A . n 
A 1 91  LEU 91  91  91  LEU LEU A . n 
A 1 92  ASP 92  92  92  ASP ASP A . n 
A 1 93  ALA 93  93  93  ALA ALA A . n 
A 1 94  VAL 94  94  94  VAL VAL A . n 
A 1 95  ARG 95  95  95  ARG ARG A . n 
A 1 96  ARG 96  96  96  ARG ARG A . n 
A 1 97  ALA 97  97  97  ALA ALA A . n 
A 1 98  ALA 98  98  98  ALA ALA A . n 
A 1 99  LEU 99  99  99  LEU LEU A . n 
A 1 100 ILE 100 100 100 ILE ILE A . n 
A 1 101 ASN 101 101 101 ASN ASN A . n 
A 1 102 MET 102 102 102 MET MET A . n 
A 1 103 VAL 103 103 103 VAL VAL A . n 
A 1 104 PHE 104 104 104 PHE PHE A . n 
A 1 105 GLN 105 105 105 GLN GLN A . n 
A 1 106 MET 106 106 106 MET MET A . n 
A 1 107 GLY 107 107 107 GLY GLY A . n 
A 1 108 GLU 108 108 108 GLU GLU A . n 
A 1 109 THR 109 109 109 THR THR A . n 
A 1 110 GLY 110 110 110 GLY GLY A . n 
A 1 111 VAL 111 111 111 VAL VAL A . n 
A 1 112 ALA 112 112 112 ALA ALA A . n 
A 1 113 GLY 113 113 113 GLY GLY A . n 
A 1 114 PHE 114 114 114 PHE PHE A . n 
A 1 115 THR 115 115 115 THR THR A . n 
A 1 116 ASN 116 116 116 ASN ASN A . n 
A 1 117 SER 117 117 117 SER SER A . n 
A 1 118 LEU 118 118 118 LEU LEU A . n 
A 1 119 ARG 119 119 119 ARG ARG A . n 
A 1 120 MET 120 120 120 MET MET A . n 
A 1 121 LEU 121 121 121 LEU LEU A . n 
A 1 122 GLN 122 122 122 GLN GLN A . n 
A 1 123 GLN 123 123 123 GLN GLN A . n 
A 1 124 LYS 124 124 124 LYS LYS A . n 
A 1 125 ARG 125 125 125 ARG ARG A . n 
A 1 126 TRP 126 126 126 TRP TRP A . n 
A 1 127 ASP 127 127 127 ASP ASP A . n 
A 1 128 GLU 128 128 128 GLU GLU A . n 
A 1 129 ALA 129 129 129 ALA ALA A . n 
A 1 130 ALA 130 130 130 ALA ALA A . n 
A 1 131 CYS 131 131 131 CYS R1F A . n 
A 1 132 ASN 132 132 132 ASN ASN A . n 
A 1 133 LEU 133 133 133 LEU LEU A . n 
A 1 134 ALA 134 134 134 ALA ALA A . n 
A 1 135 LYS 135 135 135 LYS LYS A . n 
A 1 136 SER 136 136 136 SER SER A . n 
A 1 137 ARG 137 137 137 ARG ARG A . n 
A 1 138 TRP 138 138 138 TRP TRP A . n 
A 1 139 TYR 139 139 139 TYR TYR A . n 
A 1 140 ASN 140 140 140 ASN ASN A . n 
A 1 141 GLN 141 141 141 GLN GLN A . n 
A 1 142 THR 142 142 142 THR THR A . n 
A 1 143 PRO 143 143 143 PRO PRO A . n 
A 1 144 ASN 144 144 144 ASN ASN A . n 
A 1 145 ARG 145 145 145 ARG ARG A . n 
A 1 146 ALA 146 146 146 ALA ALA A . n 
A 1 147 LYS 147 147 147 LYS LYS A . n 
A 1 148 ARG 148 148 148 ARG ARG A . n 
A 1 149 VAL 149 149 149 VAL VAL A . n 
A 1 150 ILE 150 150 150 ILE ILE A . n 
A 1 151 THR 151 151 151 THR THR A . n 
A 1 152 THR 152 152 152 THR THR A . n 
A 1 153 PHE 153 153 153 PHE PHE A . n 
A 1 154 ARG 154 154 154 ARG ARG A . n 
A 1 155 THR 155 155 155 THR THR A . n 
A 1 156 GLY 156 156 156 GLY GLY A . n 
A 1 157 THR 157 157 157 THR THR A . n 
A 1 158 TRP 158 158 158 TRP TRP A . n 
A 1 159 ASP 159 159 159 ASP ASP A . n 
A 1 160 ALA 160 160 160 ALA ALA A . n 
A 1 161 TYR 161 161 161 TYR TYR A . n 
A 1 162 LYS 162 162 162 LYS LYS A . n 
A 1 163 ASN 163 163 163 ASN ASN A . n 
A 1 164 LEU 164 164 164 LEU LEU A . n 
# 
loop_
_pdbx_nonpoly_scheme.asym_id 
_pdbx_nonpoly_scheme.entity_id 
_pdbx_nonpoly_scheme.mon_id 
_pdbx_nonpoly_scheme.ndb_seq_num 
_pdbx_nonpoly_scheme.pdb_seq_num 
_pdbx_nonpoly_scheme.auth_seq_num 
_pdbx_nonpoly_scheme.pdb_mon_id 
_pdbx_nonpoly_scheme.auth_mon_id 
_pdbx_nonpoly_scheme.pdb_strand_id 
_pdbx_nonpoly_scheme.pdb_ins_code 
B 2 R1F 1   1131 131 R1F R1F A . 
C 3 CL  1   200  200 CL  CL  A . 
D 3 CL  1   201  201 CL  CL  A . 
E 3 CL  1   202  202 CL  CL  A . 
F 3 CL  1   203  203 CL  CL  A . 
G 4 HOH 1   204  204 HOH HOH A . 
G 4 HOH 2   205  205 HOH HOH A . 
G 4 HOH 3   206  206 HOH HOH A . 
G 4 HOH 4   207  207 HOH HOH A . 
G 4 HOH 5   208  208 HOH HOH A . 
G 4 HOH 6   209  209 HOH HOH A . 
G 4 HOH 7   210  210 HOH HOH A . 
G 4 HOH 8   211  211 HOH HOH A . 
G 4 HOH 9   212  212 HOH HOH A . 
G 4 HOH 10  213  213 HOH HOH A . 
G 4 HOH 11  214  214 HOH HOH A . 
G 4 HOH 12  215  215 HOH HOH A . 
G 4 HOH 13  216  216 HOH HOH A . 
G 4 HOH 14  217  217 HOH HOH A . 
G 4 HOH 15  218  218 HOH HOH A . 
G 4 HOH 16  219  219 HOH HOH A . 
G 4 HOH 17  220  220 HOH HOH A . 
G 4 HOH 18  221  221 HOH HOH A . 
G 4 HOH 19  222  222 HOH HOH A . 
G 4 HOH 20  223  223 HOH HOH A . 
G 4 HOH 21  224  224 HOH HOH A . 
G 4 HOH 22  225  225 HOH HOH A . 
G 4 HOH 23  226  226 HOH HOH A . 
G 4 HOH 24  227  227 HOH HOH A . 
G 4 HOH 25  228  228 HOH HOH A . 
G 4 HOH 26  229  229 HOH HOH A . 
G 4 HOH 27  230  230 HOH HOH A . 
G 4 HOH 28  231  231 HOH HOH A . 
G 4 HOH 29  232  232 HOH HOH A . 
G 4 HOH 30  233  233 HOH HOH A . 
G 4 HOH 31  234  234 HOH HOH A . 
G 4 HOH 32  235  235 HOH HOH A . 
G 4 HOH 33  236  236 HOH HOH A . 
G 4 HOH 34  237  237 HOH HOH A . 
G 4 HOH 35  238  238 HOH HOH A . 
G 4 HOH 36  239  239 HOH HOH A . 
G 4 HOH 37  240  240 HOH HOH A . 
G 4 HOH 38  241  241 HOH HOH A . 
G 4 HOH 39  242  242 HOH HOH A . 
G 4 HOH 40  243  243 HOH HOH A . 
G 4 HOH 41  244  244 HOH HOH A . 
G 4 HOH 42  245  245 HOH HOH A . 
G 4 HOH 43  246  246 HOH HOH A . 
G 4 HOH 44  247  247 HOH HOH A . 
G 4 HOH 45  248  248 HOH HOH A . 
G 4 HOH 46  249  249 HOH HOH A . 
G 4 HOH 47  250  250 HOH HOH A . 
G 4 HOH 48  251  251 HOH HOH A . 
G 4 HOH 49  252  252 HOH HOH A . 
G 4 HOH 50  253  253 HOH HOH A . 
G 4 HOH 51  254  254 HOH HOH A . 
G 4 HOH 52  255  255 HOH HOH A . 
G 4 HOH 53  256  256 HOH HOH A . 
G 4 HOH 54  257  257 HOH HOH A . 
G 4 HOH 55  259  259 HOH HOH A . 
G 4 HOH 56  260  260 HOH HOH A . 
G 4 HOH 57  261  261 HOH HOH A . 
G 4 HOH 58  262  262 HOH HOH A . 
G 4 HOH 59  263  263 HOH HOH A . 
G 4 HOH 60  264  264 HOH HOH A . 
G 4 HOH 61  265  265 HOH HOH A . 
G 4 HOH 62  266  266 HOH HOH A . 
G 4 HOH 63  267  267 HOH HOH A . 
G 4 HOH 64  268  268 HOH HOH A . 
G 4 HOH 65  269  269 HOH HOH A . 
G 4 HOH 66  270  270 HOH HOH A . 
G 4 HOH 67  271  271 HOH HOH A . 
G 4 HOH 68  272  272 HOH HOH A . 
G 4 HOH 69  273  273 HOH HOH A . 
G 4 HOH 70  274  274 HOH HOH A . 
G 4 HOH 71  275  275 HOH HOH A . 
G 4 HOH 72  276  276 HOH HOH A . 
G 4 HOH 73  277  277 HOH HOH A . 
G 4 HOH 74  278  278 HOH HOH A . 
G 4 HOH 75  279  279 HOH HOH A . 
G 4 HOH 76  280  280 HOH HOH A . 
G 4 HOH 77  281  281 HOH HOH A . 
G 4 HOH 78  282  282 HOH HOH A . 
G 4 HOH 79  283  283 HOH HOH A . 
G 4 HOH 80  284  284 HOH HOH A . 
G 4 HOH 81  285  285 HOH HOH A . 
G 4 HOH 82  286  286 HOH HOH A . 
G 4 HOH 83  287  287 HOH HOH A . 
G 4 HOH 84  288  288 HOH HOH A . 
G 4 HOH 85  289  289 HOH HOH A . 
G 4 HOH 86  290  290 HOH HOH A . 
G 4 HOH 87  291  291 HOH HOH A . 
G 4 HOH 88  292  292 HOH HOH A . 
G 4 HOH 89  293  293 HOH HOH A . 
G 4 HOH 90  294  294 HOH HOH A . 
G 4 HOH 91  295  295 HOH HOH A . 
G 4 HOH 92  296  296 HOH HOH A . 
G 4 HOH 93  297  297 HOH HOH A . 
G 4 HOH 94  298  298 HOH HOH A . 
G 4 HOH 95  299  299 HOH HOH A . 
G 4 HOH 96  300  300 HOH HOH A . 
G 4 HOH 97  301  301 HOH HOH A . 
G 4 HOH 98  302  302 HOH HOH A . 
G 4 HOH 99  303  303 HOH HOH A . 
G 4 HOH 100 304  304 HOH HOH A . 
G 4 HOH 101 305  305 HOH HOH A . 
G 4 HOH 102 306  306 HOH HOH A . 
G 4 HOH 103 307  307 HOH HOH A . 
G 4 HOH 104 308  308 HOH HOH A . 
G 4 HOH 105 309  309 HOH HOH A . 
G 4 HOH 106 310  310 HOH HOH A . 
G 4 HOH 107 311  311 HOH HOH A . 
G 4 HOH 108 312  312 HOH HOH A . 
G 4 HOH 109 313  313 HOH HOH A . 
G 4 HOH 110 314  314 HOH HOH A . 
G 4 HOH 111 315  315 HOH HOH A . 
G 4 HOH 112 316  316 HOH HOH A . 
G 4 HOH 113 317  317 HOH HOH A . 
G 4 HOH 114 318  318 HOH HOH A . 
G 4 HOH 115 319  319 HOH HOH A . 
G 4 HOH 116 320  320 HOH HOH A . 
G 4 HOH 117 321  321 HOH HOH A . 
G 4 HOH 118 322  322 HOH HOH A . 
G 4 HOH 119 323  323 HOH HOH A . 
G 4 HOH 120 324  324 HOH HOH A . 
G 4 HOH 121 325  325 HOH HOH A . 
G 4 HOH 122 326  326 HOH HOH A . 
G 4 HOH 123 327  327 HOH HOH A . 
G 4 HOH 124 328  328 HOH HOH A . 
G 4 HOH 125 329  329 HOH HOH A . 
G 4 HOH 126 330  330 HOH HOH A . 
G 4 HOH 127 331  331 HOH HOH A . 
G 4 HOH 128 332  332 HOH HOH A . 
G 4 HOH 129 333  333 HOH HOH A . 
G 4 HOH 130 334  334 HOH HOH A . 
G 4 HOH 131 335  335 HOH HOH A . 
G 4 HOH 132 336  336 HOH HOH A . 
G 4 HOH 133 337  337 HOH HOH A . 
G 4 HOH 134 338  338 HOH HOH A . 
G 4 HOH 135 339  339 HOH HOH A . 
G 4 HOH 136 340  340 HOH HOH A . 
G 4 HOH 137 341  341 HOH HOH A . 
G 4 HOH 138 342  342 HOH HOH A . 
G 4 HOH 139 343  343 HOH HOH A . 
G 4 HOH 140 344  344 HOH HOH A . 
G 4 HOH 141 345  345 HOH HOH A . 
G 4 HOH 142 346  346 HOH HOH A . 
G 4 HOH 143 347  347 HOH HOH A . 
G 4 HOH 144 348  348 HOH HOH A . 
G 4 HOH 145 349  349 HOH HOH A . 
G 4 HOH 146 350  350 HOH HOH A . 
G 4 HOH 147 351  351 HOH HOH A . 
G 4 HOH 148 352  352 HOH HOH A . 
G 4 HOH 149 353  353 HOH HOH A . 
G 4 HOH 150 354  354 HOH HOH A . 
G 4 HOH 151 355  355 HOH HOH A . 
G 4 HOH 152 356  356 HOH HOH A . 
G 4 HOH 153 357  357 HOH HOH A . 
G 4 HOH 154 358  358 HOH HOH A . 
G 4 HOH 155 359  359 HOH HOH A . 
G 4 HOH 156 360  360 HOH HOH A . 
G 4 HOH 157 361  361 HOH HOH A . 
G 4 HOH 158 362  362 HOH HOH A . 
G 4 HOH 159 363  363 HOH HOH A . 
G 4 HOH 160 364  364 HOH HOH A . 
G 4 HOH 161 365  365 HOH HOH A . 
G 4 HOH 162 366  366 HOH HOH A . 
G 4 HOH 163 367  367 HOH HOH A . 
G 4 HOH 164 368  368 HOH HOH A . 
G 4 HOH 165 369  369 HOH HOH A . 
G 4 HOH 166 370  370 HOH HOH A . 
G 4 HOH 167 371  371 HOH HOH A . 
G 4 HOH 168 372  372 HOH HOH A . 
G 4 HOH 169 373  373 HOH HOH A . 
G 4 HOH 170 374  374 HOH HOH A . 
G 4 HOH 171 375  375 HOH HOH A . 
G 4 HOH 172 376  376 HOH HOH A . 
G 4 HOH 173 377  377 HOH HOH A . 
G 4 HOH 174 378  378 HOH HOH A . 
G 4 HOH 175 379  379 HOH HOH A . 
G 4 HOH 176 380  380 HOH HOH A . 
G 4 HOH 177 381  381 HOH HOH A . 
G 4 HOH 178 382  382 HOH HOH A . 
G 4 HOH 179 383  383 HOH HOH A . 
G 4 HOH 180 384  384 HOH HOH A . 
G 4 HOH 181 385  385 HOH HOH A . 
G 4 HOH 182 386  386 HOH HOH A . 
G 4 HOH 183 387  387 HOH HOH A . 
G 4 HOH 184 388  388 HOH HOH A . 
G 4 HOH 185 389  389 HOH HOH A . 
G 4 HOH 186 390  390 HOH HOH A . 
G 4 HOH 187 391  391 HOH HOH A . 
G 4 HOH 188 392  392 HOH HOH A . 
G 4 HOH 189 393  393 HOH HOH A . 
G 4 HOH 190 394  394 HOH HOH A . 
G 4 HOH 191 395  395 HOH HOH A . 
G 4 HOH 192 396  396 HOH HOH A . 
G 4 HOH 193 397  397 HOH HOH A . 
G 4 HOH 194 398  398 HOH HOH A . 
G 4 HOH 195 399  399 HOH HOH A . 
G 4 HOH 196 400  400 HOH HOH A . 
G 4 HOH 197 401  401 HOH HOH A . 
G 4 HOH 198 402  402 HOH HOH A . 
G 4 HOH 199 403  403 HOH HOH A . 
G 4 HOH 200 404  404 HOH HOH A . 
G 4 HOH 201 405  405 HOH HOH A . 
G 4 HOH 202 406  406 HOH HOH A . 
G 4 HOH 203 407  407 HOH HOH A . 
G 4 HOH 204 408  408 HOH HOH A . 
G 4 HOH 205 409  409 HOH HOH A . 
G 4 HOH 206 410  410 HOH HOH A . 
G 4 HOH 207 411  411 HOH HOH A . 
G 4 HOH 208 412  412 HOH HOH A . 
G 4 HOH 209 413  413 HOH HOH A . 
G 4 HOH 210 414  414 HOH HOH A . 
G 4 HOH 211 415  415 HOH HOH A . 
G 4 HOH 212 416  416 HOH HOH A . 
G 4 HOH 213 417  417 HOH HOH A . 
G 4 HOH 214 418  418 HOH HOH A . 
G 4 HOH 215 419  419 HOH HOH A . 
G 4 HOH 216 420  420 HOH HOH A . 
G 4 HOH 217 421  421 HOH HOH A . 
G 4 HOH 218 422  422 HOH HOH A . 
G 4 HOH 219 423  423 HOH HOH A . 
G 4 HOH 220 424  424 HOH HOH A . 
G 4 HOH 221 425  425 HOH HOH A . 
G 4 HOH 222 426  426 HOH HOH A . 
G 4 HOH 223 427  427 HOH HOH A . 
G 4 HOH 224 428  428 HOH HOH A . 
G 4 HOH 225 429  429 HOH HOH A . 
G 4 HOH 226 430  430 HOH HOH A . 
G 4 HOH 227 431  431 HOH HOH A . 
G 4 HOH 228 432  432 HOH HOH A . 
# 
loop_
_software.name 
_software.classification 
_software.version 
_software.citation_id 
_software.pdbx_ordinal 
REFMAC    refinement       5.2.0005 ? 1 
DENZO     'data reduction' .        ? 2 
SCALEPACK 'data scaling'   .        ? 3 
PHASER    phasing          .        ? 4 
# 
_cell.entry_id           1ZUR 
_cell.length_a           60.059 
_cell.length_b           60.059 
_cell.length_c           96.082 
_cell.angle_alpha        90.00 
_cell.angle_beta         90.00 
_cell.angle_gamma        120.00 
_cell.Z_PDB              6 
_cell.pdbx_unique_axis   ? 
_cell.length_a_esd       ? 
_cell.length_b_esd       ? 
_cell.length_c_esd       ? 
_cell.angle_alpha_esd    ? 
_cell.angle_beta_esd     ? 
_cell.angle_gamma_esd    ? 
# 
_symmetry.entry_id                         1ZUR 
_symmetry.space_group_name_H-M             'P 32 2 1' 
_symmetry.pdbx_full_space_group_name_H-M   ? 
_symmetry.cell_setting                     ? 
_symmetry.Int_Tables_number                154 
_symmetry.space_group_name_Hall            ? 
# 
_exptl.entry_id          1ZUR 
_exptl.method            'X-RAY DIFFRACTION' 
_exptl.crystals_number   1 
# 
_exptl_crystal.id                    1 
_exptl_crystal.density_meas          ? 
_exptl_crystal.density_Matthews      2.68 
_exptl_crystal.density_percent_sol   54.19 
_exptl_crystal.description           ? 
_exptl_crystal.F_000                 ? 
_exptl_crystal.preparation           ? 
# 
_exptl_crystal_grow.crystal_id      1 
_exptl_crystal_grow.method          'VAPOR DIFFUSION, HANGING DROP' 
_exptl_crystal_grow.temp            293 
_exptl_crystal_grow.temp_details    ? 
_exptl_crystal_grow.pH              6.8 
_exptl_crystal_grow.pdbx_details    
;potassium phosphate, sodium phospahte, sodium choloride, sodium azide, oxidized beta-mercaptoehtanol, isopropanol, pH 6.8, VAPOR DIFFUSION, HANGING DROP, temperature 293K
;
_exptl_crystal_grow.pdbx_pH_range   . 
# 
_diffrn.id                     1 
_diffrn.ambient_temp           100 
_diffrn.ambient_temp_details   ? 
_diffrn.crystal_id             1 
# 
_diffrn_detector.diffrn_id              1 
_diffrn_detector.detector               CCD 
_diffrn_detector.type                   'ADSC QUANTUM 4' 
_diffrn_detector.pdbx_collection_date   2002-02-11 
_diffrn_detector.details                ? 
# 
_diffrn_radiation.diffrn_id                        1 
_diffrn_radiation.wavelength_id                    1 
_diffrn_radiation.pdbx_monochromatic_or_laue_m_l   M 
_diffrn_radiation.monochromator                    'SAGITALLY FOCUSED Si(111)' 
_diffrn_radiation.pdbx_diffrn_protocol             'SINGLE WAVELENGTH' 
_diffrn_radiation.pdbx_scattering_type             x-ray 
# 
_diffrn_radiation_wavelength.id           1 
_diffrn_radiation_wavelength.wavelength   0.9780 
_diffrn_radiation_wavelength.wt           1.0 
# 
_diffrn_source.diffrn_id                   1 
_diffrn_source.source                      SYNCHROTRON 
_diffrn_source.type                        'NSLS BEAMLINE X8C' 
_diffrn_source.pdbx_synchrotron_site       NSLS 
_diffrn_source.pdbx_synchrotron_beamline   X8C 
_diffrn_source.pdbx_wavelength             ? 
_diffrn_source.pdbx_wavelength_list        0.9780 
# 
_reflns.entry_id                     1ZUR 
_reflns.observed_criterion_sigma_F   -3.0 
_reflns.observed_criterion_sigma_I   -3.0 
_reflns.d_resolution_high            1.60 
_reflns.d_resolution_low             100.0 
_reflns.number_all                   27100 
_reflns.number_obs                   25979 
_reflns.percent_possible_obs         96.0 
_reflns.pdbx_Rmerge_I_obs            ? 
_reflns.pdbx_Rsym_value              0.134 
_reflns.pdbx_netI_over_sigmaI        17.2 
_reflns.B_iso_Wilson_estimate        24.0 
_reflns.pdbx_redundancy              11.9 
_reflns.R_free_details               ? 
_reflns.limit_h_max                  ? 
_reflns.limit_h_min                  ? 
_reflns.limit_k_max                  ? 
_reflns.limit_k_min                  ? 
_reflns.limit_l_max                  ? 
_reflns.limit_l_min                  ? 
_reflns.observed_criterion_F_max     ? 
_reflns.observed_criterion_F_min     ? 
_reflns.pdbx_chi_squared             ? 
_reflns.pdbx_scaling_rejects         ? 
_reflns.pdbx_ordinal                 1 
_reflns.pdbx_diffrn_id               1 
# 
_reflns_shell.d_res_high             1.60 
_reflns_shell.d_res_low              1.66 
_reflns_shell.percent_possible_all   96.9 
_reflns_shell.Rmerge_I_obs           ? 
_reflns_shell.pdbx_Rsym_value        0.458 
_reflns_shell.meanI_over_sigI_obs    4.6 
_reflns_shell.pdbx_redundancy        ? 
_reflns_shell.percent_possible_obs   ? 
_reflns_shell.number_unique_all      2571 
_reflns_shell.number_measured_all    ? 
_reflns_shell.number_measured_obs    ? 
_reflns_shell.number_unique_obs      ? 
_reflns_shell.pdbx_chi_squared       ? 
_reflns_shell.pdbx_ordinal           1 
_reflns_shell.pdbx_diffrn_id         1 
# 
_refine.entry_id                                 1ZUR 
_refine.ls_number_reflns_obs                     24662 
_refine.ls_number_reflns_all                     24662 
_refine.pdbx_ls_sigma_I                          ? 
_refine.pdbx_ls_sigma_F                          0 
_refine.pdbx_data_cutoff_high_absF               ? 
_refine.pdbx_data_cutoff_low_absF                ? 
_refine.pdbx_data_cutoff_high_rms_absF           ? 
_refine.ls_d_res_low                             51.99 
_refine.ls_d_res_high                            1.60 
_refine.ls_percent_reflns_obs                    95.94 
_refine.ls_R_factor_obs                          0.19068 
_refine.ls_R_factor_all                          0.19068 
_refine.ls_R_factor_R_work                       0.18944 
_refine.ls_R_factor_R_free                       0.21404 
_refine.ls_R_factor_R_free_error                 ? 
_refine.ls_R_factor_R_free_error_details         ? 
_refine.ls_percent_reflns_R_free                 5.1 
_refine.ls_number_reflns_R_free                  1317 
_refine.ls_number_parameters                     ? 
_refine.ls_number_restraints                     ? 
_refine.occupancy_min                            ? 
_refine.occupancy_max                            ? 
_refine.correlation_coeff_Fo_to_Fc               0.949 
_refine.correlation_coeff_Fo_to_Fc_free          0.938 
_refine.B_iso_mean                               15.981 
_refine.aniso_B[1][1]                            0.25 
_refine.aniso_B[2][2]                            0.25 
_refine.aniso_B[3][3]                            -0.37 
_refine.aniso_B[1][2]                            0.12 
_refine.aniso_B[1][3]                            0.00 
_refine.aniso_B[2][3]                            0.00 
_refine.solvent_model_details                    MASK 
_refine.solvent_model_param_ksol                 ? 
_refine.solvent_model_param_bsol                 ? 
_refine.pdbx_solvent_vdw_probe_radii             1.20 
_refine.pdbx_solvent_ion_probe_radii             0.80 
_refine.pdbx_solvent_shrinkage_radii             0.80 
_refine.pdbx_ls_cross_valid_method               THROUGHOUT 
_refine.details                                  'HYDROGENS HAVE BEEN ADDED IN THE RIDING POSITIONS' 
_refine.pdbx_starting_model                      'PDB ENTRY 1C6T' 
_refine.pdbx_method_to_determine_struct          'MOLECULAR REPLACEMENT' 
_refine.pdbx_isotropic_thermal_model             ? 
_refine.pdbx_stereochemistry_target_values       'MAXIMUM LIKELIHOOD' 
_refine.pdbx_stereochem_target_val_spec_case     ? 
_refine.pdbx_R_Free_selection_details            RANDOM 
_refine.pdbx_overall_ESU_R                       0.092 
_refine.pdbx_overall_ESU_R_Free                  0.089 
_refine.overall_SU_ML                            0.050 
_refine.overall_SU_B                             1.372 
_refine.ls_redundancy_reflns_obs                 ? 
_refine.B_iso_min                                ? 
_refine.B_iso_max                                ? 
_refine.overall_SU_R_Cruickshank_DPI             ? 
_refine.overall_SU_R_free                        ? 
_refine.ls_wR_factor_R_free                      ? 
_refine.ls_wR_factor_R_work                      ? 
_refine.overall_FOM_free_R_set                   ? 
_refine.overall_FOM_work_R_set                   ? 
_refine.pdbx_refine_id                           'X-RAY DIFFRACTION' 
_refine.pdbx_diffrn_id                           1 
_refine.pdbx_overall_phase_error                 ? 
_refine.pdbx_TLS_residual_ADP_flag               ? 
_refine.pdbx_overall_SU_R_free_Cruickshank_DPI   ? 
_refine.pdbx_overall_SU_R_Blow_DPI               ? 
_refine.pdbx_overall_SU_R_free_Blow_DPI          ? 
# 
_refine_analyze.entry_id                        1ZUR 
_refine_analyze.Luzzati_coordinate_error_obs    0.092 
_refine_analyze.Luzzati_sigma_a_obs             ? 
_refine_analyze.Luzzati_d_res_low_obs           51.99 
_refine_analyze.Luzzati_coordinate_error_free   0.089 
_refine_analyze.Luzzati_sigma_a_free            ? 
_refine_analyze.Luzzati_d_res_low_free          ? 
_refine_analyze.number_disordered_residues      ? 
_refine_analyze.occupancy_sum_non_hydrogen      ? 
_refine_analyze.occupancy_sum_hydrogen          ? 
_refine_analyze.pdbx_Luzzati_d_res_high_obs     ? 
_refine_analyze.pdbx_refine_id                  'X-RAY DIFFRACTION' 
# 
_refine_hist.pdbx_refine_id                   'X-RAY DIFFRACTION' 
_refine_hist.cycle_id                         LAST 
_refine_hist.pdbx_number_atoms_protein        1308 
_refine_hist.pdbx_number_atoms_nucleic_acid   0 
_refine_hist.pdbx_number_atoms_ligand         22 
_refine_hist.number_atoms_solvent             228 
_refine_hist.number_atoms_total               1558 
_refine_hist.d_res_high                       1.60 
_refine_hist.d_res_low                        51.99 
# 
loop_
_refine_ls_restr.type 
_refine_ls_restr.dev_ideal 
_refine_ls_restr.dev_ideal_target 
_refine_ls_restr.weight 
_refine_ls_restr.number 
_refine_ls_restr.pdbx_refine_id 
_refine_ls_restr.pdbx_restraint_function 
r_bond_refined_d             0.008  0.022  ? 1370 'X-RAY DIFFRACTION' ? 
r_bond_other_d               ?      ?      ? ?    'X-RAY DIFFRACTION' ? 
r_angle_refined_deg          1.542  1.974  ? 1853 'X-RAY DIFFRACTION' ? 
r_angle_other_deg            ?      ?      ? ?    'X-RAY DIFFRACTION' ? 
r_dihedral_angle_1_deg       3.337  5.000  ? 167  'X-RAY DIFFRACTION' ? 
r_dihedral_angle_2_deg       32.838 23.692 ? 65   'X-RAY DIFFRACTION' ? 
r_dihedral_angle_3_deg       10.043 15.000 ? 253  'X-RAY DIFFRACTION' ? 
r_dihedral_angle_4_deg       13.174 15.000 ? 13   'X-RAY DIFFRACTION' ? 
r_chiral_restr               0.078  0.200  ? 203  'X-RAY DIFFRACTION' ? 
r_gen_planes_refined         0.003  0.020  ? 1035 'X-RAY DIFFRACTION' ? 
r_gen_planes_other           ?      ?      ? ?    'X-RAY DIFFRACTION' ? 
r_nbd_refined                0.183  0.200  ? 666  'X-RAY DIFFRACTION' ? 
r_nbd_other                  ?      ?      ? ?    'X-RAY DIFFRACTION' ? 
r_nbtor_refined              0.290  0.200  ? 963  'X-RAY DIFFRACTION' ? 
r_nbtor_other                ?      ?      ? ?    'X-RAY DIFFRACTION' ? 
r_xyhbond_nbd_refined        0.092  0.200  ? 163  'X-RAY DIFFRACTION' ? 
r_xyhbond_nbd_other          ?      ?      ? ?    'X-RAY DIFFRACTION' ? 
r_metal_ion_refined          ?      ?      ? ?    'X-RAY DIFFRACTION' ? 
r_metal_ion_other            ?      ?      ? ?    'X-RAY DIFFRACTION' ? 
r_symmetry_vdw_refined       0.144  0.200  ? 38   'X-RAY DIFFRACTION' ? 
r_symmetry_vdw_other         ?      ?      ? ?    'X-RAY DIFFRACTION' ? 
r_symmetry_hbond_refined     0.143  0.200  ? 34   'X-RAY DIFFRACTION' ? 
r_symmetry_hbond_other       ?      ?      ? ?    'X-RAY DIFFRACTION' ? 
r_symmetry_metal_ion_refined ?      ?      ? ?    'X-RAY DIFFRACTION' ? 
r_symmetry_metal_ion_other   ?      ?      ? ?    'X-RAY DIFFRACTION' ? 
r_mcbond_it                  0.419  1.500  ? 852  'X-RAY DIFFRACTION' ? 
r_mcbond_other               ?      ?      ? ?    'X-RAY DIFFRACTION' ? 
r_mcangle_it                 0.734  2.000  ? 1325 'X-RAY DIFFRACTION' ? 
r_scbond_it                  1.313  3.000  ? 593  'X-RAY DIFFRACTION' ? 
r_scangle_it                 1.984  4.500  ? 528  'X-RAY DIFFRACTION' ? 
r_rigid_bond_restr           ?      ?      ? ?    'X-RAY DIFFRACTION' ? 
r_sphericity_free            ?      ?      ? ?    'X-RAY DIFFRACTION' ? 
r_sphericity_bonded          ?      ?      ? ?    'X-RAY DIFFRACTION' ? 
# 
_refine_ls_shell.pdbx_total_number_of_bins_used   20 
_refine_ls_shell.d_res_high                       1.600 
_refine_ls_shell.d_res_low                        1.642 
_refine_ls_shell.number_reflns_R_work             1795 
_refine_ls_shell.R_factor_R_work                  0.208 
_refine_ls_shell.percent_reflns_obs               96.58 
_refine_ls_shell.R_factor_R_free                  0.244 
_refine_ls_shell.R_factor_R_free_error            ? 
_refine_ls_shell.percent_reflns_R_free            ? 
_refine_ls_shell.number_reflns_R_free             95 
_refine_ls_shell.number_reflns_obs                1795 
_refine_ls_shell.redundancy_reflns_obs            ? 
_refine_ls_shell.number_reflns_all                ? 
_refine_ls_shell.R_factor_all                     ? 
_refine_ls_shell.pdbx_refine_id                   'X-RAY DIFFRACTION' 
# 
_struct.entry_id                  1ZUR 
_struct.title                     'Crystal structure of spin labeled T4 Lysozyme (V131R1F)' 
_struct.pdbx_model_details        ? 
_struct.pdbx_CASP_flag            ? 
_struct.pdbx_model_type_details   ? 
# 
_struct_keywords.entry_id        1ZUR 
_struct_keywords.pdbx_keywords   HYDROLASE 
_struct_keywords.text            'NITROXIDE SPIN LABEL, EPR, MODIFIED CYSTEINE, Hydrolase' 
# 
loop_
_struct_asym.id 
_struct_asym.pdbx_blank_PDB_chainid_flag 
_struct_asym.pdbx_modified 
_struct_asym.entity_id 
_struct_asym.details 
A N N 1 ? 
B N N 2 ? 
C N N 3 ? 
D N N 3 ? 
E N N 3 ? 
F N N 3 ? 
G N N 4 ? 
# 
_struct_ref.id                         1 
_struct_ref.db_name                    UNP 
_struct_ref.db_code                    LYS_BPT4 
_struct_ref.pdbx_db_accession          P00720 
_struct_ref.entity_id                  1 
_struct_ref.pdbx_align_begin           1 
_struct_ref.pdbx_seq_one_letter_code   ? 
_struct_ref.pdbx_db_isoform            ? 
# 
_struct_ref_seq.align_id                      1 
_struct_ref_seq.ref_id                        1 
_struct_ref_seq.pdbx_PDB_id_code              1ZUR 
_struct_ref_seq.pdbx_strand_id                A 
_struct_ref_seq.seq_align_beg                 1 
_struct_ref_seq.pdbx_seq_align_beg_ins_code   ? 
_struct_ref_seq.seq_align_end                 164 
_struct_ref_seq.pdbx_seq_align_end_ins_code   ? 
_struct_ref_seq.pdbx_db_accession             P00720 
_struct_ref_seq.db_align_beg                  1 
_struct_ref_seq.pdbx_db_align_beg_ins_code    ? 
_struct_ref_seq.db_align_end                  164 
_struct_ref_seq.pdbx_db_align_end_ins_code    ? 
_struct_ref_seq.pdbx_auth_seq_align_beg       1 
_struct_ref_seq.pdbx_auth_seq_align_end       164 
# 
loop_
_struct_ref_seq_dif.align_id 
_struct_ref_seq_dif.pdbx_pdb_id_code 
_struct_ref_seq_dif.mon_id 
_struct_ref_seq_dif.pdbx_pdb_strand_id 
_struct_ref_seq_dif.seq_num 
_struct_ref_seq_dif.pdbx_pdb_ins_code 
_struct_ref_seq_dif.pdbx_seq_db_name 
_struct_ref_seq_dif.pdbx_seq_db_accession_code 
_struct_ref_seq_dif.db_mon_id 
_struct_ref_seq_dif.pdbx_seq_db_seq_num 
_struct_ref_seq_dif.details 
_struct_ref_seq_dif.pdbx_auth_seq_num 
_struct_ref_seq_dif.pdbx_ordinal 
1 1ZUR THR A 54  ? UNP P00720 CYS 54  'engineered mutation' 54  1 
1 1ZUR ALA A 97  ? UNP P00720 CYS 97  'engineered mutation' 97  2 
1 1ZUR CYS A 131 ? UNP P00720 VAL 131 'engineered mutation' 131 3 
# 
_pdbx_struct_assembly.id                   1 
_pdbx_struct_assembly.details              author_defined_assembly 
_pdbx_struct_assembly.method_details       ? 
_pdbx_struct_assembly.oligomeric_details   monomeric 
_pdbx_struct_assembly.oligomeric_count     1 
# 
_pdbx_struct_assembly_gen.assembly_id       1 
_pdbx_struct_assembly_gen.oper_expression   1 
_pdbx_struct_assembly_gen.asym_id_list      A,B,C,D,E,F,G 
# 
_pdbx_struct_oper_list.id                   1 
_pdbx_struct_oper_list.type                 'identity operation' 
_pdbx_struct_oper_list.name                 1_555 
_pdbx_struct_oper_list.symmetry_operation   x,y,z 
_pdbx_struct_oper_list.matrix[1][1]         1.0000000000 
_pdbx_struct_oper_list.matrix[1][2]         0.0000000000 
_pdbx_struct_oper_list.matrix[1][3]         0.0000000000 
_pdbx_struct_oper_list.vector[1]            0.0000000000 
_pdbx_struct_oper_list.matrix[2][1]         0.0000000000 
_pdbx_struct_oper_list.matrix[2][2]         1.0000000000 
_pdbx_struct_oper_list.matrix[2][3]         0.0000000000 
_pdbx_struct_oper_list.vector[2]            0.0000000000 
_pdbx_struct_oper_list.matrix[3][1]         0.0000000000 
_pdbx_struct_oper_list.matrix[3][2]         0.0000000000 
_pdbx_struct_oper_list.matrix[3][3]         1.0000000000 
_pdbx_struct_oper_list.vector[3]            0.0000000000 
# 
_struct_biol.id                    1 
_struct_biol.pdbx_parent_biol_id   ? 
_struct_biol.details               ? 
# 
loop_
_struct_conf.conf_type_id 
_struct_conf.id 
_struct_conf.pdbx_PDB_helix_id 
_struct_conf.beg_label_comp_id 
_struct_conf.beg_label_asym_id 
_struct_conf.beg_label_seq_id 
_struct_conf.pdbx_beg_PDB_ins_code 
_struct_conf.end_label_comp_id 
_struct_conf.end_label_asym_id 
_struct_conf.end_label_seq_id 
_struct_conf.pdbx_end_PDB_ins_code 
_struct_conf.beg_auth_comp_id 
_struct_conf.beg_auth_asym_id 
_struct_conf.beg_auth_seq_id 
_struct_conf.end_auth_comp_id 
_struct_conf.end_auth_asym_id 
_struct_conf.end_auth_seq_id 
_struct_conf.pdbx_PDB_helix_class 
_struct_conf.details 
_struct_conf.pdbx_PDB_helix_length 
HELX_P HELX_P1  1  ASN A 2   ? GLY A 12  ? ASN A 2   GLY A 12  1 ? 11 
HELX_P HELX_P2  2  SER A 38  ? GLY A 51  ? SER A 38  GLY A 51  1 ? 14 
HELX_P HELX_P3  3  THR A 59  ? ASN A 81  ? THR A 59  ASN A 81  1 ? 23 
HELX_P HELX_P4  4  LYS A 83  ? LEU A 91  ? LYS A 83  LEU A 91  1 ? 9  
HELX_P HELX_P5  5  ASP A 92  ? GLY A 107 ? ASP A 92  GLY A 107 1 ? 16 
HELX_P HELX_P6  6  GLY A 107 ? GLY A 113 ? GLY A 107 GLY A 113 1 ? 7  
HELX_P HELX_P7  7  PHE A 114 ? GLN A 123 ? PHE A 114 GLN A 123 1 ? 10 
HELX_P HELX_P8  8  ARG A 125 ? ALA A 134 ? ARG A 125 ALA A 134 1 ? 10 
HELX_P HELX_P9  9  SER A 136 ? THR A 142 ? SER A 136 THR A 142 1 ? 7  
HELX_P HELX_P10 10 THR A 142 ? GLY A 156 ? THR A 142 GLY A 156 1 ? 15 
HELX_P HELX_P11 11 TRP A 158 ? LYS A 162 ? TRP A 158 LYS A 162 5 ? 5  
# 
_struct_conf_type.id          HELX_P 
_struct_conf_type.criteria    ? 
_struct_conf_type.reference   ? 
# 
_struct_conn.id                            covale1 
_struct_conn.conn_type_id                  covale 
_struct_conn.pdbx_leaving_atom_flag        one 
_struct_conn.pdbx_PDB_id                   ? 
_struct_conn.ptnr1_label_asym_id           A 
_struct_conn.ptnr1_label_comp_id           CYS 
_struct_conn.ptnr1_label_seq_id            131 
_struct_conn.ptnr1_label_atom_id           SG 
_struct_conn.pdbx_ptnr1_label_alt_id       ? 
_struct_conn.pdbx_ptnr1_PDB_ins_code       ? 
_struct_conn.pdbx_ptnr1_standard_comp_id   ? 
_struct_conn.ptnr1_symmetry                1_555 
_struct_conn.ptnr2_label_asym_id           B 
_struct_conn.ptnr2_label_comp_id           R1F 
_struct_conn.ptnr2_label_seq_id            . 
_struct_conn.ptnr2_label_atom_id           SD 
_struct_conn.pdbx_ptnr2_label_alt_id       ? 
_struct_conn.pdbx_ptnr2_PDB_ins_code       ? 
_struct_conn.ptnr1_auth_asym_id            A 
_struct_conn.ptnr1_auth_comp_id            CYS 
_struct_conn.ptnr1_auth_seq_id             131 
_struct_conn.ptnr2_auth_asym_id            A 
_struct_conn.ptnr2_auth_comp_id            R1F 
_struct_conn.ptnr2_auth_seq_id             1131 
_struct_conn.ptnr2_symmetry                1_555 
_struct_conn.pdbx_ptnr3_label_atom_id      ? 
_struct_conn.pdbx_ptnr3_label_seq_id       ? 
_struct_conn.pdbx_ptnr3_label_comp_id      ? 
_struct_conn.pdbx_ptnr3_label_asym_id      ? 
_struct_conn.pdbx_ptnr3_label_alt_id       ? 
_struct_conn.pdbx_ptnr3_PDB_ins_code       ? 
_struct_conn.details                       ? 
_struct_conn.pdbx_dist_value               1.993 
_struct_conn.pdbx_value_order              ? 
_struct_conn.pdbx_role                     ? 
# 
_struct_conn_type.id          covale 
_struct_conn_type.criteria    ? 
_struct_conn_type.reference   ? 
# 
_pdbx_modification_feature.ordinal                            1 
_pdbx_modification_feature.label_comp_id                      R1F 
_pdbx_modification_feature.label_asym_id                      B 
_pdbx_modification_feature.label_seq_id                       . 
_pdbx_modification_feature.label_alt_id                       ? 
_pdbx_modification_feature.modified_residue_label_comp_id     CYS 
_pdbx_modification_feature.modified_residue_label_asym_id     A 
_pdbx_modification_feature.modified_residue_label_seq_id      131 
_pdbx_modification_feature.modified_residue_label_alt_id      ? 
_pdbx_modification_feature.auth_comp_id                       R1F 
_pdbx_modification_feature.auth_asym_id                       A 
_pdbx_modification_feature.auth_seq_id                        1131 
_pdbx_modification_feature.PDB_ins_code                       ? 
_pdbx_modification_feature.symmetry                           1_555 
_pdbx_modification_feature.modified_residue_auth_comp_id      CYS 
_pdbx_modification_feature.modified_residue_auth_asym_id      A 
_pdbx_modification_feature.modified_residue_auth_seq_id       131 
_pdbx_modification_feature.modified_residue_PDB_ins_code      ? 
_pdbx_modification_feature.modified_residue_symmetry          1_555 
_pdbx_modification_feature.comp_id_linking_atom               SD 
_pdbx_modification_feature.modified_residue_id_linking_atom   SG 
_pdbx_modification_feature.modified_residue_id                CYS 
_pdbx_modification_feature.ref_pcm_id                         1 
_pdbx_modification_feature.ref_comp_id                        R1F 
_pdbx_modification_feature.type                               None 
_pdbx_modification_feature.category                           'Covalent chemical modification' 
# 
_struct_sheet.id               A 
_struct_sheet.type             ? 
_struct_sheet.number_strands   3 
_struct_sheet.details          ? 
# 
loop_
_struct_sheet_order.sheet_id 
_struct_sheet_order.range_id_1 
_struct_sheet_order.range_id_2 
_struct_sheet_order.offset 
_struct_sheet_order.sense 
A 1 2 ? anti-parallel 
A 2 3 ? anti-parallel 
# 
loop_
_struct_sheet_range.sheet_id 
_struct_sheet_range.id 
_struct_sheet_range.beg_label_comp_id 
_struct_sheet_range.beg_label_asym_id 
_struct_sheet_range.beg_label_seq_id 
_struct_sheet_range.pdbx_beg_PDB_ins_code 
_struct_sheet_range.end_label_comp_id 
_struct_sheet_range.end_label_asym_id 
_struct_sheet_range.end_label_seq_id 
_struct_sheet_range.pdbx_end_PDB_ins_code 
_struct_sheet_range.beg_auth_comp_id 
_struct_sheet_range.beg_auth_asym_id 
_struct_sheet_range.beg_auth_seq_id 
_struct_sheet_range.end_auth_comp_id 
_struct_sheet_range.end_auth_asym_id 
_struct_sheet_range.end_auth_seq_id 
A 1 ARG A 14 ? LYS A 19 ? ARG A 14 LYS A 19 
A 2 TYR A 25 ? GLY A 28 ? TYR A 25 GLY A 28 
A 3 HIS A 31 ? LEU A 32 ? HIS A 31 LEU A 32 
# 
loop_
_pdbx_struct_sheet_hbond.sheet_id 
_pdbx_struct_sheet_hbond.range_id_1 
_pdbx_struct_sheet_hbond.range_id_2 
_pdbx_struct_sheet_hbond.range_1_label_atom_id 
_pdbx_struct_sheet_hbond.range_1_label_comp_id 
_pdbx_struct_sheet_hbond.range_1_label_asym_id 
_pdbx_struct_sheet_hbond.range_1_label_seq_id 
_pdbx_struct_sheet_hbond.range_1_PDB_ins_code 
_pdbx_struct_sheet_hbond.range_1_auth_atom_id 
_pdbx_struct_sheet_hbond.range_1_auth_comp_id 
_pdbx_struct_sheet_hbond.range_1_auth_asym_id 
_pdbx_struct_sheet_hbond.range_1_auth_seq_id 
_pdbx_struct_sheet_hbond.range_2_label_atom_id 
_pdbx_struct_sheet_hbond.range_2_label_comp_id 
_pdbx_struct_sheet_hbond.range_2_label_asym_id 
_pdbx_struct_sheet_hbond.range_2_label_seq_id 
_pdbx_struct_sheet_hbond.range_2_PDB_ins_code 
_pdbx_struct_sheet_hbond.range_2_auth_atom_id 
_pdbx_struct_sheet_hbond.range_2_auth_comp_id 
_pdbx_struct_sheet_hbond.range_2_auth_asym_id 
_pdbx_struct_sheet_hbond.range_2_auth_seq_id 
A 1 2 N TYR A 18 ? N TYR A 18 O THR A 26 ? O THR A 26 
A 2 3 N ILE A 27 ? N ILE A 27 O HIS A 31 ? O HIS A 31 
# 
loop_
_struct_site.id 
_struct_site.pdbx_evidence_code 
_struct_site.pdbx_auth_asym_id 
_struct_site.pdbx_auth_comp_id 
_struct_site.pdbx_auth_seq_id 
_struct_site.pdbx_auth_ins_code 
_struct_site.pdbx_num_residues 
_struct_site.details 
AC1 Software A R1F 1131 ? 4 'BINDING SITE FOR RESIDUE R1F A 1131' 
AC2 Software A CL  200  ? 5 'BINDING SITE FOR RESIDUE CL A 200'   
AC3 Software A CL  201  ? 3 'BINDING SITE FOR RESIDUE CL A 201'   
AC4 Software A CL  202  ? 5 'BINDING SITE FOR RESIDUE CL A 202'   
AC5 Software A CL  203  ? 6 'BINDING SITE FOR RESIDUE CL A 203'   
# 
loop_
_struct_site_gen.id 
_struct_site_gen.site_id 
_struct_site_gen.pdbx_num_res 
_struct_site_gen.label_comp_id 
_struct_site_gen.label_asym_id 
_struct_site_gen.label_seq_id 
_struct_site_gen.pdbx_auth_ins_code 
_struct_site_gen.auth_comp_id 
_struct_site_gen.auth_asym_id 
_struct_site_gen.auth_seq_id 
_struct_site_gen.label_atom_id 
_struct_site_gen.label_alt_id 
_struct_site_gen.symmetry 
_struct_site_gen.details 
1  AC1 4 ASP A 127 ? ASP A 127 . ? 1_555 ? 
2  AC1 4 GLU A 128 ? GLU A 128 . ? 1_555 ? 
3  AC1 4 CYS A 131 ? CYS A 131 . ? 1_555 ? 
4  AC1 4 ASN A 132 ? ASN A 132 . ? 1_555 ? 
5  AC2 5 ARG A 125 ? ARG A 125 . ? 1_555 ? 
6  AC2 5 TRP A 126 ? TRP A 126 . ? 1_555 ? 
7  AC2 5 ASP A 127 ? ASP A 127 . ? 1_555 ? 
8  AC2 5 GLU A 128 ? GLU A 128 . ? 1_555 ? 
9  AC2 5 HOH G .   ? HOH A 256 . ? 4_545 ? 
10 AC3 3 HIS A 31  ? HIS A 31  . ? 2_654 ? 
11 AC3 3 LYS A 135 ? LYS A 135 . ? 1_555 ? 
12 AC3 3 HOH G .   ? HOH A 219 . ? 1_555 ? 
13 AC4 5 GLU A 11  ? GLU A 11  . ? 1_555 ? 
14 AC4 5 TYR A 18  ? TYR A 18  . ? 1_555 ? 
15 AC4 5 HOH G .   ? HOH A 216 . ? 1_555 ? 
16 AC4 5 HOH G .   ? HOH A 283 . ? 1_555 ? 
17 AC4 5 HOH G .   ? HOH A 323 . ? 4_655 ? 
18 AC5 6 LYS A 124 ? LYS A 124 . ? 4_655 ? 
19 AC5 6 THR A 142 ? THR A 142 . ? 1_555 ? 
20 AC5 6 ASN A 144 ? ASN A 144 . ? 1_555 ? 
21 AC5 6 ARG A 145 ? ARG A 145 . ? 1_555 ? 
22 AC5 6 HOH G .   ? HOH A 277 . ? 1_555 ? 
23 AC5 6 HOH G .   ? HOH A 332 . ? 4_655 ? 
# 
_pdbx_entry_details.entry_id                   1ZUR 
_pdbx_entry_details.compound_details           ? 
_pdbx_entry_details.source_details             ? 
_pdbx_entry_details.nonpolymer_details         ? 
_pdbx_entry_details.sequence_details           ? 
_pdbx_entry_details.has_ligand_of_interest     ? 
_pdbx_entry_details.has_protein_modification   Y 
# 
loop_
_pdbx_validate_torsion.id 
_pdbx_validate_torsion.PDB_model_num 
_pdbx_validate_torsion.auth_comp_id 
_pdbx_validate_torsion.auth_asym_id 
_pdbx_validate_torsion.auth_seq_id 
_pdbx_validate_torsion.PDB_ins_code 
_pdbx_validate_torsion.label_alt_id 
_pdbx_validate_torsion.phi 
_pdbx_validate_torsion.psi 
1 1 ILE A 29  ? ? -106.39 75.98 
2 1 ASN A 163 ? ? -97.44  52.40 
# 
loop_
_chem_comp_atom.comp_id 
_chem_comp_atom.atom_id 
_chem_comp_atom.type_symbol 
_chem_comp_atom.pdbx_aromatic_flag 
_chem_comp_atom.pdbx_stereo_config 
_chem_comp_atom.pdbx_ordinal 
ALA N    N  N N 1   
ALA CA   C  N S 2   
ALA C    C  N N 3   
ALA O    O  N N 4   
ALA CB   C  N N 5   
ALA OXT  O  N N 6   
ALA H    H  N N 7   
ALA H2   H  N N 8   
ALA HA   H  N N 9   
ALA HB1  H  N N 10  
ALA HB2  H  N N 11  
ALA HB3  H  N N 12  
ALA HXT  H  N N 13  
ARG N    N  N N 14  
ARG CA   C  N S 15  
ARG C    C  N N 16  
ARG O    O  N N 17  
ARG CB   C  N N 18  
ARG CG   C  N N 19  
ARG CD   C  N N 20  
ARG NE   N  N N 21  
ARG CZ   C  N N 22  
ARG NH1  N  N N 23  
ARG NH2  N  N N 24  
ARG OXT  O  N N 25  
ARG H    H  N N 26  
ARG H2   H  N N 27  
ARG HA   H  N N 28  
ARG HB2  H  N N 29  
ARG HB3  H  N N 30  
ARG HG2  H  N N 31  
ARG HG3  H  N N 32  
ARG HD2  H  N N 33  
ARG HD3  H  N N 34  
ARG HE   H  N N 35  
ARG HH11 H  N N 36  
ARG HH12 H  N N 37  
ARG HH21 H  N N 38  
ARG HH22 H  N N 39  
ARG HXT  H  N N 40  
ASN N    N  N N 41  
ASN CA   C  N S 42  
ASN C    C  N N 43  
ASN O    O  N N 44  
ASN CB   C  N N 45  
ASN CG   C  N N 46  
ASN OD1  O  N N 47  
ASN ND2  N  N N 48  
ASN OXT  O  N N 49  
ASN H    H  N N 50  
ASN H2   H  N N 51  
ASN HA   H  N N 52  
ASN HB2  H  N N 53  
ASN HB3  H  N N 54  
ASN HD21 H  N N 55  
ASN HD22 H  N N 56  
ASN HXT  H  N N 57  
ASP N    N  N N 58  
ASP CA   C  N S 59  
ASP C    C  N N 60  
ASP O    O  N N 61  
ASP CB   C  N N 62  
ASP CG   C  N N 63  
ASP OD1  O  N N 64  
ASP OD2  O  N N 65  
ASP OXT  O  N N 66  
ASP H    H  N N 67  
ASP H2   H  N N 68  
ASP HA   H  N N 69  
ASP HB2  H  N N 70  
ASP HB3  H  N N 71  
ASP HD2  H  N N 72  
ASP HXT  H  N N 73  
CL  CL   CL N N 74  
CYS N    N  N N 75  
CYS CA   C  N R 76  
CYS C    C  N N 77  
CYS O    O  N N 78  
CYS CB   C  N N 79  
CYS SG   S  N N 80  
CYS OXT  O  N N 81  
CYS H    H  N N 82  
CYS H2   H  N N 83  
CYS HA   H  N N 84  
CYS HB2  H  N N 85  
CYS HB3  H  N N 86  
CYS HG   H  N N 87  
CYS HXT  H  N N 88  
GLN N    N  N N 89  
GLN CA   C  N S 90  
GLN C    C  N N 91  
GLN O    O  N N 92  
GLN CB   C  N N 93  
GLN CG   C  N N 94  
GLN CD   C  N N 95  
GLN OE1  O  N N 96  
GLN NE2  N  N N 97  
GLN OXT  O  N N 98  
GLN H    H  N N 99  
GLN H2   H  N N 100 
GLN HA   H  N N 101 
GLN HB2  H  N N 102 
GLN HB3  H  N N 103 
GLN HG2  H  N N 104 
GLN HG3  H  N N 105 
GLN HE21 H  N N 106 
GLN HE22 H  N N 107 
GLN HXT  H  N N 108 
GLU N    N  N N 109 
GLU CA   C  N S 110 
GLU C    C  N N 111 
GLU O    O  N N 112 
GLU CB   C  N N 113 
GLU CG   C  N N 114 
GLU CD   C  N N 115 
GLU OE1  O  N N 116 
GLU OE2  O  N N 117 
GLU OXT  O  N N 118 
GLU H    H  N N 119 
GLU H2   H  N N 120 
GLU HA   H  N N 121 
GLU HB2  H  N N 122 
GLU HB3  H  N N 123 
GLU HG2  H  N N 124 
GLU HG3  H  N N 125 
GLU HE2  H  N N 126 
GLU HXT  H  N N 127 
GLY N    N  N N 128 
GLY CA   C  N N 129 
GLY C    C  N N 130 
GLY O    O  N N 131 
GLY OXT  O  N N 132 
GLY H    H  N N 133 
GLY H2   H  N N 134 
GLY HA2  H  N N 135 
GLY HA3  H  N N 136 
GLY HXT  H  N N 137 
HIS N    N  N N 138 
HIS CA   C  N S 139 
HIS C    C  N N 140 
HIS O    O  N N 141 
HIS CB   C  N N 142 
HIS CG   C  Y N 143 
HIS ND1  N  Y N 144 
HIS CD2  C  Y N 145 
HIS CE1  C  Y N 146 
HIS NE2  N  Y N 147 
HIS OXT  O  N N 148 
HIS H    H  N N 149 
HIS H2   H  N N 150 
HIS HA   H  N N 151 
HIS HB2  H  N N 152 
HIS HB3  H  N N 153 
HIS HD1  H  N N 154 
HIS HD2  H  N N 155 
HIS HE1  H  N N 156 
HIS HE2  H  N N 157 
HIS HXT  H  N N 158 
HOH O    O  N N 159 
HOH H1   H  N N 160 
HOH H2   H  N N 161 
ILE N    N  N N 162 
ILE CA   C  N S 163 
ILE C    C  N N 164 
ILE O    O  N N 165 
ILE CB   C  N S 166 
ILE CG1  C  N N 167 
ILE CG2  C  N N 168 
ILE CD1  C  N N 169 
ILE OXT  O  N N 170 
ILE H    H  N N 171 
ILE H2   H  N N 172 
ILE HA   H  N N 173 
ILE HB   H  N N 174 
ILE HG12 H  N N 175 
ILE HG13 H  N N 176 
ILE HG21 H  N N 177 
ILE HG22 H  N N 178 
ILE HG23 H  N N 179 
ILE HD11 H  N N 180 
ILE HD12 H  N N 181 
ILE HD13 H  N N 182 
ILE HXT  H  N N 183 
LEU N    N  N N 184 
LEU CA   C  N S 185 
LEU C    C  N N 186 
LEU O    O  N N 187 
LEU CB   C  N N 188 
LEU CG   C  N N 189 
LEU CD1  C  N N 190 
LEU CD2  C  N N 191 
LEU OXT  O  N N 192 
LEU H    H  N N 193 
LEU H2   H  N N 194 
LEU HA   H  N N 195 
LEU HB2  H  N N 196 
LEU HB3  H  N N 197 
LEU HG   H  N N 198 
LEU HD11 H  N N 199 
LEU HD12 H  N N 200 
LEU HD13 H  N N 201 
LEU HD21 H  N N 202 
LEU HD22 H  N N 203 
LEU HD23 H  N N 204 
LEU HXT  H  N N 205 
LYS N    N  N N 206 
LYS CA   C  N S 207 
LYS C    C  N N 208 
LYS O    O  N N 209 
LYS CB   C  N N 210 
LYS CG   C  N N 211 
LYS CD   C  N N 212 
LYS CE   C  N N 213 
LYS NZ   N  N N 214 
LYS OXT  O  N N 215 
LYS H    H  N N 216 
LYS H2   H  N N 217 
LYS HA   H  N N 218 
LYS HB2  H  N N 219 
LYS HB3  H  N N 220 
LYS HG2  H  N N 221 
LYS HG3  H  N N 222 
LYS HD2  H  N N 223 
LYS HD3  H  N N 224 
LYS HE2  H  N N 225 
LYS HE3  H  N N 226 
LYS HZ1  H  N N 227 
LYS HZ2  H  N N 228 
LYS HZ3  H  N N 229 
LYS HXT  H  N N 230 
MET N    N  N N 231 
MET CA   C  N S 232 
MET C    C  N N 233 
MET O    O  N N 234 
MET CB   C  N N 235 
MET CG   C  N N 236 
MET SD   S  N N 237 
MET CE   C  N N 238 
MET OXT  O  N N 239 
MET H    H  N N 240 
MET H2   H  N N 241 
MET HA   H  N N 242 
MET HB2  H  N N 243 
MET HB3  H  N N 244 
MET HG2  H  N N 245 
MET HG3  H  N N 246 
MET HE1  H  N N 247 
MET HE2  H  N N 248 
MET HE3  H  N N 249 
MET HXT  H  N N 250 
PHE N    N  N N 251 
PHE CA   C  N S 252 
PHE C    C  N N 253 
PHE O    O  N N 254 
PHE CB   C  N N 255 
PHE CG   C  Y N 256 
PHE CD1  C  Y N 257 
PHE CD2  C  Y N 258 
PHE CE1  C  Y N 259 
PHE CE2  C  Y N 260 
PHE CZ   C  Y N 261 
PHE OXT  O  N N 262 
PHE H    H  N N 263 
PHE H2   H  N N 264 
PHE HA   H  N N 265 
PHE HB2  H  N N 266 
PHE HB3  H  N N 267 
PHE HD1  H  N N 268 
PHE HD2  H  N N 269 
PHE HE1  H  N N 270 
PHE HE2  H  N N 271 
PHE HZ   H  N N 272 
PHE HXT  H  N N 273 
PRO N    N  N N 274 
PRO CA   C  N S 275 
PRO C    C  N N 276 
PRO O    O  N N 277 
PRO CB   C  N N 278 
PRO CG   C  N N 279 
PRO CD   C  N N 280 
PRO OXT  O  N N 281 
PRO H    H  N N 282 
PRO HA   H  N N 283 
PRO HB2  H  N N 284 
PRO HB3  H  N N 285 
PRO HG2  H  N N 286 
PRO HG3  H  N N 287 
PRO HD2  H  N N 288 
PRO HD3  H  N N 289 
PRO HXT  H  N N 290 
R1F SD   S  N N 291 
R1F CE   C  N N 292 
R1F C3   C  N N 293 
R1F C2   C  N N 294 
R1F C9   C  N N 295 
R1F C8   C  N N 296 
R1F N1   N  N N 297 
R1F O1   O  N N 298 
R1F C4   C  N N 299 
R1F C5   C  N N 300 
R1F C6   C  N N 301 
R1F C7   C  N N 302 
R1F C10  C  Y N 303 
R1F C11  C  Y N 304 
R1F C12  C  Y N 305 
R1F C13  C  Y N 306 
R1F C14  C  Y N 307 
R1F C15  C  Y N 308 
R1F H8   H  N N 309 
R1F H9   H  N N 310 
R1F H10  H  N N 311 
R1F H11  H  N N 312 
R1F H12  H  N N 313 
R1F H13  H  N N 314 
R1F H14  H  N N 315 
R1F H15  H  N N 316 
R1F H17  H  N N 317 
R1F H18  H  N N 318 
R1F H19  H  N N 319 
R1F H20  H  N N 320 
R1F H21  H  N N 321 
R1F H22  H  N N 322 
R1F H23  H  N N 323 
R1F H24  H  N N 324 
R1F H25  H  N N 325 
R1F H26  H  N N 326 
R1F H27  H  N N 327 
R1F S1   S  N N 328 
R1F C16  C  N N 329 
R1F O2   O  N N 330 
R1F O3   O  N N 331 
R1F H1   H  N N 332 
R1F H2   H  N N 333 
R1F H3   H  N N 334 
SER N    N  N N 335 
SER CA   C  N S 336 
SER C    C  N N 337 
SER O    O  N N 338 
SER CB   C  N N 339 
SER OG   O  N N 340 
SER OXT  O  N N 341 
SER H    H  N N 342 
SER H2   H  N N 343 
SER HA   H  N N 344 
SER HB2  H  N N 345 
SER HB3  H  N N 346 
SER HG   H  N N 347 
SER HXT  H  N N 348 
THR N    N  N N 349 
THR CA   C  N S 350 
THR C    C  N N 351 
THR O    O  N N 352 
THR CB   C  N R 353 
THR OG1  O  N N 354 
THR CG2  C  N N 355 
THR OXT  O  N N 356 
THR H    H  N N 357 
THR H2   H  N N 358 
THR HA   H  N N 359 
THR HB   H  N N 360 
THR HG1  H  N N 361 
THR HG21 H  N N 362 
THR HG22 H  N N 363 
THR HG23 H  N N 364 
THR HXT  H  N N 365 
TRP N    N  N N 366 
TRP CA   C  N S 367 
TRP C    C  N N 368 
TRP O    O  N N 369 
TRP CB   C  N N 370 
TRP CG   C  Y N 371 
TRP CD1  C  Y N 372 
TRP CD2  C  Y N 373 
TRP NE1  N  Y N 374 
TRP CE2  C  Y N 375 
TRP CE3  C  Y N 376 
TRP CZ2  C  Y N 377 
TRP CZ3  C  Y N 378 
TRP CH2  C  Y N 379 
TRP OXT  O  N N 380 
TRP H    H  N N 381 
TRP H2   H  N N 382 
TRP HA   H  N N 383 
TRP HB2  H  N N 384 
TRP HB3  H  N N 385 
TRP HD1  H  N N 386 
TRP HE1  H  N N 387 
TRP HE3  H  N N 388 
TRP HZ2  H  N N 389 
TRP HZ3  H  N N 390 
TRP HH2  H  N N 391 
TRP HXT  H  N N 392 
TYR N    N  N N 393 
TYR CA   C  N S 394 
TYR C    C  N N 395 
TYR O    O  N N 396 
TYR CB   C  N N 397 
TYR CG   C  Y N 398 
TYR CD1  C  Y N 399 
TYR CD2  C  Y N 400 
TYR CE1  C  Y N 401 
TYR CE2  C  Y N 402 
TYR CZ   C  Y N 403 
TYR OH   O  N N 404 
TYR OXT  O  N N 405 
TYR H    H  N N 406 
TYR H2   H  N N 407 
TYR HA   H  N N 408 
TYR HB2  H  N N 409 
TYR HB3  H  N N 410 
TYR HD1  H  N N 411 
TYR HD2  H  N N 412 
TYR HE1  H  N N 413 
TYR HE2  H  N N 414 
TYR HH   H  N N 415 
TYR HXT  H  N N 416 
VAL N    N  N N 417 
VAL CA   C  N S 418 
VAL C    C  N N 419 
VAL O    O  N N 420 
VAL CB   C  N N 421 
VAL CG1  C  N N 422 
VAL CG2  C  N N 423 
VAL OXT  O  N N 424 
VAL H    H  N N 425 
VAL H2   H  N N 426 
VAL HA   H  N N 427 
VAL HB   H  N N 428 
VAL HG11 H  N N 429 
VAL HG12 H  N N 430 
VAL HG13 H  N N 431 
VAL HG21 H  N N 432 
VAL HG22 H  N N 433 
VAL HG23 H  N N 434 
VAL HXT  H  N N 435 
# 
loop_
_chem_comp_bond.comp_id 
_chem_comp_bond.atom_id_1 
_chem_comp_bond.atom_id_2 
_chem_comp_bond.value_order 
_chem_comp_bond.pdbx_aromatic_flag 
_chem_comp_bond.pdbx_stereo_config 
_chem_comp_bond.pdbx_ordinal 
ALA N   CA   sing N N 1   
ALA N   H    sing N N 2   
ALA N   H2   sing N N 3   
ALA CA  C    sing N N 4   
ALA CA  CB   sing N N 5   
ALA CA  HA   sing N N 6   
ALA C   O    doub N N 7   
ALA C   OXT  sing N N 8   
ALA CB  HB1  sing N N 9   
ALA CB  HB2  sing N N 10  
ALA CB  HB3  sing N N 11  
ALA OXT HXT  sing N N 12  
ARG N   CA   sing N N 13  
ARG N   H    sing N N 14  
ARG N   H2   sing N N 15  
ARG CA  C    sing N N 16  
ARG CA  CB   sing N N 17  
ARG CA  HA   sing N N 18  
ARG C   O    doub N N 19  
ARG C   OXT  sing N N 20  
ARG CB  CG   sing N N 21  
ARG CB  HB2  sing N N 22  
ARG CB  HB3  sing N N 23  
ARG CG  CD   sing N N 24  
ARG CG  HG2  sing N N 25  
ARG CG  HG3  sing N N 26  
ARG CD  NE   sing N N 27  
ARG CD  HD2  sing N N 28  
ARG CD  HD3  sing N N 29  
ARG NE  CZ   sing N N 30  
ARG NE  HE   sing N N 31  
ARG CZ  NH1  sing N N 32  
ARG CZ  NH2  doub N N 33  
ARG NH1 HH11 sing N N 34  
ARG NH1 HH12 sing N N 35  
ARG NH2 HH21 sing N N 36  
ARG NH2 HH22 sing N N 37  
ARG OXT HXT  sing N N 38  
ASN N   CA   sing N N 39  
ASN N   H    sing N N 40  
ASN N   H2   sing N N 41  
ASN CA  C    sing N N 42  
ASN CA  CB   sing N N 43  
ASN CA  HA   sing N N 44  
ASN C   O    doub N N 45  
ASN C   OXT  sing N N 46  
ASN CB  CG   sing N N 47  
ASN CB  HB2  sing N N 48  
ASN CB  HB3  sing N N 49  
ASN CG  OD1  doub N N 50  
ASN CG  ND2  sing N N 51  
ASN ND2 HD21 sing N N 52  
ASN ND2 HD22 sing N N 53  
ASN OXT HXT  sing N N 54  
ASP N   CA   sing N N 55  
ASP N   H    sing N N 56  
ASP N   H2   sing N N 57  
ASP CA  C    sing N N 58  
ASP CA  CB   sing N N 59  
ASP CA  HA   sing N N 60  
ASP C   O    doub N N 61  
ASP C   OXT  sing N N 62  
ASP CB  CG   sing N N 63  
ASP CB  HB2  sing N N 64  
ASP CB  HB3  sing N N 65  
ASP CG  OD1  doub N N 66  
ASP CG  OD2  sing N N 67  
ASP OD2 HD2  sing N N 68  
ASP OXT HXT  sing N N 69  
CYS N   CA   sing N N 70  
CYS N   H    sing N N 71  
CYS N   H2   sing N N 72  
CYS CA  C    sing N N 73  
CYS CA  CB   sing N N 74  
CYS CA  HA   sing N N 75  
CYS C   O    doub N N 76  
CYS C   OXT  sing N N 77  
CYS CB  SG   sing N N 78  
CYS CB  HB2  sing N N 79  
CYS CB  HB3  sing N N 80  
CYS SG  HG   sing N N 81  
CYS OXT HXT  sing N N 82  
GLN N   CA   sing N N 83  
GLN N   H    sing N N 84  
GLN N   H2   sing N N 85  
GLN CA  C    sing N N 86  
GLN CA  CB   sing N N 87  
GLN CA  HA   sing N N 88  
GLN C   O    doub N N 89  
GLN C   OXT  sing N N 90  
GLN CB  CG   sing N N 91  
GLN CB  HB2  sing N N 92  
GLN CB  HB3  sing N N 93  
GLN CG  CD   sing N N 94  
GLN CG  HG2  sing N N 95  
GLN CG  HG3  sing N N 96  
GLN CD  OE1  doub N N 97  
GLN CD  NE2  sing N N 98  
GLN NE2 HE21 sing N N 99  
GLN NE2 HE22 sing N N 100 
GLN OXT HXT  sing N N 101 
GLU N   CA   sing N N 102 
GLU N   H    sing N N 103 
GLU N   H2   sing N N 104 
GLU CA  C    sing N N 105 
GLU CA  CB   sing N N 106 
GLU CA  HA   sing N N 107 
GLU C   O    doub N N 108 
GLU C   OXT  sing N N 109 
GLU CB  CG   sing N N 110 
GLU CB  HB2  sing N N 111 
GLU CB  HB3  sing N N 112 
GLU CG  CD   sing N N 113 
GLU CG  HG2  sing N N 114 
GLU CG  HG3  sing N N 115 
GLU CD  OE1  doub N N 116 
GLU CD  OE2  sing N N 117 
GLU OE2 HE2  sing N N 118 
GLU OXT HXT  sing N N 119 
GLY N   CA   sing N N 120 
GLY N   H    sing N N 121 
GLY N   H2   sing N N 122 
GLY CA  C    sing N N 123 
GLY CA  HA2  sing N N 124 
GLY CA  HA3  sing N N 125 
GLY C   O    doub N N 126 
GLY C   OXT  sing N N 127 
GLY OXT HXT  sing N N 128 
HIS N   CA   sing N N 129 
HIS N   H    sing N N 130 
HIS N   H2   sing N N 131 
HIS CA  C    sing N N 132 
HIS CA  CB   sing N N 133 
HIS CA  HA   sing N N 134 
HIS C   O    doub N N 135 
HIS C   OXT  sing N N 136 
HIS CB  CG   sing N N 137 
HIS CB  HB2  sing N N 138 
HIS CB  HB3  sing N N 139 
HIS CG  ND1  sing Y N 140 
HIS CG  CD2  doub Y N 141 
HIS ND1 CE1  doub Y N 142 
HIS ND1 HD1  sing N N 143 
HIS CD2 NE2  sing Y N 144 
HIS CD2 HD2  sing N N 145 
HIS CE1 NE2  sing Y N 146 
HIS CE1 HE1  sing N N 147 
HIS NE2 HE2  sing N N 148 
HIS OXT HXT  sing N N 149 
HOH O   H1   sing N N 150 
HOH O   H2   sing N N 151 
ILE N   CA   sing N N 152 
ILE N   H    sing N N 153 
ILE N   H2   sing N N 154 
ILE CA  C    sing N N 155 
ILE CA  CB   sing N N 156 
ILE CA  HA   sing N N 157 
ILE C   O    doub N N 158 
ILE C   OXT  sing N N 159 
ILE CB  CG1  sing N N 160 
ILE CB  CG2  sing N N 161 
ILE CB  HB   sing N N 162 
ILE CG1 CD1  sing N N 163 
ILE CG1 HG12 sing N N 164 
ILE CG1 HG13 sing N N 165 
ILE CG2 HG21 sing N N 166 
ILE CG2 HG22 sing N N 167 
ILE CG2 HG23 sing N N 168 
ILE CD1 HD11 sing N N 169 
ILE CD1 HD12 sing N N 170 
ILE CD1 HD13 sing N N 171 
ILE OXT HXT  sing N N 172 
LEU N   CA   sing N N 173 
LEU N   H    sing N N 174 
LEU N   H2   sing N N 175 
LEU CA  C    sing N N 176 
LEU CA  CB   sing N N 177 
LEU CA  HA   sing N N 178 
LEU C   O    doub N N 179 
LEU C   OXT  sing N N 180 
LEU CB  CG   sing N N 181 
LEU CB  HB2  sing N N 182 
LEU CB  HB3  sing N N 183 
LEU CG  CD1  sing N N 184 
LEU CG  CD2  sing N N 185 
LEU CG  HG   sing N N 186 
LEU CD1 HD11 sing N N 187 
LEU CD1 HD12 sing N N 188 
LEU CD1 HD13 sing N N 189 
LEU CD2 HD21 sing N N 190 
LEU CD2 HD22 sing N N 191 
LEU CD2 HD23 sing N N 192 
LEU OXT HXT  sing N N 193 
LYS N   CA   sing N N 194 
LYS N   H    sing N N 195 
LYS N   H2   sing N N 196 
LYS CA  C    sing N N 197 
LYS CA  CB   sing N N 198 
LYS CA  HA   sing N N 199 
LYS C   O    doub N N 200 
LYS C   OXT  sing N N 201 
LYS CB  CG   sing N N 202 
LYS CB  HB2  sing N N 203 
LYS CB  HB3  sing N N 204 
LYS CG  CD   sing N N 205 
LYS CG  HG2  sing N N 206 
LYS CG  HG3  sing N N 207 
LYS CD  CE   sing N N 208 
LYS CD  HD2  sing N N 209 
LYS CD  HD3  sing N N 210 
LYS CE  NZ   sing N N 211 
LYS CE  HE2  sing N N 212 
LYS CE  HE3  sing N N 213 
LYS NZ  HZ1  sing N N 214 
LYS NZ  HZ2  sing N N 215 
LYS NZ  HZ3  sing N N 216 
LYS OXT HXT  sing N N 217 
MET N   CA   sing N N 218 
MET N   H    sing N N 219 
MET N   H2   sing N N 220 
MET CA  C    sing N N 221 
MET CA  CB   sing N N 222 
MET CA  HA   sing N N 223 
MET C   O    doub N N 224 
MET C   OXT  sing N N 225 
MET CB  CG   sing N N 226 
MET CB  HB2  sing N N 227 
MET CB  HB3  sing N N 228 
MET CG  SD   sing N N 229 
MET CG  HG2  sing N N 230 
MET CG  HG3  sing N N 231 
MET SD  CE   sing N N 232 
MET CE  HE1  sing N N 233 
MET CE  HE2  sing N N 234 
MET CE  HE3  sing N N 235 
MET OXT HXT  sing N N 236 
PHE N   CA   sing N N 237 
PHE N   H    sing N N 238 
PHE N   H2   sing N N 239 
PHE CA  C    sing N N 240 
PHE CA  CB   sing N N 241 
PHE CA  HA   sing N N 242 
PHE C   O    doub N N 243 
PHE C   OXT  sing N N 244 
PHE CB  CG   sing N N 245 
PHE CB  HB2  sing N N 246 
PHE CB  HB3  sing N N 247 
PHE CG  CD1  doub Y N 248 
PHE CG  CD2  sing Y N 249 
PHE CD1 CE1  sing Y N 250 
PHE CD1 HD1  sing N N 251 
PHE CD2 CE2  doub Y N 252 
PHE CD2 HD2  sing N N 253 
PHE CE1 CZ   doub Y N 254 
PHE CE1 HE1  sing N N 255 
PHE CE2 CZ   sing Y N 256 
PHE CE2 HE2  sing N N 257 
PHE CZ  HZ   sing N N 258 
PHE OXT HXT  sing N N 259 
PRO N   CA   sing N N 260 
PRO N   CD   sing N N 261 
PRO N   H    sing N N 262 
PRO CA  C    sing N N 263 
PRO CA  CB   sing N N 264 
PRO CA  HA   sing N N 265 
PRO C   O    doub N N 266 
PRO C   OXT  sing N N 267 
PRO CB  CG   sing N N 268 
PRO CB  HB2  sing N N 269 
PRO CB  HB3  sing N N 270 
PRO CG  CD   sing N N 271 
PRO CG  HG2  sing N N 272 
PRO CG  HG3  sing N N 273 
PRO CD  HD2  sing N N 274 
PRO CD  HD3  sing N N 275 
PRO OXT HXT  sing N N 276 
R1F O1  N1   sing N N 277 
R1F C6  C5   sing N N 278 
R1F C7  C5   sing N N 279 
R1F N1  C5   sing N N 280 
R1F N1  C2   sing N N 281 
R1F C5  C4   sing N N 282 
R1F C9  C2   sing N N 283 
R1F C2  C8   sing N N 284 
R1F C2  C3   sing N N 285 
R1F C4  C10  sing N N 286 
R1F C4  C3   doub N N 287 
R1F C11 C10  doub Y N 288 
R1F C11 C12  sing Y N 289 
R1F C10 C15  sing Y N 290 
R1F C3  CE   sing N N 291 
R1F C12 C13  doub Y N 292 
R1F C15 C14  doub Y N 293 
R1F C13 C14  sing Y N 294 
R1F CE  SD   sing N N 295 
R1F CE  H8   sing N N 296 
R1F CE  H9   sing N N 297 
R1F C9  H10  sing N N 298 
R1F C9  H11  sing N N 299 
R1F C9  H12  sing N N 300 
R1F C8  H13  sing N N 301 
R1F C8  H14  sing N N 302 
R1F C8  H15  sing N N 303 
R1F C6  H17  sing N N 304 
R1F C6  H18  sing N N 305 
R1F C6  H19  sing N N 306 
R1F C7  H20  sing N N 307 
R1F C7  H21  sing N N 308 
R1F C7  H22  sing N N 309 
R1F C11 H23  sing N N 310 
R1F C12 H24  sing N N 311 
R1F C13 H25  sing N N 312 
R1F C14 H26  sing N N 313 
R1F C15 H27  sing N N 314 
R1F SD  S1   sing N N 315 
R1F S1  C16  sing N N 316 
R1F S1  O2   doub N N 317 
R1F S1  O3   doub N N 318 
R1F C16 H1   sing N N 319 
R1F C16 H2   sing N N 320 
R1F C16 H3   sing N N 321 
SER N   CA   sing N N 322 
SER N   H    sing N N 323 
SER N   H2   sing N N 324 
SER CA  C    sing N N 325 
SER CA  CB   sing N N 326 
SER CA  HA   sing N N 327 
SER C   O    doub N N 328 
SER C   OXT  sing N N 329 
SER CB  OG   sing N N 330 
SER CB  HB2  sing N N 331 
SER CB  HB3  sing N N 332 
SER OG  HG   sing N N 333 
SER OXT HXT  sing N N 334 
THR N   CA   sing N N 335 
THR N   H    sing N N 336 
THR N   H2   sing N N 337 
THR CA  C    sing N N 338 
THR CA  CB   sing N N 339 
THR CA  HA   sing N N 340 
THR C   O    doub N N 341 
THR C   OXT  sing N N 342 
THR CB  OG1  sing N N 343 
THR CB  CG2  sing N N 344 
THR CB  HB   sing N N 345 
THR OG1 HG1  sing N N 346 
THR CG2 HG21 sing N N 347 
THR CG2 HG22 sing N N 348 
THR CG2 HG23 sing N N 349 
THR OXT HXT  sing N N 350 
TRP N   CA   sing N N 351 
TRP N   H    sing N N 352 
TRP N   H2   sing N N 353 
TRP CA  C    sing N N 354 
TRP CA  CB   sing N N 355 
TRP CA  HA   sing N N 356 
TRP C   O    doub N N 357 
TRP C   OXT  sing N N 358 
TRP CB  CG   sing N N 359 
TRP CB  HB2  sing N N 360 
TRP CB  HB3  sing N N 361 
TRP CG  CD1  doub Y N 362 
TRP CG  CD2  sing Y N 363 
TRP CD1 NE1  sing Y N 364 
TRP CD1 HD1  sing N N 365 
TRP CD2 CE2  doub Y N 366 
TRP CD2 CE3  sing Y N 367 
TRP NE1 CE2  sing Y N 368 
TRP NE1 HE1  sing N N 369 
TRP CE2 CZ2  sing Y N 370 
TRP CE3 CZ3  doub Y N 371 
TRP CE3 HE3  sing N N 372 
TRP CZ2 CH2  doub Y N 373 
TRP CZ2 HZ2  sing N N 374 
TRP CZ3 CH2  sing Y N 375 
TRP CZ3 HZ3  sing N N 376 
TRP CH2 HH2  sing N N 377 
TRP OXT HXT  sing N N 378 
TYR N   CA   sing N N 379 
TYR N   H    sing N N 380 
TYR N   H2   sing N N 381 
TYR CA  C    sing N N 382 
TYR CA  CB   sing N N 383 
TYR CA  HA   sing N N 384 
TYR C   O    doub N N 385 
TYR C   OXT  sing N N 386 
TYR CB  CG   sing N N 387 
TYR CB  HB2  sing N N 388 
TYR CB  HB3  sing N N 389 
TYR CG  CD1  doub Y N 390 
TYR CG  CD2  sing Y N 391 
TYR CD1 CE1  sing Y N 392 
TYR CD1 HD1  sing N N 393 
TYR CD2 CE2  doub Y N 394 
TYR CD2 HD2  sing N N 395 
TYR CE1 CZ   doub Y N 396 
TYR CE1 HE1  sing N N 397 
TYR CE2 CZ   sing Y N 398 
TYR CE2 HE2  sing N N 399 
TYR CZ  OH   sing N N 400 
TYR OH  HH   sing N N 401 
TYR OXT HXT  sing N N 402 
VAL N   CA   sing N N 403 
VAL N   H    sing N N 404 
VAL N   H2   sing N N 405 
VAL CA  C    sing N N 406 
VAL CA  CB   sing N N 407 
VAL CA  HA   sing N N 408 
VAL C   O    doub N N 409 
VAL C   OXT  sing N N 410 
VAL CB  CG1  sing N N 411 
VAL CB  CG2  sing N N 412 
VAL CB  HB   sing N N 413 
VAL CG1 HG11 sing N N 414 
VAL CG1 HG12 sing N N 415 
VAL CG1 HG13 sing N N 416 
VAL CG2 HG21 sing N N 417 
VAL CG2 HG22 sing N N 418 
VAL CG2 HG23 sing N N 419 
VAL OXT HXT  sing N N 420 
# 
_pdbx_initial_refinement_model.id               1 
_pdbx_initial_refinement_model.entity_id_list   ? 
_pdbx_initial_refinement_model.type             'experimental model' 
_pdbx_initial_refinement_model.source_name      PDB 
_pdbx_initial_refinement_model.accession_code   1C6T 
_pdbx_initial_refinement_model.details          'PDB ENTRY 1C6T' 
# 
_atom_sites.entry_id                    1ZUR 
_atom_sites.fract_transf_matrix[1][1]   0.01067915 
_atom_sites.fract_transf_matrix[1][2]   -0.00429760 
_atom_sites.fract_transf_matrix[1][3]   -0.01539866 
_atom_sites.fract_transf_matrix[2][1]   0.01556379 
_atom_sites.fract_transf_matrix[2][2]   0.01050109 
_atom_sites.fract_transf_matrix[2][3]   -0.00413939 
_atom_sites.fract_transf_matrix[3][1]   0.00583592 
_atom_sites.fract_transf_matrix[3][2]   -0.00635497 
_atom_sites.fract_transf_matrix[3][3]   0.00582089 
_atom_sites.fract_transf_vector[1]      0.685534 
_atom_sites.fract_transf_vector[2]      0.222022 
_atom_sites.fract_transf_vector[3]      0.102170 
# 
loop_
_atom_type.symbol 
C  
CL 
N  
O  
S  
# 
loop_
_atom_site.group_PDB 
_atom_site.id 
_atom_site.type_symbol 
_atom_site.label_atom_id 
_atom_site.label_alt_id 
_atom_site.label_comp_id 
_atom_site.label_asym_id 
_atom_site.label_entity_id 
_atom_site.label_seq_id 
_atom_site.pdbx_PDB_ins_code 
_atom_site.Cartn_x 
_atom_site.Cartn_y 
_atom_site.Cartn_z 
_atom_site.occupancy 
_atom_site.B_iso_or_equiv 
_atom_site.pdbx_formal_charge 
_atom_site.auth_seq_id 
_atom_site.auth_comp_id 
_atom_site.auth_asym_id 
_atom_site.auth_atom_id 
_atom_site.pdbx_PDB_model_num 
ATOM   1    N  N   . MET A 1 1   ? -10.585 -12.629 -4.704  1.00 13.23 ? 1    MET A N   1 
ATOM   2    C  CA  . MET A 1 1   ? -9.735  -11.457 -4.363  1.00 13.16 ? 1    MET A CA  1 
ATOM   3    C  C   . MET A 1 1   ? -9.841  -11.076 -2.887  1.00 12.64 ? 1    MET A C   1 
ATOM   4    O  O   . MET A 1 1   ? -10.871 -11.281 -2.249  1.00 13.04 ? 1    MET A O   1 
ATOM   5    C  CB  . MET A 1 1   ? -10.153 -10.279 -5.251  1.00 13.45 ? 1    MET A CB  1 
ATOM   6    C  CG  . MET A 1 1   ? -9.211  -9.090  -5.298  1.00 15.14 ? 1    MET A CG  1 
ATOM   7    S  SD  . MET A 1 1   ? -7.492  -9.389  -5.721  1.00 17.66 ? 1    MET A SD  1 
ATOM   8    C  CE  . MET A 1 1   ? -7.738  -10.334 -7.206  1.00 14.64 ? 1    MET A CE  1 
ATOM   9    N  N   . ASN A 1 2   ? -8.754  -10.521 -2.358  1.00 11.87 ? 2    ASN A N   1 
ATOM   10   C  CA  . ASN A 1 2   ? -8.631  -10.020 -0.991  1.00 11.70 ? 2    ASN A CA  1 
ATOM   11   C  C   . ASN A 1 2   ? -7.444  -9.057  -0.951  1.00 11.41 ? 2    ASN A C   1 
ATOM   12   O  O   . ASN A 1 2   ? -6.736  -8.919  -1.957  1.00 11.39 ? 2    ASN A O   1 
ATOM   13   C  CB  . ASN A 1 2   ? -8.491  -11.163 0.031   1.00 11.89 ? 2    ASN A CB  1 
ATOM   14   C  CG  . ASN A 1 2   ? -7.284  -12.031 -0.230  1.00 12.52 ? 2    ASN A CG  1 
ATOM   15   O  OD1 . ASN A 1 2   ? -6.163  -11.527 -0.305  1.00 11.59 ? 2    ASN A OD1 1 
ATOM   16   N  ND2 . ASN A 1 2   ? -7.497  -13.336 -0.362  1.00 12.30 ? 2    ASN A ND2 1 
ATOM   17   N  N   . ILE A 1 3   ? -7.207  -8.428  0.197   1.00 10.91 ? 3    ILE A N   1 
ATOM   18   C  CA  . ILE A 1 3   ? -6.128  -7.433  0.324   1.00 10.73 ? 3    ILE A CA  1 
ATOM   19   C  C   . ILE A 1 3   ? -4.728  -7.965  -0.045  1.00 10.79 ? 3    ILE A C   1 
ATOM   20   O  O   . ILE A 1 3   ? -3.930  -7.239  -0.651  1.00 11.11 ? 3    ILE A O   1 
ATOM   21   C  CB  . ILE A 1 3   ? -6.134  -6.736  1.722   1.00 11.01 ? 3    ILE A CB  1 
ATOM   22   C  CG1 . ILE A 1 3   ? -5.063  -5.651  1.811   1.00 10.62 ? 3    ILE A CG1 1 
ATOM   23   C  CG2 . ILE A 1 3   ? -6.012  -7.751  2.871   1.00 11.35 ? 3    ILE A CG2 1 
ATOM   24   C  CD1 . ILE A 1 3   ? -5.194  -4.519  0.796   1.00 10.03 ? 3    ILE A CD1 1 
ATOM   25   N  N   . PHE A 1 4   ? -4.448  -9.212  0.323   1.00 10.82 ? 4    PHE A N   1 
ATOM   26   C  CA  . PHE A 1 4   ? -3.179  -9.855  -0.022  1.00 10.65 ? 4    PHE A CA  1 
ATOM   27   C  C   . PHE A 1 4   ? -3.050  -10.033 -1.532  1.00 10.51 ? 4    PHE A C   1 
ATOM   28   O  O   . PHE A 1 4   ? -2.015  -9.669  -2.098  1.00 10.30 ? 4    PHE A O   1 
ATOM   29   C  CB  . PHE A 1 4   ? -3.020  -11.192 0.703   1.00 11.11 ? 4    PHE A CB  1 
ATOM   30   C  CG  . PHE A 1 4   ? -2.759  -11.039 2.170   1.00 11.05 ? 4    PHE A CG  1 
ATOM   31   C  CD1 . PHE A 1 4   ? -3.817  -10.974 3.078   1.00 12.50 ? 4    PHE A CD1 1 
ATOM   32   C  CD2 . PHE A 1 4   ? -1.444  -10.939 2.647   1.00 11.94 ? 4    PHE A CD2 1 
ATOM   33   C  CE1 . PHE A 1 4   ? -3.579  -10.824 4.448   1.00 12.41 ? 4    PHE A CE1 1 
ATOM   34   C  CE2 . PHE A 1 4   ? -1.198  -10.783 4.015   1.00 13.00 ? 4    PHE A CE2 1 
ATOM   35   C  CZ  . PHE A 1 4   ? -2.272  -10.731 4.921   1.00 12.87 ? 4    PHE A CZ  1 
ATOM   36   N  N   . GLU A 1 5   ? -4.081  -10.567 -2.187  1.00 10.36 ? 5    GLU A N   1 
ATOM   37   C  CA  . GLU A 1 5   ? -3.998  -10.771 -3.634  1.00 10.55 ? 5    GLU A CA  1 
ATOM   38   C  C   . GLU A 1 5   ? -3.930  -9.428  -4.376  1.00 10.48 ? 5    GLU A C   1 
ATOM   39   O  O   . GLU A 1 5   ? -3.231  -9.301  -5.376  1.00 10.73 ? 5    GLU A O   1 
ATOM   40   C  CB  . GLU A 1 5   ? -5.161  -11.608 -4.152  1.00 10.61 ? 5    GLU A CB  1 
ATOM   41   C  CG  . GLU A 1 5   ? -5.191  -13.015 -3.594  1.00 11.82 ? 5    GLU A CG  1 
ATOM   42   C  CD  . GLU A 1 5   ? -6.246  -13.880 -4.252  1.00 14.47 ? 5    GLU A CD  1 
ATOM   43   O  OE1 . GLU A 1 5   ? -6.785  -13.480 -5.307  1.00 16.37 ? 5    GLU A OE1 1 
ATOM   44   O  OE2 . GLU A 1 5   ? -6.529  -14.981 -3.728  1.00 15.79 ? 5    GLU A OE2 1 
ATOM   45   N  N   . MET A 1 6   ? -4.650  -8.444  -3.844  1.00 10.20 ? 6    MET A N   1 
ATOM   46   C  CA  . MET A 1 6   ? -4.726  -7.110  -4.418  1.00 10.13 ? 6    MET A CA  1 
ATOM   47   C  C   . MET A 1 6   ? -3.354  -6.434  -4.381  1.00 10.00 ? 6    MET A C   1 
ATOM   48   O  O   . MET A 1 6   ? -2.866  -5.944  -5.404  1.00 10.13 ? 6    MET A O   1 
ATOM   49   C  CB  . MET A 1 6   ? -5.745  -6.291  -3.630  1.00 9.92  ? 6    MET A CB  1 
ATOM   50   C  CG  . MET A 1 6   ? -5.995  -4.907  -4.191  1.00 10.38 ? 6    MET A CG  1 
ATOM   51   S  SD  . MET A 1 6   ? -6.731  -3.903  -2.908  1.00 10.54 ? 6    MET A SD  1 
ATOM   52   C  CE  . MET A 1 6   ? -7.477  -2.558  -3.840  1.00 11.04 ? 6    MET A CE  1 
ATOM   53   N  N   . LEU A 1 7   ? -2.734  -6.413  -3.199  1.00 10.16 ? 7    LEU A N   1 
ATOM   54   C  CA  . LEU A 1 7   ? -1.412  -5.805  -3.054  1.00 10.16 ? 7    LEU A CA  1 
ATOM   55   C  C   . LEU A 1 7   ? -0.333  -6.599  -3.777  1.00 10.37 ? 7    LEU A C   1 
ATOM   56   O  O   . LEU A 1 7   ? 0.611   -5.987  -4.273  1.00 10.37 ? 7    LEU A O   1 
ATOM   57   C  CB  . LEU A 1 7   ? -1.046  -5.575  -1.584  1.00 10.32 ? 7    LEU A CB  1 
ATOM   58   C  CG  . LEU A 1 7   ? -1.662  -4.310  -0.985  1.00 10.16 ? 7    LEU A CG  1 
ATOM   59   C  CD1 . LEU A 1 7   ? -1.590  -4.317  0.537   1.00 10.74 ? 7    LEU A CD1 1 
ATOM   60   C  CD2 . LEU A 1 7   ? -0.980  -3.047  -1.527  1.00 10.80 ? 7    LEU A CD2 1 
ATOM   61   N  N   . ARG A 1 8   ? -0.483  -7.925  -3.844  1.00 10.65 ? 8    ARG A N   1 
ATOM   62   C  CA  . ARG A 1 8   ? 0.457   -8.758  -4.619  1.00 10.88 ? 8    ARG A CA  1 
ATOM   63   C  C   . ARG A 1 8   ? 0.457   -8.327  -6.095  1.00 11.14 ? 8    ARG A C   1 
ATOM   64   O  O   . ARG A 1 8   ? 1.521   -8.227  -6.721  1.00 11.22 ? 8    ARG A O   1 
ATOM   65   C  CB  . ARG A 1 8   ? 0.140   -10.252 -4.455  1.00 11.19 ? 8    ARG A CB  1 
ATOM   66   C  CG  . ARG A 1 8   ? 0.896   -11.211 -5.369  1.00 12.34 ? 8    ARG A CG  1 
ATOM   67   C  CD  . ARG A 1 8   ? 2.409   -11.127 -5.226  1.00 13.72 ? 8    ARG A CD  1 
ATOM   68   N  NE  . ARG A 1 8   ? 3.045   -11.990 -6.219  1.00 15.37 ? 8    ARG A NE  1 
ATOM   69   C  CZ  . ARG A 1 8   ? 3.325   -11.651 -7.479  1.00 16.05 ? 8    ARG A CZ  1 
ATOM   70   N  NH1 . ARG A 1 8   ? 3.050   -10.444 -7.968  1.00 16.99 ? 8    ARG A NH1 1 
ATOM   71   N  NH2 . ARG A 1 8   ? 3.901   -12.544 -8.277  1.00 16.96 ? 8    ARG A NH2 1 
ATOM   72   N  N   . ILE A 1 9   ? -0.732  -8.053  -6.634  1.00 11.04 ? 9    ILE A N   1 
ATOM   73   C  CA  . ILE A 1 9   ? -0.861  -7.541  -8.000  1.00 11.07 ? 9    ILE A CA  1 
ATOM   74   C  C   . ILE A 1 9   ? -0.204  -6.160  -8.143  1.00 10.97 ? 9    ILE A C   1 
ATOM   75   O  O   . ILE A 1 9   ? 0.589   -5.935  -9.064  1.00 11.46 ? 9    ILE A O   1 
ATOM   76   C  CB  . ILE A 1 9   ? -2.338  -7.547  -8.466  1.00 11.16 ? 9    ILE A CB  1 
ATOM   77   C  CG1 . ILE A 1 9   ? -2.767  -8.977  -8.814  1.00 11.90 ? 9    ILE A CG1 1 
ATOM   78   C  CG2 . ILE A 1 9   ? -2.557  -6.630  -9.676  1.00 11.78 ? 9    ILE A CG2 1 
ATOM   79   C  CD1 . ILE A 1 9   ? -4.288  -9.185  -8.817  1.00 12.56 ? 9    ILE A CD1 1 
ATOM   80   N  N   . ASP A 1 10  ? -0.531  -5.255  -7.224  1.00 10.95 ? 10   ASP A N   1 
ATOM   81   C  CA  . ASP A 1 10  ? -0.042  -3.878  -7.292  1.00 11.21 ? 10   ASP A CA  1 
ATOM   82   C  C   . ASP A 1 10  ? 1.439   -3.688  -6.999  1.00 11.61 ? 10   ASP A C   1 
ATOM   83   O  O   . ASP A 1 10  ? 2.045   -2.748  -7.528  1.00 12.37 ? 10   ASP A O   1 
ATOM   84   C  CB  . ASP A 1 10  ? -0.853  -2.966  -6.371  1.00 10.93 ? 10   ASP A CB  1 
ATOM   85   C  CG  . ASP A 1 10  ? -2.256  -2.698  -6.895  1.00 10.93 ? 10   ASP A CG  1 
ATOM   86   O  OD1 . ASP A 1 10  ? -2.516  -2.828  -8.113  1.00 10.24 ? 10   ASP A OD1 1 
ATOM   87   O  OD2 . ASP A 1 10  ? -3.119  -2.343  -6.067  1.00 10.97 ? 10   ASP A OD2 1 
ATOM   88   N  N   . GLU A 1 11  ? 2.008   -4.565  -6.173  1.00 11.88 ? 11   GLU A N   1 
ATOM   89   C  CA  . GLU A 1 11  ? 3.408   -4.426  -5.750  1.00 11.89 ? 11   GLU A CA  1 
ATOM   90   C  C   . GLU A 1 11  ? 4.396   -5.361  -6.440  1.00 12.19 ? 11   GLU A C   1 
ATOM   91   O  O   . GLU A 1 11  ? 5.595   -5.073  -6.461  1.00 12.19 ? 11   GLU A O   1 
ATOM   92   C  CB  . GLU A 1 11  ? 3.536   -4.593  -4.230  1.00 12.21 ? 11   GLU A CB  1 
ATOM   93   C  CG  . GLU A 1 11  ? 2.802   -3.527  -3.423  1.00 13.02 ? 11   GLU A CG  1 
ATOM   94   C  CD  . GLU A 1 11  ? 3.364   -2.107  -3.558  1.00 14.04 ? 11   GLU A CD  1 
ATOM   95   O  OE1 . GLU A 1 11  ? 4.437   -1.884  -4.169  1.00 15.04 ? 11   GLU A OE1 1 
ATOM   96   O  OE2 . GLU A 1 11  ? 2.718   -1.183  -3.025  1.00 14.32 ? 11   GLU A OE2 1 
ATOM   97   N  N   . GLY A 1 12  ? 3.895   -6.460  -6.996  1.00 12.14 ? 12   GLY A N   1 
ATOM   98   C  CA  . GLY A 1 12  ? 4.730   -7.470  -7.650  1.00 12.73 ? 12   GLY A CA  1 
ATOM   99   C  C   . GLY A 1 12  ? 5.496   -8.301  -6.637  1.00 12.67 ? 12   GLY A C   1 
ATOM   100  O  O   . GLY A 1 12  ? 5.276   -8.169  -5.429  1.00 13.08 ? 12   GLY A O   1 
ATOM   101  N  N   . LEU A 1 13  ? 6.389   -9.156  -7.137  1.00 12.89 ? 13   LEU A N   1 
ATOM   102  C  CA  . LEU A 1 13  ? 7.234   -9.993  -6.277  1.00 12.95 ? 13   LEU A CA  1 
ATOM   103  C  C   . LEU A 1 13  ? 8.622   -10.074 -6.885  1.00 12.99 ? 13   LEU A C   1 
ATOM   104  O  O   . LEU A 1 13  ? 8.785   -10.564 -8.010  1.00 13.14 ? 13   LEU A O   1 
ATOM   105  C  CB  . LEU A 1 13  ? 6.634   -11.394 -6.053  1.00 12.92 ? 13   LEU A CB  1 
ATOM   106  C  CG  . LEU A 1 13  ? 7.515   -12.467 -5.390  1.00 13.16 ? 13   LEU A CG  1 
ATOM   107  C  CD1 . LEU A 1 13  ? 7.855   -12.140 -3.950  1.00 13.35 ? 13   LEU A CD1 1 
ATOM   108  C  CD2 . LEU A 1 13  ? 6.888   -13.856 -5.439  1.00 13.67 ? 13   LEU A CD2 1 
ATOM   109  N  N   . ARG A 1 14  ? 9.602   -9.579  -6.128  1.00 12.91 ? 14   ARG A N   1 
ATOM   110  C  CA  . ARG A 1 14  ? 11.013  -9.574  -6.524  1.00 13.28 ? 14   ARG A CA  1 
ATOM   111  C  C   . ARG A 1 14  ? 11.845  -10.002 -5.322  1.00 12.97 ? 14   ARG A C   1 
ATOM   112  O  O   . ARG A 1 14  ? 11.614  -9.539  -4.201  1.00 12.70 ? 14   ARG A O   1 
ATOM   113  C  CB  . ARG A 1 14  ? 11.447  -8.204  -7.057  1.00 12.95 ? 14   ARG A CB  1 
ATOM   114  C  CG  . ARG A 1 14  ? 10.630  -7.801  -8.294  1.00 13.76 ? 14   ARG A CG  1 
ATOM   115  C  CD  . ARG A 1 14  ? 11.018  -6.513  -8.974  1.00 14.26 ? 14   ARG A CD  1 
ATOM   116  N  NE  . ARG A 1 14  ? 12.373  -6.590  -9.515  1.00 16.65 ? 14   ARG A NE  1 
ATOM   117  C  CZ  . ARG A 1 14  ? 12.962  -5.614  -10.198 1.00 16.69 ? 14   ARG A CZ  1 
ATOM   118  N  NH1 . ARG A 1 14  ? 12.324  -4.479  -10.437 1.00 17.78 ? 14   ARG A NH1 1 
ATOM   119  N  NH2 . ARG A 1 14  ? 14.200  -5.776  -10.639 1.00 19.13 ? 14   ARG A NH2 1 
ATOM   120  N  N   . LEU A 1 15  ? 12.805  -10.893 -5.563  1.00 13.18 ? 15   LEU A N   1 
ATOM   121  C  CA  . LEU A 1 15  ? 13.602  -11.482 -4.488  1.00 13.49 ? 15   LEU A CA  1 
ATOM   122  C  C   . LEU A 1 15  ? 14.960  -10.841 -4.240  1.00 13.65 ? 15   LEU A C   1 
ATOM   123  O  O   . LEU A 1 15  ? 15.666  -11.232 -3.303  1.00 13.99 ? 15   LEU A O   1 
ATOM   124  C  CB  . LEU A 1 15  ? 13.727  -13.002 -4.707  1.00 13.49 ? 15   LEU A CB  1 
ATOM   125  C  CG  . LEU A 1 15  ? 12.421  -13.813 -4.778  1.00 14.06 ? 15   LEU A CG  1 
ATOM   126  C  CD1 . LEU A 1 15  ? 12.758  -15.295 -4.979  1.00 14.75 ? 15   LEU A CD1 1 
ATOM   127  C  CD2 . LEU A 1 15  ? 11.505  -13.626 -3.569  1.00 14.16 ? 15   LEU A CD2 1 
ATOM   128  N  N   . LYS A 1 16  ? 15.307  -9.859  -5.071  1.00 13.97 ? 16   LYS A N   1 
ATOM   129  C  CA  . LYS A 1 16  ? 16.537  -9.089  -4.942  1.00 14.25 ? 16   LYS A CA  1 
ATOM   130  C  C   . LYS A 1 16  ? 16.158  -7.628  -4.723  1.00 13.90 ? 16   LYS A C   1 
ATOM   131  O  O   . LYS A 1 16  ? 15.139  -7.163  -5.253  1.00 13.70 ? 16   LYS A O   1 
ATOM   132  C  CB  . LYS A 1 16  ? 17.412  -9.207  -6.191  1.00 14.94 ? 16   LYS A CB  1 
ATOM   133  C  CG  . LYS A 1 16  ? 17.848  -10.619 -6.540  1.00 17.06 ? 16   LYS A CG  1 
ATOM   134  C  CD  . LYS A 1 16  ? 18.449  -10.676 -7.943  1.00 20.01 ? 16   LYS A CD  1 
ATOM   135  C  CE  . LYS A 1 16  ? 18.807  -12.099 -8.344  0.80 21.25 ? 16   LYS A CE  1 
ATOM   136  N  NZ  . LYS A 1 16  ? 19.371  -12.180 -9.731  0.80 22.91 ? 16   LYS A NZ  1 
ATOM   137  N  N   . ILE A 1 17  ? 16.970  -6.908  -3.955  1.00 13.50 ? 17   ILE A N   1 
ATOM   138  C  CA  . ILE A 1 17  ? 16.753  -5.474  -3.733  1.00 13.43 ? 17   ILE A CA  1 
ATOM   139  C  C   . ILE A 1 17  ? 16.649  -4.769  -5.085  1.00 13.29 ? 17   ILE A C   1 
ATOM   140  O  O   . ILE A 1 17  ? 17.478  -4.975  -5.978  1.00 13.75 ? 17   ILE A O   1 
ATOM   141  C  CB  . ILE A 1 17  ? 17.883  -4.807  -2.898  1.00 13.36 ? 17   ILE A CB  1 
ATOM   142  C  CG1 . ILE A 1 17  ? 17.938  -5.383  -1.476  1.00 13.34 ? 17   ILE A CG1 1 
ATOM   143  C  CG2 . ILE A 1 17  ? 17.728  -3.273  -2.860  1.00 14.22 ? 17   ILE A CG2 1 
ATOM   144  C  CD1 . ILE A 1 17  ? 19.091  -4.838  -0.624  1.00 13.45 ? 17   ILE A CD1 1 
ATOM   145  N  N   . TYR A 1 18  ? 15.604  -3.955  -5.213  1.00 13.04 ? 18   TYR A N   1 
ATOM   146  C  CA  . TYR A 1 18  ? 15.352  -3.174  -6.415  1.00 12.83 ? 18   TYR A CA  1 
ATOM   147  C  C   . TYR A 1 18  ? 14.825  -1.799  -6.013  1.00 12.61 ? 18   TYR A C   1 
ATOM   148  O  O   . TYR A 1 18  ? 14.487  -1.572  -4.854  1.00 12.30 ? 18   TYR A O   1 
ATOM   149  C  CB  . TYR A 1 18  ? 14.348  -3.913  -7.309  1.00 13.37 ? 18   TYR A CB  1 
ATOM   150  C  CG  . TYR A 1 18  ? 12.923  -3.917  -6.793  1.00 13.39 ? 18   TYR A CG  1 
ATOM   151  C  CD1 . TYR A 1 18  ? 12.486  -4.860  -5.850  1.00 13.66 ? 18   TYR A CD1 1 
ATOM   152  C  CD2 . TYR A 1 18  ? 12.008  -2.968  -7.267  1.00 14.65 ? 18   TYR A CD2 1 
ATOM   153  C  CE1 . TYR A 1 18  ? 11.165  -4.846  -5.391  1.00 13.67 ? 18   TYR A CE1 1 
ATOM   154  C  CE2 . TYR A 1 18  ? 10.693  -2.943  -6.813  1.00 14.23 ? 18   TYR A CE2 1 
ATOM   155  C  CZ  . TYR A 1 18  ? 10.285  -3.880  -5.881  1.00 13.82 ? 18   TYR A CZ  1 
ATOM   156  O  OH  . TYR A 1 18  ? 8.985   -3.855  -5.440  1.00 15.38 ? 18   TYR A OH  1 
ATOM   157  N  N   . LYS A 1 19  ? 14.759  -0.881  -6.971  1.00 12.28 ? 19   LYS A N   1 
ATOM   158  C  CA  . LYS A 1 19  ? 14.198  0.446   -6.725  1.00 12.39 ? 19   LYS A CA  1 
ATOM   159  C  C   . LYS A 1 19  ? 12.730  0.496   -7.119  1.00 12.37 ? 19   LYS A C   1 
ATOM   160  O  O   . LYS A 1 19  ? 12.366  0.079   -8.232  1.00 12.48 ? 19   LYS A O   1 
ATOM   161  C  CB  . LYS A 1 19  ? 14.984  1.521   -7.471  1.00 12.57 ? 19   LYS A CB  1 
ATOM   162  C  CG  . LYS A 1 19  ? 16.393  1.683   -6.947  1.00 12.99 ? 19   LYS A CG  1 
ATOM   163  C  CD  . LYS A 1 19  ? 17.064  2.870   -7.619  1.00 13.84 ? 19   LYS A CD  1 
ATOM   164  C  CE  . LYS A 1 19  ? 18.502  3.005   -7.172  1.00 13.65 ? 19   LYS A CE  1 
ATOM   165  N  NZ  . LYS A 1 19  ? 19.090  4.213   -7.831  1.00 14.32 ? 19   LYS A NZ  1 
ATOM   166  N  N   . ASP A 1 20  ? 11.917  1.018   -6.199  1.00 12.35 ? 20   ASP A N   1 
ATOM   167  C  CA  . ASP A 1 20  ? 10.471  1.118   -6.407  1.00 12.46 ? 20   ASP A CA  1 
ATOM   168  C  C   . ASP A 1 20  ? 10.163  2.287   -7.354  1.00 12.42 ? 20   ASP A C   1 
ATOM   169  O  O   . ASP A 1 20  ? 11.082  2.894   -7.914  1.00 12.09 ? 20   ASP A O   1 
ATOM   170  C  CB  . ASP A 1 20  ? 9.708   1.173   -5.065  1.00 12.99 ? 20   ASP A CB  1 
ATOM   171  C  CG  . ASP A 1 20  ? 9.840   2.508   -4.328  1.00 13.27 ? 20   ASP A CG  1 
ATOM   172  O  OD1 . ASP A 1 20  ? 10.475  3.452   -4.832  1.00 13.02 ? 20   ASP A OD1 1 
ATOM   173  O  OD2 . ASP A 1 20  ? 9.296   2.644   -3.210  1.00 15.45 ? 20   ASP A OD2 1 
ATOM   174  N  N   . THR A 1 21  ? 8.878   2.613   -7.511  1.00 12.68 ? 21   THR A N   1 
ATOM   175  C  CA  . THR A 1 21  ? 8.459   3.685   -8.436  1.00 13.26 ? 21   THR A CA  1 
ATOM   176  C  C   . THR A 1 21  ? 8.987   5.062   -8.042  1.00 13.36 ? 21   THR A C   1 
ATOM   177  O  O   . THR A 1 21  ? 9.063   5.957   -8.881  1.00 13.26 ? 21   THR A O   1 
ATOM   178  C  CB  . THR A 1 21  ? 6.917   3.781   -8.598  1.00 13.44 ? 21   THR A CB  1 
ATOM   179  O  OG1 . THR A 1 21  ? 6.314   4.230   -7.376  1.00 14.35 ? 21   THR A OG1 1 
ATOM   180  C  CG2 . THR A 1 21  ? 6.307   2.449   -9.010  1.00 14.87 ? 21   THR A CG2 1 
ATOM   181  N  N   . GLU A 1 22  ? 9.336   5.208   -6.767  1.00 13.52 ? 22   GLU A N   1 
ATOM   182  C  CA  . GLU A 1 22  ? 9.881   6.457   -6.241  1.00 13.79 ? 22   GLU A CA  1 
ATOM   183  C  C   . GLU A 1 22  ? 11.408  6.464   -6.208  1.00 13.60 ? 22   GLU A C   1 
ATOM   184  O  O   . GLU A 1 22  ? 12.002  7.459   -5.786  1.00 13.78 ? 22   GLU A O   1 
ATOM   185  C  CB  . GLU A 1 22  ? 9.303   6.729   -4.850  1.00 14.17 ? 22   GLU A CB  1 
ATOM   186  C  CG  . GLU A 1 22  ? 7.803   7.067   -4.838  1.00 15.95 ? 22   GLU A CG  1 
ATOM   187  C  CD  . GLU A 1 22  ? 7.446   8.410   -5.468  1.00 19.34 ? 22   GLU A CD  1 
ATOM   188  O  OE1 . GLU A 1 22  ? 8.285   9.338   -5.501  1.00 22.14 ? 22   GLU A OE1 1 
ATOM   189  O  OE2 . GLU A 1 22  ? 6.295   8.551   -5.933  1.00 21.53 ? 22   GLU A OE2 1 
ATOM   190  N  N   . GLY A 1 23  ? 12.024  5.368   -6.653  1.00 13.35 ? 23   GLY A N   1 
ATOM   191  C  CA  . GLY A 1 23  ? 13.473  5.227   -6.668  1.00 13.29 ? 23   GLY A CA  1 
ATOM   192  C  C   . GLY A 1 23  ? 14.063  4.740   -5.358  1.00 13.33 ? 23   GLY A C   1 
ATOM   193  O  O   . GLY A 1 23  ? 15.282  4.816   -5.177  1.00 13.45 ? 23   GLY A O   1 
ATOM   194  N  N   . TYR A 1 24  ? 13.215  4.224   -4.465  1.00 13.23 ? 24   TYR A N   1 
ATOM   195  C  CA  . TYR A 1 24  ? 13.650  3.757   -3.147  1.00 13.28 ? 24   TYR A CA  1 
ATOM   196  C  C   . TYR A 1 24  ? 13.872  2.254   -3.079  1.00 12.84 ? 24   TYR A C   1 
ATOM   197  O  O   . TYR A 1 24  ? 13.099  1.475   -3.642  1.00 12.66 ? 24   TYR A O   1 
ATOM   198  C  CB  . TYR A 1 24  ? 12.649  4.159   -2.057  1.00 13.95 ? 24   TYR A CB  1 
ATOM   199  C  CG  . TYR A 1 24  ? 12.398  5.648   -1.920  1.00 15.18 ? 24   TYR A CG  1 
ATOM   200  C  CD1 . TYR A 1 24  ? 13.462  6.561   -1.911  1.00 16.51 ? 24   TYR A CD1 1 
ATOM   201  C  CD2 . TYR A 1 24  ? 11.099  6.135   -1.774  1.00 16.05 ? 24   TYR A CD2 1 
ATOM   202  C  CE1 . TYR A 1 24  ? 13.234  7.940   -1.781  1.00 17.21 ? 24   TYR A CE1 1 
ATOM   203  C  CE2 . TYR A 1 24  ? 10.859  7.506   -1.639  1.00 16.27 ? 24   TYR A CE2 1 
ATOM   204  C  CZ  . TYR A 1 24  ? 11.928  8.392   -1.646  1.00 17.02 ? 24   TYR A CZ  1 
ATOM   205  O  OH  . TYR A 1 24  ? 11.684  9.745   -1.508  1.00 18.13 ? 24   TYR A OH  1 
ATOM   206  N  N   . TYR A 1 25  ? 14.938  1.864   -2.388  1.00 12.50 ? 25   TYR A N   1 
ATOM   207  C  CA  . TYR A 1 25  ? 15.260  0.444   -2.236  1.00 12.36 ? 25   TYR A CA  1 
ATOM   208  C  C   . TYR A 1 25  ? 14.152  -0.321  -1.528  1.00 11.77 ? 25   TYR A C   1 
ATOM   209  O  O   . TYR A 1 25  ? 13.683  0.061   -0.445  1.00 11.66 ? 25   TYR A O   1 
ATOM   210  C  CB  . TYR A 1 25  ? 16.586  0.263   -1.513  1.00 12.91 ? 25   TYR A CB  1 
ATOM   211  C  CG  . TYR A 1 25  ? 17.755  0.775   -2.321  1.00 13.49 ? 25   TYR A CG  1 
ATOM   212  C  CD1 . TYR A 1 25  ? 18.078  0.202   -3.553  1.00 13.81 ? 25   TYR A CD1 1 
ATOM   213  C  CD2 . TYR A 1 25  ? 18.541  1.823   -1.839  1.00 14.25 ? 25   TYR A CD2 1 
ATOM   214  C  CE1 . TYR A 1 25  ? 19.165  0.667   -4.303  1.00 15.02 ? 25   TYR A CE1 1 
ATOM   215  C  CE2 . TYR A 1 25  ? 19.620  2.298   -2.579  1.00 15.16 ? 25   TYR A CE2 1 
ATOM   216  C  CZ  . TYR A 1 25  ? 19.923  1.712   -3.795  1.00 14.79 ? 25   TYR A CZ  1 
ATOM   217  O  OH  . TYR A 1 25  ? 20.990  2.180   -4.523  1.00 16.39 ? 25   TYR A OH  1 
ATOM   218  N  N   . THR A 1 26  ? 13.764  -1.397  -2.203  1.00 11.35 ? 26   THR A N   1 
ATOM   219  C  CA  . THR A 1 26  ? 12.617  -2.234  -1.870  1.00 11.31 ? 26   THR A CA  1 
ATOM   220  C  C   . THR A 1 26  ? 12.959  -3.691  -2.153  1.00 11.22 ? 26   THR A C   1 
ATOM   221  O  O   . THR A 1 26  ? 13.880  -3.984  -2.918  1.00 10.91 ? 26   THR A O   1 
ATOM   222  C  CB  . THR A 1 26  ? 11.419  -1.741  -2.742  1.00 11.31 ? 26   THR A CB  1 
ATOM   223  O  OG1 . THR A 1 26  ? 11.155  -0.368  -2.439  1.00 11.77 ? 26   THR A OG1 1 
ATOM   224  C  CG2 . THR A 1 26  ? 10.102  -2.524  -2.552  1.00 11.39 ? 26   THR A CG2 1 
ATOM   225  N  N   . ILE A 1 27  ? 12.232  -4.610  -1.527  1.00 11.17 ? 27   ILE A N   1 
ATOM   226  C  CA  . ILE A 1 27  ? 12.370  -6.039  -1.815  1.00 11.37 ? 27   ILE A CA  1 
ATOM   227  C  C   . ILE A 1 27  ? 11.030  -6.731  -1.586  1.00 11.36 ? 27   ILE A C   1 
ATOM   228  O  O   . ILE A 1 27  ? 10.133  -6.148  -0.972  1.00 11.26 ? 27   ILE A O   1 
ATOM   229  C  CB  . ILE A 1 27  ? 13.507  -6.696  -0.972  1.00 11.53 ? 27   ILE A CB  1 
ATOM   230  C  CG1 . ILE A 1 27  ? 14.016  -7.991  -1.631  1.00 11.76 ? 27   ILE A CG1 1 
ATOM   231  C  CG2 . ILE A 1 27  ? 13.070  -6.883  0.489   1.00 11.40 ? 27   ILE A CG2 1 
ATOM   232  C  CD1 . ILE A 1 27  ? 15.334  -8.517  -1.069  1.00 11.43 ? 27   ILE A CD1 1 
ATOM   233  N  N   . GLY A 1 28  ? 10.908  -7.953  -2.094  1.00 11.33 ? 28   GLY A N   1 
ATOM   234  C  CA  . GLY A 1 28  ? 9.747   -8.800  -1.816  1.00 11.36 ? 28   GLY A CA  1 
ATOM   235  C  C   . GLY A 1 28  ? 8.505   -8.282  -2.503  1.00 11.41 ? 28   GLY A C   1 
ATOM   236  O  O   . GLY A 1 28  ? 8.529   -8.008  -3.700  1.00 11.55 ? 28   GLY A O   1 
ATOM   237  N  N   . ILE A 1 29  ? 7.435   -8.144  -1.724  1.00 11.19 ? 29   ILE A N   1 
ATOM   238  C  CA  . ILE A 1 29  ? 6.145   -7.654  -2.211  1.00 11.34 ? 29   ILE A CA  1 
ATOM   239  C  C   . ILE A 1 29  ? 5.974   -6.226  -1.684  1.00 11.19 ? 29   ILE A C   1 
ATOM   240  O  O   . ILE A 1 29  ? 5.239   -5.951  -0.731  1.00 11.15 ? 29   ILE A O   1 
ATOM   241  C  CB  . ILE A 1 29  ? 4.984   -8.621  -1.831  1.00 11.25 ? 29   ILE A CB  1 
ATOM   242  C  CG1 . ILE A 1 29  ? 5.317   -10.041 -2.299  1.00 11.47 ? 29   ILE A CG1 1 
ATOM   243  C  CG2 . ILE A 1 29  ? 3.647   -8.142  -2.435  1.00 11.47 ? 29   ILE A CG2 1 
ATOM   244  C  CD1 . ILE A 1 29  ? 4.458   -11.157 -1.710  1.00 11.83 ? 29   ILE A CD1 1 
ATOM   245  N  N   . GLY A 1 30  ? 6.693   -5.304  -2.321  1.00 11.07 ? 30   GLY A N   1 
ATOM   246  C  CA  . GLY A 1 30  ? 6.624   -3.900  -1.938  1.00 10.96 ? 30   GLY A CA  1 
ATOM   247  C  C   . GLY A 1 30  ? 7.102   -3.595  -0.529  1.00 10.96 ? 30   GLY A C   1 
ATOM   248  O  O   . GLY A 1 30  ? 6.575   -2.693  0.119   1.00 11.31 ? 30   GLY A O   1 
ATOM   249  N  N   . HIS A 1 31  ? 8.086   -4.350  -0.046  1.00 11.10 ? 31   HIS A N   1 
ATOM   250  C  CA  . HIS A 1 31  ? 8.633   -4.026  1.267   1.00 11.16 ? 31   HIS A CA  1 
ATOM   251  C  C   . HIS A 1 31  ? 9.677   -2.916  1.116   1.00 11.58 ? 31   HIS A C   1 
ATOM   252  O  O   . HIS A 1 31  ? 10.794  -3.159  0.669   1.00 11.56 ? 31   HIS A O   1 
ATOM   253  C  CB  . HIS A 1 31  ? 9.228   -5.232  2.013   1.00 11.12 ? 31   HIS A CB  1 
ATOM   254  C  CG  . HIS A 1 31  ? 9.792   -4.833  3.338   1.00 11.42 ? 31   HIS A CG  1 
ATOM   255  N  ND1 . HIS A 1 31  ? 9.005   -4.692  4.459   1.00 12.28 ? 31   HIS A ND1 1 
ATOM   256  C  CD2 . HIS A 1 31  ? 11.048  -4.493  3.714   1.00 13.02 ? 31   HIS A CD2 1 
ATOM   257  C  CE1 . HIS A 1 31  ? 9.755   -4.301  5.475   1.00 11.95 ? 31   HIS A CE1 1 
ATOM   258  N  NE2 . HIS A 1 31  ? 10.999  -4.171  5.046   1.00 12.69 ? 31   HIS A NE2 1 
ATOM   259  N  N   . LEU A 1 32  ? 9.294   -1.703  1.506   1.00 11.81 ? 32   LEU A N   1 
ATOM   260  C  CA  . LEU A 1 32  ? 10.194  -0.554  1.458   1.00 12.49 ? 32   LEU A CA  1 
ATOM   261  C  C   . LEU A 1 32  ? 11.268  -0.731  2.524   1.00 12.74 ? 32   LEU A C   1 
ATOM   262  O  O   . LEU A 1 32  ? 10.950  -0.896  3.708   1.00 13.03 ? 32   LEU A O   1 
ATOM   263  C  CB  . LEU A 1 32  ? 9.408   0.737   1.683   1.00 12.46 ? 32   LEU A CB  1 
ATOM   264  C  CG  . LEU A 1 32  ? 10.185  2.051   1.766   1.00 12.38 ? 32   LEU A CG  1 
ATOM   265  C  CD1 . LEU A 1 32  ? 10.930  2.350   0.468   1.00 13.35 ? 32   LEU A CD1 1 
ATOM   266  C  CD2 . LEU A 1 32  ? 9.226   3.175   2.158   1.00 13.09 ? 32   LEU A CD2 1 
ATOM   267  N  N   . LEU A 1 33  ? 12.526  -0.709  2.095   1.00 12.94 ? 33   LEU A N   1 
ATOM   268  C  CA  . LEU A 1 33  ? 13.648  -0.869  3.023   1.00 13.54 ? 33   LEU A CA  1 
ATOM   269  C  C   . LEU A 1 33  ? 14.101  0.441   3.664   1.00 14.06 ? 33   LEU A C   1 
ATOM   270  O  O   . LEU A 1 33  ? 14.286  0.513   4.887   1.00 14.66 ? 33   LEU A O   1 
ATOM   271  C  CB  . LEU A 1 33  ? 14.820  -1.577  2.325   1.00 13.16 ? 33   LEU A CB  1 
ATOM   272  C  CG  . LEU A 1 33  ? 14.584  -3.054  1.976   1.00 13.30 ? 33   LEU A CG  1 
ATOM   273  C  CD1 . LEU A 1 33  ? 15.621  -3.559  0.974   1.00 13.23 ? 33   LEU A CD1 1 
ATOM   274  C  CD2 . LEU A 1 33  ? 14.578  -3.915  3.247   1.00 12.68 ? 33   LEU A CD2 1 
ATOM   275  N  N   . THR A 1 34  ? 14.268  1.475   2.841   1.00 14.79 ? 34   THR A N   1 
ATOM   276  C  CA  . THR A 1 34  ? 14.756  2.779   3.282   1.00 15.68 ? 34   THR A CA  1 
ATOM   277  C  C   . THR A 1 34  ? 14.601  3.792   2.163   1.00 16.28 ? 34   THR A C   1 
ATOM   278  O  O   . THR A 1 34  ? 14.520  3.418   0.987   1.00 16.16 ? 34   THR A O   1 
ATOM   279  C  CB  . THR A 1 34  ? 16.257  2.713   3.691   1.00 15.88 ? 34   THR A CB  1 
ATOM   280  O  OG1 . THR A 1 34  ? 16.687  4.003   4.145   1.00 16.52 ? 34   THR A OG1 1 
ATOM   281  C  CG2 . THR A 1 34  ? 17.144  2.237   2.529   1.00 15.48 ? 34   THR A CG2 1 
ATOM   282  N  N   . LYS A 1 35  ? 14.566  5.066   2.538   1.00 17.03 ? 35   LYS A N   1 
ATOM   283  C  CA  . LYS A 1 35  ? 14.545  6.138   1.540   1.00 18.20 ? 35   LYS A CA  1 
ATOM   284  C  C   . LYS A 1 35  ? 15.969  6.624   1.239   1.00 18.63 ? 35   LYS A C   1 
ATOM   285  O  O   . LYS A 1 35  ? 16.178  7.454   0.341   1.00 18.96 ? 35   LYS A O   1 
ATOM   286  C  CB  . LYS A 1 35  ? 13.593  7.265   1.961   1.00 18.20 ? 35   LYS A CB  1 
ATOM   287  C  CG  . LYS A 1 35  ? 12.145  6.805   1.900   1.00 18.42 ? 35   LYS A CG  1 
ATOM   288  C  CD  . LYS A 1 35  ? 11.119  7.880   2.211   1.00 19.10 ? 35   LYS A CD  1 
ATOM   289  C  CE  . LYS A 1 35  ? 9.737   7.255   2.058   1.00 20.41 ? 35   LYS A CE  1 
ATOM   290  N  NZ  . LYS A 1 35  ? 8.607   8.181   2.365   1.00 22.19 ? 35   LYS A NZ  1 
ATOM   291  N  N   . SER A 1 36  ? 16.940  6.098   1.988   1.00 18.96 ? 36   SER A N   1 
ATOM   292  C  CA  . SER A 1 36  ? 18.364  6.406   1.816   1.00 19.19 ? 36   SER A CA  1 
ATOM   293  C  C   . SER A 1 36  ? 18.895  5.975   0.445   1.00 19.10 ? 36   SER A C   1 
ATOM   294  O  O   . SER A 1 36  ? 18.547  4.892   -0.025  1.00 18.98 ? 36   SER A O   1 
ATOM   295  C  CB  . SER A 1 36  ? 19.192  5.736   2.917   1.00 19.17 ? 36   SER A CB  1 
ATOM   296  O  OG  . SER A 1 36  ? 20.589  5.851   2.666   1.00 20.36 ? 36   SER A OG  1 
ATOM   297  N  N   . PRO A 1 37  ? 19.738  6.814   -0.200  1.00 19.10 ? 37   PRO A N   1 
ATOM   298  C  CA  . PRO A 1 37  ? 20.302  6.394   -1.483  1.00 19.11 ? 37   PRO A CA  1 
ATOM   299  C  C   . PRO A 1 37  ? 21.446  5.382   -1.344  1.00 18.95 ? 37   PRO A C   1 
ATOM   300  O  O   . PRO A 1 37  ? 22.041  4.985   -2.344  1.00 19.00 ? 37   PRO A O   1 
ATOM   301  C  CB  . PRO A 1 37  ? 20.811  7.709   -2.087  1.00 19.18 ? 37   PRO A CB  1 
ATOM   302  C  CG  . PRO A 1 37  ? 21.201  8.511   -0.914  1.00 19.38 ? 37   PRO A CG  1 
ATOM   303  C  CD  . PRO A 1 37  ? 20.217  8.159   0.181   1.00 19.25 ? 37   PRO A CD  1 
ATOM   304  N  N   . SER A 1 38  ? 21.754  4.964   -0.118  1.00 18.70 ? 38   SER A N   1 
ATOM   305  C  CA  . SER A 1 38  ? 22.818  3.999   0.127   1.00 18.47 ? 38   SER A CA  1 
ATOM   306  C  C   . SER A 1 38  ? 22.316  2.559   0.064   1.00 18.07 ? 38   SER A C   1 
ATOM   307  O  O   . SER A 1 38  ? 21.487  2.156   0.885   1.00 18.47 ? 38   SER A O   1 
ATOM   308  C  CB  . SER A 1 38  ? 23.462  4.265   1.493   1.00 18.41 ? 38   SER A CB  1 
ATOM   309  O  OG  . SER A 1 38  ? 24.330  3.208   1.866   1.00 18.67 ? 38   SER A OG  1 
ATOM   310  N  N   . LEU A 1 39  ? 22.827  1.795   -0.900  1.00 17.83 ? 39   LEU A N   1 
ATOM   311  C  CA  . LEU A 1 39  ? 22.494  0.376   -1.024  1.00 17.58 ? 39   LEU A CA  1 
ATOM   312  C  C   . LEU A 1 39  ? 22.926  -0.387  0.229   1.00 17.41 ? 39   LEU A C   1 
ATOM   313  O  O   . LEU A 1 39  ? 22.237  -1.318  0.655   1.00 16.76 ? 39   LEU A O   1 
ATOM   314  C  CB  . LEU A 1 39  ? 23.107  -0.263  -2.279  1.00 17.67 ? 39   LEU A CB  1 
ATOM   315  C  CG  . LEU A 1 39  ? 22.811  -1.742  -2.560  1.00 17.87 ? 39   LEU A CG  1 
ATOM   316  C  CD1 . LEU A 1 39  ? 21.305  -2.037  -2.638  1.00 16.52 ? 39   LEU A CD1 1 
ATOM   317  C  CD2 . LEU A 1 39  ? 23.508  -2.198  -3.828  1.00 17.94 ? 39   LEU A CD2 1 
ATOM   318  N  N   . ASN A 1 40  ? 24.058  0.004   0.817   1.00 17.44 ? 40   ASN A N   1 
ATOM   319  C  CA  . ASN A 1 40  ? 24.512  -0.630  2.053   1.00 17.74 ? 40   ASN A CA  1 
ATOM   320  C  C   . ASN A 1 40  ? 23.540  -0.398  3.207   1.00 17.24 ? 40   ASN A C   1 
ATOM   321  O  O   . ASN A 1 40  ? 23.325  -1.310  4.010   1.00 17.41 ? 40   ASN A O   1 
ATOM   322  C  CB  . ASN A 1 40  ? 25.933  -0.191  2.417   1.00 18.53 ? 40   ASN A CB  1 
ATOM   323  C  CG  . ASN A 1 40  ? 26.987  -0.874  1.564   1.00 19.88 ? 40   ASN A CG  1 
ATOM   324  O  OD1 . ASN A 1 40  ? 26.844  -2.035  1.173   1.00 22.55 ? 40   ASN A OD1 1 
ATOM   325  N  ND2 . ASN A 1 40  ? 28.063  -0.151  1.279   1.00 22.43 ? 40   ASN A ND2 1 
ATOM   326  N  N   . ALA A 1 41  ? 22.955  0.799   3.274   1.00 16.42 ? 41   ALA A N   1 
ATOM   327  C  CA  . ALA A 1 41  ? 21.938  1.129   4.281   1.00 15.79 ? 41   ALA A CA  1 
ATOM   328  C  C   . ALA A 1 41  ? 20.701  0.245   4.074   1.00 15.35 ? 41   ALA A C   1 
ATOM   329  O  O   . ALA A 1 41  ? 20.121  -0.255  5.040   1.00 15.33 ? 41   ALA A O   1 
ATOM   330  C  CB  . ALA A 1 41  ? 21.575  2.604   4.250   1.00 16.06 ? 41   ALA A CB  1 
ATOM   331  N  N   . ALA A 1 42  ? 20.306  0.053   2.814   1.00 14.68 ? 42   ALA A N   1 
ATOM   332  C  CA  . ALA A 1 42  ? 19.180  -0.828  2.474   1.00 14.19 ? 42   ALA A CA  1 
ATOM   333  C  C   . ALA A 1 42  ? 19.449  -2.279  2.866   1.00 14.00 ? 42   ALA A C   1 
ATOM   334  O  O   . ALA A 1 42  ? 18.574  -2.951  3.423   1.00 13.59 ? 42   ALA A O   1 
ATOM   335  C  CB  . ALA A 1 42  ? 18.875  -0.731  0.990   1.00 14.14 ? 42   ALA A CB  1 
ATOM   336  N  N   . LYS A 1 43  ? 20.665  -2.750  2.579   1.00 13.88 ? 43   LYS A N   1 
ATOM   337  C  CA  . LYS A 1 43  ? 21.094  -4.105  2.948   1.00 14.16 ? 43   LYS A CA  1 
ATOM   338  C  C   . LYS A 1 43  ? 21.051  -4.308  4.465   1.00 13.81 ? 43   LYS A C   1 
ATOM   339  O  O   . LYS A 1 43  ? 20.631  -5.378  4.929   1.00 13.71 ? 43   LYS A O   1 
ATOM   340  C  CB  . LYS A 1 43  ? 22.476  -4.427  2.368   1.00 14.58 ? 43   LYS A CB  1 
ATOM   341  C  CG  . LYS A 1 43  ? 22.464  -4.642  0.868   1.00 16.03 ? 43   LYS A CG  1 
ATOM   342  C  CD  . LYS A 1 43  ? 23.854  -4.901  0.325   1.00 18.35 ? 43   LYS A CD  1 
ATOM   343  C  CE  . LYS A 1 43  ? 23.783  -5.207  -1.163  1.00 19.66 ? 43   LYS A CE  1 
ATOM   344  N  NZ  . LYS A 1 43  ? 25.126  -5.576  -1.688  1.00 20.64 ? 43   LYS A NZ  1 
ATOM   345  N  N   A SER A 1 44  ? 21.474  -3.293  5.217   0.50 13.65 ? 44   SER A N   1 
ATOM   346  N  N   B SER A 1 44  ? 21.477  -3.297  5.222   0.50 13.44 ? 44   SER A N   1 
ATOM   347  C  CA  A SER A 1 44  ? 21.434  -3.328  6.681   0.50 13.71 ? 44   SER A CA  1 
ATOM   348  C  CA  B SER A 1 44  ? 21.439  -3.359  6.688   0.50 13.25 ? 44   SER A CA  1 
ATOM   349  C  C   A SER A 1 44  ? 20.003  -3.473  7.191   0.50 13.46 ? 44   SER A C   1 
ATOM   350  C  C   B SER A 1 44  ? 19.998  -3.488  7.184   0.50 13.21 ? 44   SER A C   1 
ATOM   351  O  O   A SER A 1 44  ? 19.741  -4.263  8.103   0.50 13.45 ? 44   SER A O   1 
ATOM   352  O  O   B SER A 1 44  ? 19.723  -4.287  8.085   0.50 13.20 ? 44   SER A O   1 
ATOM   353  C  CB  A SER A 1 44  ? 22.101  -2.084  7.261   0.50 13.81 ? 44   SER A CB  1 
ATOM   354  C  CB  B SER A 1 44  ? 22.138  -2.157  7.329   0.50 13.28 ? 44   SER A CB  1 
ATOM   355  O  OG  A SER A 1 44  ? 23.471  -2.096  6.922   0.50 14.57 ? 44   SER A OG  1 
ATOM   356  O  OG  B SER A 1 44  ? 22.205  -2.325  8.737   0.50 12.22 ? 44   SER A OG  1 
ATOM   357  N  N   . GLU A 1 45  ? 19.088  -2.712  6.590   1.00 13.24 ? 45   GLU A N   1 
ATOM   358  C  CA  . GLU A 1 45  ? 17.664  -2.781  6.934   1.00 13.08 ? 45   GLU A CA  1 
ATOM   359  C  C   . GLU A 1 45  ? 17.106  -4.175  6.628   1.00 12.63 ? 45   GLU A C   1 
ATOM   360  O  O   . GLU A 1 45  ? 16.360  -4.754  7.435   1.00 12.53 ? 45   GLU A O   1 
ATOM   361  C  CB  . GLU A 1 45  ? 16.855  -1.711  6.194   1.00 13.05 ? 45   GLU A CB  1 
ATOM   362  C  CG  . GLU A 1 45  ? 17.114  -0.298  6.689   1.00 14.05 ? 45   GLU A CG  1 
ATOM   363  C  CD  . GLU A 1 45  ? 16.867  -0.156  8.185   1.00 15.47 ? 45   GLU A CD  1 
ATOM   364  O  OE1 . GLU A 1 45  ? 15.766  -0.486  8.674   1.00 16.04 ? 45   GLU A OE1 1 
ATOM   365  O  OE2 . GLU A 1 45  ? 17.795  0.272   8.900   1.00 18.33 ? 45   GLU A OE2 1 
ATOM   366  N  N   . LEU A 1 46  ? 17.481  -4.709  5.467   1.00 12.46 ? 46   LEU A N   1 
ATOM   367  C  CA  . LEU A 1 46  ? 17.018  -6.029  5.061   1.00 12.52 ? 46   LEU A CA  1 
ATOM   368  C  C   . LEU A 1 46  ? 17.478  -7.112  6.038   1.00 12.55 ? 46   LEU A C   1 
ATOM   369  O  O   . LEU A 1 46  ? 16.672  -7.932  6.477   1.00 12.39 ? 46   LEU A O   1 
ATOM   370  C  CB  . LEU A 1 46  ? 17.460  -6.351  3.630   1.00 12.48 ? 46   LEU A CB  1 
ATOM   371  C  CG  . LEU A 1 46  ? 17.074  -7.721  3.080   1.00 12.84 ? 46   LEU A CG  1 
ATOM   372  C  CD1 . LEU A 1 46  ? 15.564  -7.961  3.098   1.00 12.60 ? 46   LEU A CD1 1 
ATOM   373  C  CD2 . LEU A 1 46  ? 17.616  -7.865  1.673   1.00 13.44 ? 46   LEU A CD2 1 
ATOM   374  N  N   . ASP A 1 47  ? 18.764  -7.104  6.377   1.00 12.74 ? 47   ASP A N   1 
ATOM   375  C  CA  . ASP A 1 47  ? 19.316  -8.079  7.319   1.00 13.03 ? 47   ASP A CA  1 
ATOM   376  C  C   . ASP A 1 47  ? 18.612  -8.025  8.670   1.00 12.96 ? 47   ASP A C   1 
ATOM   377  O  O   . ASP A 1 47  ? 18.333  -9.073  9.258   1.00 13.17 ? 47   ASP A O   1 
ATOM   378  C  CB  . ASP A 1 47  ? 20.821  -7.871  7.485   1.00 13.16 ? 47   ASP A CB  1 
ATOM   379  C  CG  . ASP A 1 47  ? 21.607  -8.195  6.226   1.00 13.73 ? 47   ASP A CG  1 
ATOM   380  O  OD1 . ASP A 1 47  ? 21.045  -8.716  5.237   1.00 14.60 ? 47   ASP A OD1 1 
ATOM   381  O  OD2 . ASP A 1 47  ? 22.823  -7.920  6.220   1.00 15.00 ? 47   ASP A OD2 1 
ATOM   382  N  N   . LYS A 1 48  ? 18.330  -6.805  9.127   1.00 13.10 ? 48   LYS A N   1 
ATOM   383  C  CA  . LYS A 1 48  ? 17.602  -6.546  10.366  1.00 13.08 ? 48   LYS A CA  1 
ATOM   384  C  C   . LYS A 1 48  ? 16.162  -7.076  10.273  1.00 13.02 ? 48   LYS A C   1 
ATOM   385  O  O   . LYS A 1 48  ? 15.665  -7.720  11.205  1.00 12.66 ? 48   LYS A O   1 
ATOM   386  C  CB  . LYS A 1 48  ? 17.645  -5.047  10.678  1.00 13.41 ? 48   LYS A CB  1 
ATOM   387  C  CG  . LYS A 1 48  ? 16.822  -4.609  11.883  1.00 13.75 ? 48   LYS A CG  1 
ATOM   388  C  CD  . LYS A 1 48  ? 17.158  -3.181  12.340  1.00 14.02 ? 48   LYS A CD  1 
ATOM   389  C  CE  . LYS A 1 48  ? 16.914  -2.097  11.290  1.00 16.88 ? 48   LYS A CE  1 
ATOM   390  N  NZ  . LYS A 1 48  ? 15.511  -1.654  11.204  1.00 18.36 ? 48   LYS A NZ  1 
ATOM   391  N  N   . ALA A 1 49  ? 15.510  -6.805  9.144   1.00 12.74 ? 49   ALA A N   1 
ATOM   392  C  CA  . ALA A 1 49  ? 14.127  -7.239  8.915   1.00 12.66 ? 49   ALA A CA  1 
ATOM   393  C  C   . ALA A 1 49  ? 13.961  -8.754  8.873   1.00 12.97 ? 49   ALA A C   1 
ATOM   394  O  O   . ALA A 1 49  ? 12.973  -9.262  9.409   1.00 12.60 ? 49   ALA A O   1 
ATOM   395  C  CB  . ALA A 1 49  ? 13.577  -6.616  7.626   1.00 12.82 ? 49   ALA A CB  1 
ATOM   396  N  N   . ILE A 1 50  ? 14.928  -9.438  8.259   1.00 13.36 ? 50   ILE A N   1 
ATOM   397  C  CA  . ILE A 1 50  ? 14.903  -10.896 8.055   1.00 14.21 ? 50   ILE A CA  1 
ATOM   398  C  C   . ILE A 1 50  ? 15.539  -11.681 9.203   1.00 14.31 ? 50   ILE A C   1 
ATOM   399  O  O   . ILE A 1 50  ? 15.154  -12.827 9.459   1.00 14.29 ? 50   ILE A O   1 
ATOM   400  C  CB  . ILE A 1 50  ? 15.580  -11.289 6.690   1.00 14.70 ? 50   ILE A CB  1 
ATOM   401  C  CG1 . ILE A 1 50  ? 14.881  -10.600 5.509   1.00 16.12 ? 50   ILE A CG1 1 
ATOM   402  C  CG2 . ILE A 1 50  ? 15.651  -12.812 6.464   1.00 15.92 ? 50   ILE A CG2 1 
ATOM   403  C  CD1 . ILE A 1 50  ? 13.432  -10.990 5.207   1.00 17.39 ? 50   ILE A CD1 1 
ATOM   404  N  N   . GLY A 1 51  ? 16.506  -11.068 9.874   1.00 14.73 ? 51   GLY A N   1 
ATOM   405  C  CA  . GLY A 1 51  ? 17.205  -11.719 10.980  1.00 15.34 ? 51   GLY A CA  1 
ATOM   406  C  C   . GLY A 1 51  ? 18.375  -12.595 10.579  1.00 16.14 ? 51   GLY A C   1 
ATOM   407  O  O   . GLY A 1 51  ? 18.726  -13.530 11.304  1.00 16.54 ? 51   GLY A O   1 
ATOM   408  N  N   . ARG A 1 52  ? 18.971  -12.298 9.426   1.00 16.23 ? 52   ARG A N   1 
ATOM   409  C  CA  . ARG A 1 52  ? 20.142  -13.015 8.908   1.00 16.61 ? 52   ARG A CA  1 
ATOM   410  C  C   . ARG A 1 52  ? 20.867  -12.150 7.875   1.00 16.91 ? 52   ARG A C   1 
ATOM   411  O  O   . ARG A 1 52  ? 20.312  -11.170 7.374   1.00 16.67 ? 52   ARG A O   1 
ATOM   412  C  CB  . ARG A 1 52  ? 19.762  -14.376 8.307   1.00 16.59 ? 52   ARG A CB  1 
ATOM   413  C  CG  . ARG A 1 52  ? 18.998  -14.295 6.995   1.00 16.56 ? 52   ARG A CG  1 
ATOM   414  C  CD  . ARG A 1 52  ? 18.745  -15.657 6.349   1.00 16.72 ? 52   ARG A CD  1 
ATOM   415  N  NE  . ARG A 1 52  ? 18.023  -15.484 5.084   1.00 16.61 ? 52   ARG A NE  1 
ATOM   416  C  CZ  . ARG A 1 52  ? 18.589  -15.264 3.898   1.00 16.48 ? 52   ARG A CZ  1 
ATOM   417  N  NH1 . ARG A 1 52  ? 19.910  -15.183 3.759   1.00 17.56 ? 52   ARG A NH1 1 
ATOM   418  N  NH2 . ARG A 1 52  ? 17.824  -15.118 2.827   1.00 16.85 ? 52   ARG A NH2 1 
ATOM   419  N  N   . ASN A 1 53  ? 22.105  -12.536 7.569   1.00 17.59 ? 53   ASN A N   1 
ATOM   420  C  CA  . ASN A 1 53  ? 22.959  -11.854 6.598   1.00 18.33 ? 53   ASN A CA  1 
ATOM   421  C  C   . ASN A 1 53  ? 22.519  -12.297 5.202   1.00 18.47 ? 53   ASN A C   1 
ATOM   422  O  O   . ASN A 1 53  ? 22.889  -13.379 4.744   1.00 18.64 ? 53   ASN A O   1 
ATOM   423  C  CB  . ASN A 1 53  ? 24.418  -12.212 6.924   1.00 18.78 ? 53   ASN A CB  1 
ATOM   424  C  CG  A ASN A 1 53  ? 25.455  -11.292 6.277   0.50 19.14 ? 53   ASN A CG  1 
ATOM   425  C  CG  B ASN A 1 53  ? 24.892  -11.606 8.236   0.50 19.36 ? 53   ASN A CG  1 
ATOM   426  O  OD1 A ASN A 1 53  ? 26.634  -11.367 6.629   0.50 20.78 ? 53   ASN A OD1 1 
ATOM   427  O  OD1 B ASN A 1 53  ? 24.380  -10.581 8.695   0.50 20.68 ? 53   ASN A OD1 1 
ATOM   428  N  ND2 A ASN A 1 53  ? 25.045  -10.435 5.351   0.50 19.59 ? 53   ASN A ND2 1 
ATOM   429  N  ND2 B ASN A 1 53  ? 25.888  -12.241 8.844   0.50 20.44 ? 53   ASN A ND2 1 
ATOM   430  N  N   . THR A 1 54  ? 21.727  -11.455 4.536   1.00 18.69 ? 54   THR A N   1 
ATOM   431  C  CA  . THR A 1 54  ? 21.098  -11.779 3.243   1.00 18.97 ? 54   THR A CA  1 
ATOM   432  C  C   . THR A 1 54  ? 21.849  -11.389 1.970   1.00 19.51 ? 54   THR A C   1 
ATOM   433  O  O   . THR A 1 54  ? 21.624  -11.989 0.913   1.00 19.65 ? 54   THR A O   1 
ATOM   434  C  CB  . THR A 1 54  ? 19.715  -11.084 3.101   1.00 18.79 ? 54   THR A CB  1 
ATOM   435  O  OG1 . THR A 1 54  ? 19.916  -9.675  2.939   1.00 18.65 ? 54   THR A OG1 1 
ATOM   436  C  CG2 . THR A 1 54  ? 18.802  -11.339 4.303   1.00 18.57 ? 54   THR A CG2 1 
ATOM   437  N  N   . ASN A 1 55  ? 22.717  -10.384 2.095   1.00 20.11 ? 55   ASN A N   1 
ATOM   438  C  CA  . ASN A 1 55  ? 23.420  -9.707  0.993   1.00 20.55 ? 55   ASN A CA  1 
ATOM   439  C  C   . ASN A 1 55  ? 22.482  -9.361  -0.178  1.00 20.27 ? 55   ASN A C   1 
ATOM   440  O  O   . ASN A 1 55  ? 22.790  -9.597  -1.357  1.00 20.89 ? 55   ASN A O   1 
ATOM   441  C  CB  . ASN A 1 55  ? 24.674  -10.454 0.525   1.00 21.29 ? 55   ASN A CB  1 
ATOM   442  C  CG  . ASN A 1 55  ? 25.598  -9.567  -0.304  1.00 22.57 ? 55   ASN A CG  1 
ATOM   443  O  OD1 . ASN A 1 55  ? 25.775  -8.374  -0.026  1.00 24.38 ? 55   ASN A OD1 1 
ATOM   444  N  ND2 . ASN A 1 55  ? 26.185  -10.149 -1.336  1.00 25.02 ? 55   ASN A ND2 1 
ATOM   445  N  N   . GLY A 1 56  ? 21.328  -8.809  0.186   1.00 19.69 ? 56   GLY A N   1 
ATOM   446  C  CA  . GLY A 1 56  ? 20.327  -8.360  -0.772  1.00 18.61 ? 56   GLY A CA  1 
ATOM   447  C  C   . GLY A 1 56  ? 19.437  -9.361  -1.484  1.00 17.93 ? 56   GLY A C   1 
ATOM   448  O  O   . GLY A 1 56  ? 18.750  -8.965  -2.411  1.00 17.89 ? 56   GLY A O   1 
ATOM   449  N  N   . VAL A 1 57  ? 19.440  -10.629 -1.066  1.00 16.98 ? 57   VAL A N   1 
ATOM   450  C  CA  . VAL A 1 57  ? 18.618  -11.670 -1.698  1.00 16.18 ? 57   VAL A CA  1 
ATOM   451  C  C   . VAL A 1 57  ? 17.833  -12.427 -0.627  1.00 15.66 ? 57   VAL A C   1 
ATOM   452  O  O   . VAL A 1 57  ? 18.407  -12.855 0.379   1.00 15.51 ? 57   VAL A O   1 
ATOM   453  C  CB  . VAL A 1 57  ? 19.451  -12.677 -2.553  1.00 16.51 ? 57   VAL A CB  1 
ATOM   454  C  CG1 . VAL A 1 57  ? 18.579  -13.768 -3.175  1.00 16.97 ? 57   VAL A CG1 1 
ATOM   455  C  CG2 . VAL A 1 57  ? 20.208  -11.969 -3.671  1.00 16.97 ? 57   VAL A CG2 1 
ATOM   456  N  N   . ILE A 1 58  ? 16.530  -12.586 -0.862  1.00 14.55 ? 58   ILE A N   1 
ATOM   457  C  CA  . ILE A 1 58  ? 15.662  -13.346 0.046   1.00 13.92 ? 58   ILE A CA  1 
ATOM   458  C  C   . ILE A 1 58  ? 14.882  -14.433 -0.689  1.00 13.78 ? 58   ILE A C   1 
ATOM   459  O  O   . ILE A 1 58  ? 14.862  -14.466 -1.920  1.00 13.55 ? 58   ILE A O   1 
ATOM   460  C  CB  . ILE A 1 58  ? 14.689  -12.439 0.876   1.00 13.93 ? 58   ILE A CB  1 
ATOM   461  C  CG1 . ILE A 1 58  ? 13.679  -11.712 -0.035  1.00 13.79 ? 58   ILE A CG1 1 
ATOM   462  C  CG2 . ILE A 1 58  ? 15.497  -11.512 1.810   1.00 13.77 ? 58   ILE A CG2 1 
ATOM   463  C  CD1 . ILE A 1 58  ? 12.621  -10.882 0.683   1.00 13.72 ? 58   ILE A CD1 1 
ATOM   464  N  N   . THR A 1 59  ? 14.238  -15.312 0.077   1.00 13.71 ? 59   THR A N   1 
ATOM   465  C  CA  . THR A 1 59  ? 13.427  -16.373 -0.514  1.00 13.82 ? 59   THR A CA  1 
ATOM   466  C  C   . THR A 1 59  ? 11.980  -15.906 -0.633  1.00 13.76 ? 59   THR A C   1 
ATOM   467  O  O   . THR A 1 59  ? 11.607  -14.888 -0.048  1.00 13.98 ? 59   THR A O   1 
ATOM   468  C  CB  . THR A 1 59  ? 13.439  -17.656 0.345   1.00 14.18 ? 59   THR A CB  1 
ATOM   469  O  OG1 . THR A 1 59  ? 12.796  -17.381 1.597   1.00 14.28 ? 59   THR A OG1 1 
ATOM   470  C  CG2 . THR A 1 59  ? 14.860  -18.148 0.587   1.00 14.38 ? 59   THR A CG2 1 
ATOM   471  N  N   . LYS A 1 60  ? 11.170  -16.655 -1.377  1.00 13.69 ? 60   LYS A N   1 
ATOM   472  C  CA  . LYS A 1 60  ? 9.751   -16.325 -1.516  1.00 13.67 ? 60   LYS A CA  1 
ATOM   473  C  C   . LYS A 1 60  ? 9.069   -16.370 -0.142  1.00 13.48 ? 60   LYS A C   1 
ATOM   474  O  O   . LYS A 1 60  ? 8.260   -15.490 0.167   1.00 13.24 ? 60   LYS A O   1 
ATOM   475  C  CB  . LYS A 1 60  ? 9.053   -17.242 -2.524  1.00 13.99 ? 60   LYS A CB  1 
ATOM   476  C  CG  . LYS A 1 60  ? 7.599   -16.861 -2.762  1.00 14.43 ? 60   LYS A CG  1 
ATOM   477  C  CD  . LYS A 1 60  ? 6.982   -17.729 -3.850  1.00 17.29 ? 60   LYS A CD  1 
ATOM   478  C  CE  . LYS A 1 60  ? 5.597   -17.244 -4.226  1.00 19.04 ? 60   LYS A CE  1 
ATOM   479  N  NZ  . LYS A 1 60  ? 5.127   -18.097 -5.357  1.00 21.64 ? 60   LYS A NZ  1 
ATOM   480  N  N   . ASP A 1 61  ? 9.397   -17.372 0.681   1.00 13.31 ? 61   ASP A N   1 
ATOM   481  C  CA  . ASP A 1 61  ? 8.812   -17.469 2.025   1.00 13.38 ? 61   ASP A CA  1 
ATOM   482  C  C   . ASP A 1 61  ? 9.127   -16.226 2.862   1.00 12.95 ? 61   ASP A C   1 
ATOM   483  O  O   . ASP A 1 61  ? 8.247   -15.686 3.557   1.00 12.60 ? 61   ASP A O   1 
ATOM   484  C  CB  . ASP A 1 61  ? 9.265   -18.744 2.750   1.00 14.02 ? 61   ASP A CB  1 
ATOM   485  C  CG  . ASP A 1 61  ? 8.644   -20.022 2.196   1.00 15.81 ? 61   ASP A CG  1 
ATOM   486  O  OD1 . ASP A 1 61  ? 7.815   -19.994 1.258   1.00 18.27 ? 61   ASP A OD1 1 
ATOM   487  O  OD2 . ASP A 1 61  ? 9.014   -21.093 2.734   1.00 18.54 ? 61   ASP A OD2 1 
ATOM   488  N  N   . GLU A 1 62  ? 10.377  -15.770 2.783   1.00 12.23 ? 62   GLU A N   1 
ATOM   489  C  CA  . GLU A 1 62  ? 10.800  -14.556 3.489   1.00 11.77 ? 62   GLU A CA  1 
ATOM   490  C  C   . GLU A 1 62  ? 10.059  -13.322 2.969   1.00 11.55 ? 62   GLU A C   1 
ATOM   491  O  O   . GLU A 1 62  ? 9.615   -12.501 3.770   1.00 11.38 ? 62   GLU A O   1 
ATOM   492  C  CB  . GLU A 1 62  ? 12.312  -14.378 3.397   1.00 12.11 ? 62   GLU A CB  1 
ATOM   493  C  CG  . GLU A 1 62  ? 13.055  -15.393 4.267   1.00 12.31 ? 62   GLU A CG  1 
ATOM   494  C  CD  . GLU A 1 62  ? 14.543  -15.470 3.986   1.00 14.00 ? 62   GLU A CD  1 
ATOM   495  O  OE1 . GLU A 1 62  ? 15.009  -14.930 2.961   1.00 14.07 ? 62   GLU A OE1 1 
ATOM   496  O  OE2 . GLU A 1 62  ? 15.263  -16.097 4.799   1.00 13.86 ? 62   GLU A OE2 1 
ATOM   497  N  N   . ALA A 1 63  ? 9.904   -13.217 1.651   1.00 11.24 ? 63   ALA A N   1 
ATOM   498  C  CA  . ALA A 1 63  ? 9.137   -12.116 1.047   1.00 11.22 ? 63   ALA A CA  1 
ATOM   499  C  C   . ALA A 1 63  ? 7.704   -12.100 1.568   1.00 11.05 ? 63   ALA A C   1 
ATOM   500  O  O   . ALA A 1 63  ? 7.161   -11.040 1.912   1.00 10.67 ? 63   ALA A O   1 
ATOM   501  C  CB  . ALA A 1 63  ? 9.123   -12.234 -0.454  1.00 11.44 ? 63   ALA A CB  1 
ATOM   502  N  N   . GLU A 1 64  ? 7.091   -13.281 1.626   1.00 11.04 ? 64   GLU A N   1 
ATOM   503  C  CA  . GLU A 1 64  ? 5.715   -13.378 2.109   1.00 11.42 ? 64   GLU A CA  1 
ATOM   504  C  C   . GLU A 1 64  ? 5.597   -13.056 3.602   1.00 11.11 ? 64   GLU A C   1 
ATOM   505  O  O   . GLU A 1 64  ? 4.587   -12.485 4.028   1.00 11.21 ? 64   GLU A O   1 
ATOM   506  C  CB  . GLU A 1 64  ? 5.129   -14.749 1.760   1.00 11.33 ? 64   GLU A CB  1 
ATOM   507  C  CG  . GLU A 1 64  ? 4.919   -14.913 0.248   1.00 12.12 ? 64   GLU A CG  1 
ATOM   508  C  CD  . GLU A 1 64  ? 4.496   -16.309 -0.179  1.00 13.12 ? 64   GLU A CD  1 
ATOM   509  O  OE1 . GLU A 1 64  ? 4.785   -17.293 0.544   1.00 15.10 ? 64   GLU A OE1 1 
ATOM   510  O  OE2 . GLU A 1 64  ? 3.879   -16.411 -1.267  1.00 15.79 ? 64   GLU A OE2 1 
ATOM   511  N  N   . LYS A 1 65  ? 6.618   -13.407 4.387   1.00 11.17 ? 65   LYS A N   1 
ATOM   512  C  CA  . LYS A 1 65  ? 6.613   -13.091 5.820   1.00 11.66 ? 65   LYS A CA  1 
ATOM   513  C  C   . LYS A 1 65  ? 6.614   -11.572 6.049   1.00 11.55 ? 65   LYS A C   1 
ATOM   514  O  O   . LYS A 1 65  ? 5.811   -11.056 6.838   1.00 12.01 ? 65   LYS A O   1 
ATOM   515  C  CB  . LYS A 1 65  ? 7.786   -13.767 6.536   1.00 11.77 ? 65   LYS A CB  1 
ATOM   516  C  CG  . LYS A 1 65  ? 7.800   -13.534 8.044   1.00 12.37 ? 65   LYS A CG  1 
ATOM   517  C  CD  . LYS A 1 65  ? 8.951   -14.317 8.638   1.00 13.48 ? 65   LYS A CD  1 
ATOM   518  C  CE  . LYS A 1 65  ? 9.086   -14.059 10.123  1.00 13.84 ? 65   LYS A CE  1 
ATOM   519  N  NZ  . LYS A 1 65  ? 8.023   -14.713 10.945  1.00 13.67 ? 65   LYS A NZ  1 
ATOM   520  N  N   . LEU A 1 66  ? 7.498   -10.856 5.349   1.00 11.34 ? 66   LEU A N   1 
ATOM   521  C  CA  . LEU A 1 66  ? 7.521   -9.394  5.439   1.00 11.11 ? 66   LEU A CA  1 
ATOM   522  C  C   . LEU A 1 66  ? 6.209   -8.806  4.937   1.00 10.79 ? 66   LEU A C   1 
ATOM   523  O  O   . LEU A 1 66  ? 5.700   -7.855  5.520   1.00 10.86 ? 66   LEU A O   1 
ATOM   524  C  CB  . LEU A 1 66  ? 8.686   -8.790  4.649   1.00 11.55 ? 66   LEU A CB  1 
ATOM   525  C  CG  . LEU A 1 66  ? 10.112  -9.187  5.038   1.00 12.29 ? 66   LEU A CG  1 
ATOM   526  C  CD1 . LEU A 1 66  ? 11.099  -8.546  4.062   1.00 13.57 ? 66   LEU A CD1 1 
ATOM   527  C  CD2 . LEU A 1 66  ? 10.421  -8.809  6.485   1.00 13.84 ? 66   LEU A CD2 1 
ATOM   528  N  N   . PHE A 1 67  ? 5.660   -9.379  3.869   1.00 10.56 ? 67   PHE A N   1 
ATOM   529  C  CA  . PHE A 1 67  ? 4.399   -8.886  3.317   1.00 10.80 ? 67   PHE A CA  1 
ATOM   530  C  C   . PHE A 1 67  ? 3.264   -8.972  4.334   1.00 10.91 ? 67   PHE A C   1 
ATOM   531  O  O   . PHE A 1 67  ? 2.535   -7.998  4.539   1.00 11.20 ? 67   PHE A O   1 
ATOM   532  C  CB  . PHE A 1 67  ? 4.095   -9.651  2.036   1.00 10.85 ? 67   PHE A CB  1 
ATOM   533  C  CG  . PHE A 1 67  ? 2.855   -9.198  1.303   1.00 10.97 ? 67   PHE A CG  1 
ATOM   534  C  CD1 . PHE A 1 67  ? 2.599   -7.845  1.063   1.00 11.22 ? 67   PHE A CD1 1 
ATOM   535  C  CD2 . PHE A 1 67  ? 1.968   -10.151 0.813   1.00 10.65 ? 67   PHE A CD2 1 
ATOM   536  C  CE1 . PHE A 1 67  ? 1.451   -7.455  0.361   1.00 11.94 ? 67   PHE A CE1 1 
ATOM   537  C  CE2 . PHE A 1 67  ? 0.824   -9.780  0.114   1.00 12.08 ? 67   PHE A CE2 1 
ATOM   538  C  CZ  . PHE A 1 67  ? 0.568   -8.427  -0.116  1.00 11.06 ? 67   PHE A CZ  1 
ATOM   539  N  N   . ASN A 1 68  ? 3.133   -10.132 4.976   1.00 11.07 ? 68   ASN A N   1 
ATOM   540  C  CA  . ASN A 1 68  ? 2.121   -10.304 6.020   1.00 11.49 ? 68   ASN A CA  1 
ATOM   541  C  C   . ASN A 1 68  ? 2.291   -9.272  7.140   1.00 11.41 ? 68   ASN A C   1 
ATOM   542  O  O   . ASN A 1 68  ? 1.308   -8.706  7.632   1.00 11.65 ? 68   ASN A O   1 
ATOM   543  C  CB  . ASN A 1 68  ? 2.182   -11.724 6.597   1.00 11.85 ? 68   ASN A CB  1 
ATOM   544  C  CG  A ASN A 1 68  ? 0.920   -12.138 7.363   0.50 11.02 ? 68   ASN A CG  1 
ATOM   545  C  CG  B ASN A 1 68  ? 1.507   -12.758 5.724   0.50 13.09 ? 68   ASN A CG  1 
ATOM   546  O  OD1 A ASN A 1 68  ? 0.694   -13.335 7.530   0.50 10.81 ? 68   ASN A OD1 1 
ATOM   547  O  OD1 B ASN A 1 68  ? 0.514   -12.486 5.064   0.50 15.61 ? 68   ASN A OD1 1 
ATOM   548  N  ND2 A ASN A 1 68  ? 0.107   -11.187 7.826   0.50 10.74 ? 68   ASN A ND2 1 
ATOM   549  N  ND2 B ASN A 1 68  ? 2.040   -13.968 5.722   0.50 14.12 ? 68   ASN A ND2 1 
ATOM   550  N  N   . GLN A 1 69  ? 3.537   -9.025  7.543   1.00 11.60 ? 69   GLN A N   1 
ATOM   551  C  CA  . GLN A 1 69  ? 3.810   -8.026  8.575   1.00 11.53 ? 69   GLN A CA  1 
ATOM   552  C  C   . GLN A 1 69  ? 3.411   -6.620  8.127   1.00 11.81 ? 69   GLN A C   1 
ATOM   553  O  O   . GLN A 1 69  ? 2.828   -5.869  8.914   1.00 12.05 ? 69   GLN A O   1 
ATOM   554  C  CB  . GLN A 1 69  ? 5.281   -8.054  8.981   1.00 11.53 ? 69   GLN A CB  1 
ATOM   555  C  CG  . GLN A 1 69  ? 5.634   -9.310  9.761   1.00 11.09 ? 69   GLN A CG  1 
ATOM   556  C  CD  . GLN A 1 69  ? 7.097   -9.457  10.093  1.00 12.12 ? 69   GLN A CD  1 
ATOM   557  O  OE1 . GLN A 1 69  ? 7.456   -10.351 10.864  1.00 12.94 ? 69   GLN A OE1 1 
ATOM   558  N  NE2 . GLN A 1 69  ? 7.948   -8.603  9.525   1.00 11.40 ? 69   GLN A NE2 1 
ATOM   559  N  N   . ASP A 1 70  ? 3.722   -6.292  6.873   1.00 11.91 ? 70   ASP A N   1 
ATOM   560  C  CA  . ASP A 1 70  ? 3.429   -4.979  6.299   1.00 11.81 ? 70   ASP A CA  1 
ATOM   561  C  C   . ASP A 1 70  ? 1.930   -4.735  6.130   1.00 12.00 ? 70   ASP A C   1 
ATOM   562  O  O   . ASP A 1 70  ? 1.473   -3.611  6.343   1.00 12.31 ? 70   ASP A O   1 
ATOM   563  C  CB  . ASP A 1 70  ? 4.179   -4.783  4.976   1.00 11.87 ? 70   ASP A CB  1 
ATOM   564  C  CG  . ASP A 1 70  ? 5.684   -4.752  5.145   1.00 12.09 ? 70   ASP A CG  1 
ATOM   565  O  OD1 . ASP A 1 70  ? 6.204   -4.625  6.278   1.00 12.43 ? 70   ASP A OD1 1 
ATOM   566  O  OD2 . ASP A 1 70  ? 6.364   -4.857  4.099   1.00 12.74 ? 70   ASP A OD2 1 
ATOM   567  N  N   . VAL A 1 71  ? 1.186   -5.769  5.746   1.00 12.27 ? 71   VAL A N   1 
ATOM   568  C  CA  . VAL A 1 71  ? -0.275  -5.655  5.622   1.00 12.87 ? 71   VAL A CA  1 
ATOM   569  C  C   . VAL A 1 71  ? -0.851  -5.420  7.019   1.00 13.31 ? 71   VAL A C   1 
ATOM   570  O  O   . VAL A 1 71  ? -1.673  -4.514  7.209   1.00 13.12 ? 71   VAL A O   1 
ATOM   571  C  CB  . VAL A 1 71  ? -0.916  -6.889  4.933   1.00 12.77 ? 71   VAL A CB  1 
ATOM   572  C  CG1 . VAL A 1 71  ? -2.446  -6.829  5.018   1.00 13.03 ? 71   VAL A CG1 1 
ATOM   573  C  CG2 . VAL A 1 71  ? -0.475  -6.999  3.472   1.00 12.69 ? 71   VAL A CG2 1 
ATOM   574  N  N   . ASP A 1 72  ? -0.404  -6.228  7.985   1.00 13.87 ? 72   ASP A N   1 
ATOM   575  C  CA  . ASP A 1 72  ? -0.803  -6.110  9.390   1.00 14.78 ? 72   ASP A CA  1 
ATOM   576  C  C   . ASP A 1 72  ? -0.489  -4.693  9.892   1.00 14.56 ? 72   ASP A C   1 
ATOM   577  O  O   . ASP A 1 72  ? -1.352  -4.039  10.493  1.00 14.67 ? 72   ASP A O   1 
ATOM   578  C  CB  . ASP A 1 72  ? -0.098  -7.218  10.198  1.00 15.35 ? 72   ASP A CB  1 
ATOM   579  C  CG  . ASP A 1 72  ? -0.460  -7.255  11.688  1.00 17.74 ? 72   ASP A CG  1 
ATOM   580  O  OD1 . ASP A 1 72  ? -1.147  -6.366  12.242  1.00 21.56 ? 72   ASP A OD1 1 
ATOM   581  O  OD2 . ASP A 1 72  ? -0.017  -8.234  12.329  1.00 19.89 ? 72   ASP A OD2 1 
ATOM   582  N  N   . ALA A 1 73  ? 0.724   -4.210  9.620   1.00 14.63 ? 73   ALA A N   1 
ATOM   583  C  CA  . ALA A 1 73  ? 1.136   -2.855  10.013  1.00 14.53 ? 73   ALA A CA  1 
ATOM   584  C  C   . ALA A 1 73  ? 0.227   -1.781  9.417   1.00 14.56 ? 73   ALA A C   1 
ATOM   585  O  O   . ALA A 1 73  ? -0.097  -0.815  10.110  1.00 14.67 ? 73   ALA A O   1 
ATOM   586  C  CB  . ALA A 1 73  ? 2.604   -2.586  9.668   1.00 14.77 ? 73   ALA A CB  1 
ATOM   587  N  N   . ALA A 1 74  ? -0.188  -1.956  8.162   1.00 13.96 ? 74   ALA A N   1 
ATOM   588  C  CA  . ALA A 1 74  ? -1.079  -0.989  7.512   1.00 14.08 ? 74   ALA A CA  1 
ATOM   589  C  C   . ALA A 1 74  ? -2.432  -0.933  8.224   1.00 14.00 ? 74   ALA A C   1 
ATOM   590  O  O   . ALA A 1 74  ? -2.964  0.150   8.482   1.00 14.39 ? 74   ALA A O   1 
ATOM   591  C  CB  . ALA A 1 74  ? -1.237  -1.303  6.034   1.00 13.98 ? 74   ALA A CB  1 
ATOM   592  N  N   . VAL A 1 75  ? -2.986  -2.100  8.548   1.00 13.83 ? 75   VAL A N   1 
ATOM   593  C  CA  . VAL A 1 75  ? -4.263  -2.170  9.269   1.00 14.20 ? 75   VAL A CA  1 
ATOM   594  C  C   . VAL A 1 75  ? -4.125  -1.530  10.654  1.00 14.83 ? 75   VAL A C   1 
ATOM   595  O  O   . VAL A 1 75  ? -4.980  -0.735  11.064  1.00 14.64 ? 75   VAL A O   1 
ATOM   596  C  CB  . VAL A 1 75  ? -4.795  -3.619  9.376   1.00 13.91 ? 75   VAL A CB  1 
ATOM   597  C  CG1 . VAL A 1 75  ? -6.131  -3.675  10.144  1.00 13.84 ? 75   VAL A CG1 1 
ATOM   598  C  CG2 . VAL A 1 75  ? -4.980  -4.228  7.991   1.00 13.63 ? 75   VAL A CG2 1 
ATOM   599  N  N   . ARG A 1 76  ? -3.054  -1.872  11.373  1.00 15.55 ? 76   ARG A N   1 
ATOM   600  C  CA  . ARG A 1 76  ? -2.823  -1.297  12.705  1.00 16.54 ? 76   ARG A CA  1 
ATOM   601  C  C   . ARG A 1 76  ? -2.690  0.224   12.655  1.00 16.65 ? 76   ARG A C   1 
ATOM   602  O  O   . ARG A 1 76  ? -3.201  0.919   13.542  1.00 17.10 ? 76   ARG A O   1 
ATOM   603  C  CB  . ARG A 1 76  ? -1.599  -1.915  13.387  1.00 16.96 ? 76   ARG A CB  1 
ATOM   604  C  CG  . ARG A 1 76  ? -1.739  -3.388  13.728  0.80 18.81 ? 76   ARG A CG  1 
ATOM   605  C  CD  . ARG A 1 76  ? -0.731  -3.811  14.804  0.80 21.67 ? 76   ARG A CD  1 
ATOM   606  N  NE  . ARG A 1 76  ? 0.614   -3.257  14.602  0.80 23.58 ? 76   ARG A NE  1 
ATOM   607  C  CZ  . ARG A 1 76  ? 1.559   -3.775  13.820  0.80 24.02 ? 76   ARG A CZ  1 
ATOM   608  N  NH1 . ARG A 1 76  ? 1.345   -4.887  13.128  0.80 24.48 ? 76   ARG A NH1 1 
ATOM   609  N  NH2 . ARG A 1 76  ? 2.736   -3.170  13.733  0.80 24.55 ? 76   ARG A NH2 1 
ATOM   610  N  N   . GLY A 1 77  ? -2.021  0.724   11.617  1.00 16.56 ? 77   GLY A N   1 
ATOM   611  C  CA  . GLY A 1 77  ? -1.853  2.159   11.366  1.00 16.38 ? 77   GLY A CA  1 
ATOM   612  C  C   . GLY A 1 77  ? -3.189  2.861   11.232  1.00 16.52 ? 77   GLY A C   1 
ATOM   613  O  O   . GLY A 1 77  ? -3.415  3.921   11.826  1.00 17.01 ? 77   GLY A O   1 
ATOM   614  N  N   . ILE A 1 78  ? -4.080  2.254   10.456  1.00 15.93 ? 78   ILE A N   1 
ATOM   615  C  CA  . ILE A 1 78  ? -5.429  2.774   10.252  1.00 15.87 ? 78   ILE A CA  1 
ATOM   616  C  C   . ILE A 1 78  ? -6.196  2.827   11.579  1.00 15.94 ? 78   ILE A C   1 
ATOM   617  O  O   . ILE A 1 78  ? -6.792  3.857   11.916  1.00 15.69 ? 78   ILE A O   1 
ATOM   618  C  CB  . ILE A 1 78  ? -6.190  1.942   9.189   1.00 15.64 ? 78   ILE A CB  1 
ATOM   619  C  CG1 . ILE A 1 78  ? -5.620  2.206   7.792   1.00 15.66 ? 78   ILE A CG1 1 
ATOM   620  C  CG2 . ILE A 1 78  ? -7.669  2.291   9.178   1.00 15.77 ? 78   ILE A CG2 1 
ATOM   621  C  CD1 . ILE A 1 78  ? -6.034  1.187   6.740   1.00 15.93 ? 78   ILE A CD1 1 
ATOM   622  N  N   . LEU A 1 79  ? -6.170  1.719   12.317  1.00 16.14 ? 79   LEU A N   1 
ATOM   623  C  CA  . LEU A 1 79  ? -6.938  1.609   13.559  1.00 16.64 ? 79   LEU A CA  1 
ATOM   624  C  C   . LEU A 1 79  ? -6.479  2.553   14.682  1.00 17.16 ? 79   LEU A C   1 
ATOM   625  O  O   . LEU A 1 79  ? -7.291  2.921   15.541  1.00 17.65 ? 79   LEU A O   1 
ATOM   626  C  CB  . LEU A 1 79  ? -6.982  0.147   14.029  1.00 16.52 ? 79   LEU A CB  1 
ATOM   627  C  CG  . LEU A 1 79  ? -7.672  -0.863  13.103  1.00 16.65 ? 79   LEU A CG  1 
ATOM   628  C  CD1 . LEU A 1 79  ? -7.430  -2.303  13.583  1.00 17.35 ? 79   LEU A CD1 1 
ATOM   629  C  CD2 . LEU A 1 79  ? -9.170  -0.585  12.932  1.00 17.27 ? 79   LEU A CD2 1 
ATOM   630  N  N   . ARG A 1 80  ? -5.206  2.944   14.661  1.00 17.51 ? 80   ARG A N   1 
ATOM   631  C  CA  . ARG A 1 80  ? -4.634  3.833   15.680  1.00 18.30 ? 80   ARG A CA  1 
ATOM   632  C  C   . ARG A 1 80  ? -4.722  5.316   15.294  1.00 18.15 ? 80   ARG A C   1 
ATOM   633  O  O   . ARG A 1 80  ? -4.404  6.194   16.103  1.00 18.35 ? 80   ARG A O   1 
ATOM   634  C  CB  . ARG A 1 80  ? -3.180  3.433   15.977  1.00 18.13 ? 80   ARG A CB  1 
ATOM   635  C  CG  . ARG A 1 80  ? -2.150  3.861   14.933  1.00 19.72 ? 80   ARG A CG  1 
ATOM   636  C  CD  . ARG A 1 80  ? -0.761  3.345   15.269  1.00 20.23 ? 80   ARG A CD  1 
ATOM   637  N  NE  . ARG A 1 80  ? 0.283   4.074   14.551  0.70 23.35 ? 80   ARG A NE  1 
ATOM   638  C  CZ  . ARG A 1 80  ? 0.919   5.148   15.016  0.70 24.64 ? 80   ARG A CZ  1 
ATOM   639  N  NH1 . ARG A 1 80  ? 0.637   5.649   16.213  0.70 25.64 ? 80   ARG A NH1 1 
ATOM   640  N  NH2 . ARG A 1 80  ? 1.853   5.729   14.274  0.70 25.69 ? 80   ARG A NH2 1 
ATOM   641  N  N   . ASN A 1 81  ? -5.154  5.581   14.061  1.00 17.91 ? 81   ASN A N   1 
ATOM   642  C  CA  . ASN A 1 81  ? -5.235  6.934   13.518  1.00 17.83 ? 81   ASN A CA  1 
ATOM   643  C  C   . ASN A 1 81  ? -6.633  7.513   13.671  1.00 17.87 ? 81   ASN A C   1 
ATOM   644  O  O   . ASN A 1 81  ? -7.613  6.922   13.195  1.00 17.88 ? 81   ASN A O   1 
ATOM   645  C  CB  . ASN A 1 81  ? -4.765  6.929   12.057  1.00 17.77 ? 81   ASN A CB  1 
ATOM   646  C  CG  . ASN A 1 81  ? -4.598  8.321   11.486  1.00 18.24 ? 81   ASN A CG  1 
ATOM   647  O  OD1 . ASN A 1 81  ? -5.575  9.001   11.176  1.00 18.03 ? 81   ASN A OD1 1 
ATOM   648  N  ND2 . ASN A 1 81  ? -3.349  8.749   11.331  1.00 18.46 ? 81   ASN A ND2 1 
ATOM   649  N  N   . ALA A 1 82  ? -6.714  8.667   14.332  1.00 17.83 ? 82   ALA A N   1 
ATOM   650  C  CA  . ALA A 1 82  ? -7.984  9.342   14.618  1.00 17.87 ? 82   ALA A CA  1 
ATOM   651  C  C   . ALA A 1 82  ? -8.771  9.760   13.373  1.00 17.88 ? 82   ALA A C   1 
ATOM   652  O  O   . ALA A 1 82  ? -10.000 9.887   13.422  1.00 17.90 ? 82   ALA A O   1 
ATOM   653  C  CB  . ALA A 1 82  ? -7.743  10.549  15.530  1.00 18.00 ? 82   ALA A CB  1 
ATOM   654  N  N   . LYS A 1 83  ? -8.058  9.969   12.269  1.00 17.74 ? 83   LYS A N   1 
ATOM   655  C  CA  . LYS A 1 83  ? -8.699  10.362  11.012  1.00 17.70 ? 83   LYS A CA  1 
ATOM   656  C  C   . LYS A 1 83  ? -9.099  9.145   10.174  1.00 17.14 ? 83   LYS A C   1 
ATOM   657  O  O   . LYS A 1 83  ? -10.186 9.122   9.580   1.00 17.71 ? 83   LYS A O   1 
ATOM   658  C  CB  . LYS A 1 83  ? -7.818  11.350  10.234  1.00 18.04 ? 83   LYS A CB  1 
ATOM   659  C  CG  . LYS A 1 83  ? -7.595  12.650  11.020  1.00 19.96 ? 83   LYS A CG  1 
ATOM   660  C  CD  . LYS A 1 83  ? -6.678  13.610  10.310  1.00 22.87 ? 83   LYS A CD  1 
ATOM   661  C  CE  . LYS A 1 83  ? -6.562  14.913  11.078  0.80 24.12 ? 83   LYS A CE  1 
ATOM   662  N  NZ  . LYS A 1 83  ? -5.828  15.930  10.266  0.80 25.53 ? 83   LYS A NZ  1 
ATOM   663  N  N   . LEU A 1 84  ? -8.236  8.129   10.145  1.00 16.07 ? 84   LEU A N   1 
ATOM   664  C  CA  . LEU A 1 84  ? -8.479  6.958   9.305   1.00 15.11 ? 84   LEU A CA  1 
ATOM   665  C  C   . LEU A 1 84  ? -9.478  5.955   9.878   1.00 14.76 ? 84   LEU A C   1 
ATOM   666  O  O   . LEU A 1 84  ? -10.278 5.387   9.123   1.00 14.33 ? 84   LEU A O   1 
ATOM   667  C  CB  . LEU A 1 84  ? -7.158  6.261   8.950   1.00 15.03 ? 84   LEU A CB  1 
ATOM   668  C  CG  . LEU A 1 84  ? -6.165  7.083   8.121   1.00 14.99 ? 84   LEU A CG  1 
ATOM   669  C  CD1 . LEU A 1 84  ? -4.856  6.324   8.011   1.00 14.65 ? 84   LEU A CD1 1 
ATOM   670  C  CD2 . LEU A 1 84  ? -6.689  7.408   6.723   1.00 15.09 ? 84   LEU A CD2 1 
ATOM   671  N  N   . LYS A 1 85  ? -9.442  5.748   11.195  1.00 14.56 ? 85   LYS A N   1 
ATOM   672  C  CA  . LYS A 1 85  ? -10.314 4.740   11.817  1.00 14.53 ? 85   LYS A CA  1 
ATOM   673  C  C   . LYS A 1 85  ? -11.818 4.947   11.550  1.00 14.28 ? 85   LYS A C   1 
ATOM   674  O  O   . LYS A 1 85  ? -12.469 3.972   11.156  1.00 14.27 ? 85   LYS A O   1 
ATOM   675  C  CB  . LYS A 1 85  ? -10.035 4.584   13.320  1.00 14.82 ? 85   LYS A CB  1 
ATOM   676  C  CG  . LYS A 1 85  ? -10.794 3.426   13.958  1.00 15.85 ? 85   LYS A CG  1 
ATOM   677  C  CD  . LYS A 1 85  ? -10.517 3.341   15.449  1.00 18.36 ? 85   LYS A CD  1 
ATOM   678  C  CE  . LYS A 1 85  ? -10.942 1.990   16.023  1.00 19.86 ? 85   LYS A CE  1 
ATOM   679  N  NZ  . LYS A 1 85  ? -12.365 1.636   15.824  1.00 20.38 ? 85   LYS A NZ  1 
ATOM   680  N  N   . PRO A 1 86  ? -12.369 6.172   11.756  1.00 14.20 ? 86   PRO A N   1 
ATOM   681  C  CA  . PRO A 1 86  ? -13.809 6.298   11.475  1.00 13.97 ? 86   PRO A CA  1 
ATOM   682  C  C   . PRO A 1 86  ? -14.197 6.004   10.025  1.00 13.65 ? 86   PRO A C   1 
ATOM   683  O  O   . PRO A 1 86  ? -15.273 5.455   9.785   1.00 13.63 ? 86   PRO A O   1 
ATOM   684  C  CB  . PRO A 1 86  ? -14.152 7.749   11.834  1.00 14.04 ? 86   PRO A CB  1 
ATOM   685  C  CG  . PRO A 1 86  ? -12.869 8.449   12.072  1.00 14.61 ? 86   PRO A CG  1 
ATOM   686  C  CD  . PRO A 1 86  ? -11.787 7.437   12.257  1.00 14.47 ? 86   PRO A CD  1 
ATOM   687  N  N   . VAL A 1 87  ? -13.335 6.362   9.074   1.00 13.33 ? 87   VAL A N   1 
ATOM   688  C  CA  . VAL A 1 87  ? -13.617 6.090   7.660   1.00 13.27 ? 87   VAL A CA  1 
ATOM   689  C  C   . VAL A 1 87  ? -13.579 4.582   7.429   1.00 13.13 ? 87   VAL A C   1 
ATOM   690  O  O   . VAL A 1 87  ? -14.483 4.015   6.822   1.00 12.78 ? 87   VAL A O   1 
ATOM   691  C  CB  . VAL A 1 87  ? -12.633 6.851   6.743   1.00 13.57 ? 87   VAL A CB  1 
ATOM   692  C  CG1 . VAL A 1 87  ? -12.940 6.574   5.274   1.00 14.06 ? 87   VAL A CG1 1 
ATOM   693  C  CG2 . VAL A 1 87  ? -12.714 8.341   7.047   1.00 13.63 ? 87   VAL A CG2 1 
ATOM   694  N  N   . TYR A 1 88  ? -12.531 3.936   7.942   1.00 13.11 ? 88   TYR A N   1 
ATOM   695  C  CA  . TYR A 1 88  ? -12.361 2.492   7.819   1.00 13.42 ? 88   TYR A CA  1 
ATOM   696  C  C   . TYR A 1 88  ? -13.557 1.747   8.398   1.00 13.33 ? 88   TYR A C   1 
ATOM   697  O  O   . TYR A 1 88  ? -14.110 0.855   7.757   1.00 13.05 ? 88   TYR A O   1 
ATOM   698  C  CB  . TYR A 1 88  ? -11.079 2.081   8.544   1.00 13.74 ? 88   TYR A CB  1 
ATOM   699  C  CG  . TYR A 1 88  ? -10.719 0.613   8.458   1.00 14.21 ? 88   TYR A CG  1 
ATOM   700  C  CD1 . TYR A 1 88  ? -10.037 0.115   7.342   1.00 14.23 ? 88   TYR A CD1 1 
ATOM   701  C  CD2 . TYR A 1 88  ? -11.047 -0.272  9.491   1.00 14.88 ? 88   TYR A CD2 1 
ATOM   702  C  CE1 . TYR A 1 88  ? -9.691  -1.233  7.252   1.00 15.43 ? 88   TYR A CE1 1 
ATOM   703  C  CE2 . TYR A 1 88  ? -10.707 -1.626  9.412   1.00 15.70 ? 88   TYR A CE2 1 
ATOM   704  C  CZ  . TYR A 1 88  ? -10.030 -2.096  8.284   1.00 15.49 ? 88   TYR A CZ  1 
ATOM   705  O  OH  . TYR A 1 88  ? -9.682  -3.423  8.184   1.00 15.89 ? 88   TYR A OH  1 
ATOM   706  N  N   . ASP A 1 89  ? -13.958 2.145   9.605   1.00 13.36 ? 89   ASP A N   1 
ATOM   707  C  CA  . ASP A 1 89  ? -15.081 1.514   10.301  1.00 13.62 ? 89   ASP A CA  1 
ATOM   708  C  C   . ASP A 1 89  ? -16.387 1.659   9.525   1.00 13.08 ? 89   ASP A C   1 
ATOM   709  O  O   . ASP A 1 89  ? -17.250 0.787   9.601   1.00 13.31 ? 89   ASP A O   1 
ATOM   710  C  CB  . ASP A 1 89  ? -15.205 2.070   11.722  1.00 14.13 ? 89   ASP A CB  1 
ATOM   711  C  CG  . ASP A 1 89  ? -14.137 1.530   12.658  1.00 15.77 ? 89   ASP A CG  1 
ATOM   712  O  OD1 . ASP A 1 89  ? -13.462 0.526   12.333  1.00 18.30 ? 89   ASP A OD1 1 
ATOM   713  O  OD2 . ASP A 1 89  ? -13.977 2.120   13.747  1.00 19.39 ? 89   ASP A OD2 1 
ATOM   714  N  N   . SER A 1 90  ? -16.502 2.748   8.766   1.00 12.67 ? 90   SER A N   1 
ATOM   715  C  CA  . SER A 1 90  ? -17.712 3.026   8.002   1.00 12.27 ? 90   SER A CA  1 
ATOM   716  C  C   . SER A 1 90  ? -17.846 2.237   6.700   1.00 11.95 ? 90   SER A C   1 
ATOM   717  O  O   . SER A 1 90  ? -18.928 2.197   6.120   1.00 12.11 ? 90   SER A O   1 
ATOM   718  C  CB  . SER A 1 90  ? -17.810 4.525   7.699   1.00 12.32 ? 90   SER A CB  1 
ATOM   719  O  OG  . SER A 1 90  ? -16.968 4.888   6.618   1.00 12.50 ? 90   SER A OG  1 
ATOM   720  N  N   . LEU A 1 91  ? -16.746 1.637   6.246   1.00 11.64 ? 91   LEU A N   1 
ATOM   721  C  CA  . LEU A 1 91  ? -16.700 0.956   4.955   1.00 11.36 ? 91   LEU A CA  1 
ATOM   722  C  C   . LEU A 1 91  ? -16.976 -0.537  5.014   1.00 11.34 ? 91   LEU A C   1 
ATOM   723  O  O   . LEU A 1 91  ? -16.778 -1.171  6.047   1.00 11.44 ? 91   LEU A O   1 
ATOM   724  C  CB  . LEU A 1 91  ? -15.316 1.148   4.315   1.00 11.57 ? 91   LEU A CB  1 
ATOM   725  C  CG  . LEU A 1 91  ? -14.854 2.571   3.996   1.00 11.00 ? 91   LEU A CG  1 
ATOM   726  C  CD1 . LEU A 1 91  ? -13.363 2.574   3.652   1.00 11.21 ? 91   LEU A CD1 1 
ATOM   727  C  CD2 . LEU A 1 91  ? -15.695 3.181   2.871   1.00 12.01 ? 91   LEU A CD2 1 
ATOM   728  N  N   . ASP A 1 92  ? -17.439 -1.057  3.881   1.00 11.43 ? 92   ASP A N   1 
ATOM   729  C  CA  . ASP A 1 92  ? -17.571 -2.490  3.631   1.00 11.74 ? 92   ASP A CA  1 
ATOM   730  C  C   . ASP A 1 92  ? -16.158 -3.065  3.449   1.00 11.79 ? 92   ASP A C   1 
ATOM   731  O  O   . ASP A 1 92  ? -15.191 -2.313  3.211   1.00 11.94 ? 92   ASP A O   1 
ATOM   732  C  CB  . ASP A 1 92  ? -18.372 -2.719  2.354   1.00 11.84 ? 92   ASP A CB  1 
ATOM   733  C  CG  . ASP A 1 92  ? -17.742 -2.011  1.169   1.00 12.32 ? 92   ASP A CG  1 
ATOM   734  O  OD1 . ASP A 1 92  ? -18.050 -0.820  0.957   1.00 12.21 ? 92   ASP A OD1 1 
ATOM   735  O  OD2 . ASP A 1 92  ? -16.923 -2.648  0.470   1.00 12.44 ? 92   ASP A OD2 1 
ATOM   736  N  N   . ALA A 1 93  ? -16.038 -4.391  3.532   1.00 11.69 ? 93   ALA A N   1 
ATOM   737  C  CA  . ALA A 1 93  ? -14.732 -5.066  3.447   1.00 11.82 ? 93   ALA A CA  1 
ATOM   738  C  C   . ALA A 1 93  ? -13.943 -4.830  2.155   1.00 11.75 ? 93   ALA A C   1 
ATOM   739  O  O   . ALA A 1 93  ? -12.704 -4.809  2.198   1.00 12.19 ? 93   ALA A O   1 
ATOM   740  C  CB  . ALA A 1 93  ? -14.880 -6.571  3.700   1.00 12.02 ? 93   ALA A CB  1 
ATOM   741  N  N   . VAL A 1 94  ? -14.631 -4.649  1.028   1.00 11.50 ? 94   VAL A N   1 
ATOM   742  C  CA  . VAL A 1 94  ? -13.947 -4.433  -0.264  1.00 11.19 ? 94   VAL A CA  1 
ATOM   743  C  C   . VAL A 1 94  ? -13.311 -3.050  -0.230  1.00 10.96 ? 94   VAL A C   1 
ATOM   744  O  O   . VAL A 1 94  ? -12.127 -2.894  -0.548  1.00 11.37 ? 94   VAL A O   1 
ATOM   745  C  CB  . VAL A 1 94  ? -14.882 -4.617  -1.491  1.00 11.31 ? 94   VAL A CB  1 
ATOM   746  C  CG1 . VAL A 1 94  ? -14.149 -4.366  -2.807  1.00 12.14 ? 94   VAL A CG1 1 
ATOM   747  C  CG2 . VAL A 1 94  ? -15.473 -6.025  -1.505  1.00 11.98 ? 94   VAL A CG2 1 
ATOM   748  N  N   . ARG A 1 95  ? -14.088 -2.045  0.174   1.00 10.51 ? 95   ARG A N   1 
ATOM   749  C  CA  . ARG A 1 95  ? -13.554 -0.677  0.272   1.00 10.30 ? 95   ARG A CA  1 
ATOM   750  C  C   . ARG A 1 95  ? -12.495 -0.533  1.374   1.00 10.45 ? 95   ARG A C   1 
ATOM   751  O  O   . ARG A 1 95  ? -11.560 0.274   1.233   1.00 10.33 ? 95   ARG A O   1 
ATOM   752  C  CB  . ARG A 1 95  ? -14.698 0.333   0.403   1.00 10.40 ? 95   ARG A CB  1 
ATOM   753  C  CG  . ARG A 1 95  ? -15.534 0.430   -0.870  1.00 9.99  ? 95   ARG A CG  1 
ATOM   754  C  CD  . ARG A 1 95  ? -16.560 1.531   -0.719  1.00 10.36 ? 95   ARG A CD  1 
ATOM   755  N  NE  . ARG A 1 95  ? -17.338 1.780   -1.933  1.00 11.71 ? 95   ARG A NE  1 
ATOM   756  C  CZ  . ARG A 1 95  ? -18.515 1.224   -2.220  1.00 12.25 ? 95   ARG A CZ  1 
ATOM   757  N  NH1 . ARG A 1 95  ? -19.106 0.350   -1.402  1.00 12.30 ? 95   ARG A NH1 1 
ATOM   758  N  NH2 . ARG A 1 95  ? -19.119 1.553   -3.354  1.00 12.24 ? 95   ARG A NH2 1 
ATOM   759  N  N   . ARG A 1 96  ? -12.625 -1.312  2.450   1.00 10.49 ? 96   ARG A N   1 
ATOM   760  C  CA  . ARG A 1 96  ? -11.595 -1.363  3.497   1.00 10.69 ? 96   ARG A CA  1 
ATOM   761  C  C   . ARG A 1 96  ? -10.257 -1.779  2.887   1.00 10.96 ? 96   ARG A C   1 
ATOM   762  O  O   . ARG A 1 96  ? -9.222  -1.206  3.242   1.00 11.01 ? 96   ARG A O   1 
ATOM   763  C  CB  . ARG A 1 96  ? -11.991 -2.313  4.627   1.00 10.76 ? 96   ARG A CB  1 
ATOM   764  C  CG  . ARG A 1 96  ? -13.005 -1.690  5.573   1.00 10.79 ? 96   ARG A CG  1 
ATOM   765  C  CD  . ARG A 1 96  ? -13.328 -2.623  6.736   1.00 13.28 ? 96   ARG A CD  1 
ATOM   766  N  NE  . ARG A 1 96  ? -14.369 -2.013  7.564   1.00 13.73 ? 96   ARG A NE  1 
ATOM   767  C  CZ  . ARG A 1 96  ? -15.148 -2.657  8.429   1.00 15.51 ? 96   ARG A CZ  1 
ATOM   768  N  NH1 . ARG A 1 96  ? -15.030 -3.969  8.615   1.00 16.76 ? 96   ARG A NH1 1 
ATOM   769  N  NH2 . ARG A 1 96  ? -16.064 -1.976  9.112   1.00 14.90 ? 96   ARG A NH2 1 
ATOM   770  N  N   . ALA A 1 97  ? -10.294 -2.755  1.979   1.00 10.77 ? 97   ALA A N   1 
ATOM   771  C  CA  . ALA A 1 97  ? -9.084  -3.220  1.295   1.00 10.78 ? 97   ALA A CA  1 
ATOM   772  C  C   . ALA A 1 97  ? -8.465  -2.083  0.475   1.00 10.74 ? 97   ALA A C   1 
ATOM   773  O  O   . ALA A 1 97  ? -7.242  -1.906  0.480   1.00 10.78 ? 97   ALA A O   1 
ATOM   774  C  CB  . ALA A 1 97  ? -9.385  -4.420  0.428   1.00 11.05 ? 97   ALA A CB  1 
ATOM   775  N  N   . ALA A 1 98  ? -9.305  -1.299  -0.208  1.00 10.15 ? 98   ALA A N   1 
ATOM   776  C  CA  . ALA A 1 98  ? -8.797  -0.148  -0.971  1.00 10.28 ? 98   ALA A CA  1 
ATOM   777  C  C   . ALA A 1 98  ? -8.049  0.855   -0.079  1.00 10.54 ? 98   ALA A C   1 
ATOM   778  O  O   . ALA A 1 98  ? -6.998  1.377   -0.468  1.00 10.48 ? 98   ALA A O   1 
ATOM   779  C  CB  . ALA A 1 98  ? -9.931  0.530   -1.748  1.00 10.31 ? 98   ALA A CB  1 
ATOM   780  N  N   . LEU A 1 99  ? -8.593  1.111   1.112   1.00 10.55 ? 99   LEU A N   1 
ATOM   781  C  CA  . LEU A 1 99  ? -7.947  2.021   2.056   1.00 10.89 ? 99   LEU A CA  1 
ATOM   782  C  C   . LEU A 1 99  ? -6.627  1.437   2.573   1.00 10.92 ? 99   LEU A C   1 
ATOM   783  O  O   . LEU A 1 99  ? -5.632  2.168   2.675   1.00 11.18 ? 99   LEU A O   1 
ATOM   784  C  CB  . LEU A 1 99  ? -8.885  2.416   3.210   1.00 10.72 ? 99   LEU A CB  1 
ATOM   785  C  CG  . LEU A 1 99  ? -8.411  3.542   4.137   1.00 11.11 ? 99   LEU A CG  1 
ATOM   786  C  CD1 . LEU A 1 99  ? -8.351  4.892   3.424   1.00 11.78 ? 99   LEU A CD1 1 
ATOM   787  C  CD2 . LEU A 1 99  ? -9.325  3.620   5.345   1.00 11.46 ? 99   LEU A CD2 1 
ATOM   788  N  N   . ILE A 1 100 ? -6.625  0.142   2.886   1.00 11.00 ? 100  ILE A N   1 
ATOM   789  C  CA  . ILE A 1 100 ? -5.403  -0.532  3.328   1.00 11.10 ? 100  ILE A CA  1 
ATOM   790  C  C   . ILE A 1 100 ? -4.331  -0.401  2.242   1.00 11.06 ? 100  ILE A C   1 
ATOM   791  O  O   . ILE A 1 100 ? -3.177  -0.099  2.573   1.00 11.72 ? 100  ILE A O   1 
ATOM   792  C  CB  . ILE A 1 100 ? -5.659  -2.004  3.709   1.00 11.10 ? 100  ILE A CB  1 
ATOM   793  C  CG1 . ILE A 1 100 ? -6.610  -2.076  4.907   1.00 11.18 ? 100  ILE A CG1 1 
ATOM   794  C  CG2 . ILE A 1 100 ? -4.343  -2.729  4.055   1.00 11.68 ? 100  ILE A CG2 1 
ATOM   795  C  CD1 . ILE A 1 100 ? -7.202  -3.461  5.126   1.00 11.83 ? 100  ILE A CD1 1 
ATOM   796  N  N   . ASN A 1 101 ? -4.723  -0.615  0.983   1.00 10.80 ? 101  ASN A N   1 
ATOM   797  C  CA  . ASN A 1 101 ? -3.829  -0.506  -0.172  1.00 10.64 ? 101  ASN A CA  1 
ATOM   798  C  C   . ASN A 1 101 ? -3.149  0.867   -0.185  1.00 10.87 ? 101  ASN A C   1 
ATOM   799  O  O   . ASN A 1 101 ? -1.921  0.937   -0.268  1.00 10.80 ? 101  ASN A O   1 
ATOM   800  C  CB  . ASN A 1 101 ? -4.619  -0.789  -1.456  1.00 10.38 ? 101  ASN A CB  1 
ATOM   801  C  CG  . ASN A 1 101 ? -3.739  -0.974  -2.680  1.00 10.44 ? 101  ASN A CG  1 
ATOM   802  O  OD1 . ASN A 1 101 ? -2.881  -0.151  -2.990  1.00 11.16 ? 101  ASN A OD1 1 
ATOM   803  N  ND2 . ASN A 1 101 ? -3.978  -2.062  -3.404  1.00 10.73 ? 101  ASN A ND2 1 
ATOM   804  N  N   . MET A 1 102 ? -3.936  1.941   -0.080  1.00 11.08 ? 102  MET A N   1 
ATOM   805  C  CA  . MET A 1 102 ? -3.401  3.308   -0.026  1.00 11.41 ? 102  MET A CA  1 
ATOM   806  C  C   . MET A 1 102 ? -2.395  3.503   1.109   1.00 11.74 ? 102  MET A C   1 
ATOM   807  O  O   . MET A 1 102 ? -1.326  4.077   0.898   1.00 11.73 ? 102  MET A O   1 
ATOM   808  C  CB  . MET A 1 102 ? -4.531  4.338   0.122   1.00 11.23 ? 102  MET A CB  1 
ATOM   809  C  CG  . MET A 1 102 ? -5.373  4.482   -1.125  1.00 11.41 ? 102  MET A CG  1 
ATOM   810  S  SD  . MET A 1 102 ? -6.528  5.853   -0.966  1.00 12.14 ? 102  MET A SD  1 
ATOM   811  C  CE  . MET A 1 102 ? -5.483  7.295   -1.187  1.00 13.27 ? 102  MET A CE  1 
ATOM   812  N  N   . VAL A 1 103 ? -2.747  3.027   2.302   1.00 11.86 ? 103  VAL A N   1 
ATOM   813  C  CA  . VAL A 1 103 ? -1.881  3.139   3.484   1.00 12.32 ? 103  VAL A CA  1 
ATOM   814  C  C   . VAL A 1 103 ? -0.574  2.369   3.279   1.00 12.32 ? 103  VAL A C   1 
ATOM   815  O  O   . VAL A 1 103 ? 0.503   2.863   3.634   1.00 12.95 ? 103  VAL A O   1 
ATOM   816  C  CB  . VAL A 1 103 ? -2.634  2.747   4.781   1.00 12.19 ? 103  VAL A CB  1 
ATOM   817  C  CG1 . VAL A 1 103 ? -1.696  2.689   5.994   1.00 13.38 ? 103  VAL A CG1 1 
ATOM   818  C  CG2 . VAL A 1 103 ? -3.752  3.749   5.053   1.00 12.55 ? 103  VAL A CG2 1 
ATOM   819  N  N   . PHE A 1 104 ? -0.669  1.180   2.689   1.00 12.47 ? 104  PHE A N   1 
ATOM   820  C  CA  . PHE A 1 104 ? 0.506   0.367   2.389   1.00 12.57 ? 104  PHE A CA  1 
ATOM   821  C  C   . PHE A 1 104 ? 1.466   1.150   1.474   1.00 13.16 ? 104  PHE A C   1 
ATOM   822  O  O   . PHE A 1 104 ? 2.680   1.162   1.705   1.00 13.47 ? 104  PHE A O   1 
ATOM   823  C  CB  . PHE A 1 104 ? 0.043   -0.949  1.754   1.00 12.22 ? 104  PHE A CB  1 
ATOM   824  C  CG  . PHE A 1 104 ? 1.141   -1.956  1.512   1.00 11.75 ? 104  PHE A CG  1 
ATOM   825  C  CD1 . PHE A 1 104 ? 2.035   -1.800  0.453   1.00 11.85 ? 104  PHE A CD1 1 
ATOM   826  C  CD2 . PHE A 1 104 ? 1.255   -3.079  2.329   1.00 11.91 ? 104  PHE A CD2 1 
ATOM   827  C  CE1 . PHE A 1 104 ? 3.051   -2.742  0.218   1.00 11.87 ? 104  PHE A CE1 1 
ATOM   828  C  CE2 . PHE A 1 104 ? 2.259   -4.035  2.098   1.00 11.35 ? 104  PHE A CE2 1 
ATOM   829  C  CZ  . PHE A 1 104 ? 3.161   -3.859  1.044   1.00 11.54 ? 104  PHE A CZ  1 
ATOM   830  N  N   . GLN A 1 105 ? 0.917   1.806   0.451   1.00 13.84 ? 105  GLN A N   1 
ATOM   831  C  CA  . GLN A 1 105 ? 1.732   2.517   -0.530  1.00 14.46 ? 105  GLN A CA  1 
ATOM   832  C  C   . GLN A 1 105 ? 2.314   3.846   -0.050  1.00 15.48 ? 105  GLN A C   1 
ATOM   833  O  O   . GLN A 1 105 ? 3.486   4.118   -0.319  1.00 15.72 ? 105  GLN A O   1 
ATOM   834  C  CB  . GLN A 1 105 ? 0.932   2.745   -1.821  1.00 14.17 ? 105  GLN A CB  1 
ATOM   835  C  CG  . GLN A 1 105 ? 1.764   3.383   -2.943  1.00 13.90 ? 105  GLN A CG  1 
ATOM   836  C  CD  . GLN A 1 105 ? 0.975   3.724   -4.183  1.00 13.63 ? 105  GLN A CD  1 
ATOM   837  O  OE1 . GLN A 1 105 ? -0.231  3.491   -4.259  1.00 12.67 ? 105  GLN A OE1 1 
ATOM   838  N  NE2 . GLN A 1 105 ? 1.662   4.302   -5.175  1.00 13.55 ? 105  GLN A NE2 1 
ATOM   839  N  N   A MET A 1 106 ? 1.501   4.634   0.650   0.50 15.96 ? 106  MET A N   1 
ATOM   840  N  N   B MET A 1 106 ? 1.518   4.656   0.647   0.50 16.09 ? 106  MET A N   1 
ATOM   841  C  CA  A MET A 1 106 ? 1.871   5.994   1.062   0.50 16.73 ? 106  MET A CA  1 
ATOM   842  C  CA  B MET A 1 106 ? 1.984   5.994   1.045   0.50 17.01 ? 106  MET A CA  1 
ATOM   843  C  C   A MET A 1 106 ? 2.119   6.226   2.550   0.50 17.07 ? 106  MET A C   1 
ATOM   844  C  C   B MET A 1 106 ? 2.027   6.276   2.559   0.50 17.19 ? 106  MET A C   1 
ATOM   845  O  O   A MET A 1 106 ? 2.700   7.250   2.927   0.50 17.22 ? 106  MET A O   1 
ATOM   846  O  O   B MET A 1 106 ? 2.359   7.395   2.967   0.50 17.32 ? 106  MET A O   1 
ATOM   847  C  CB  A MET A 1 106 ? 0.789   6.961   0.570   0.50 16.74 ? 106  MET A CB  1 
ATOM   848  C  CB  B MET A 1 106 ? 1.188   7.063   0.275   0.50 17.06 ? 106  MET A CB  1 
ATOM   849  C  CG  A MET A 1 106 ? 0.830   7.172   -0.934  0.50 16.72 ? 106  MET A CG  1 
ATOM   850  C  CG  B MET A 1 106 ? -0.235  7.266   0.764   0.50 17.15 ? 106  MET A CG  1 
ATOM   851  S  SD  A MET A 1 106 ? -0.539  8.135   -1.585  0.50 17.25 ? 106  MET A SD  1 
ATOM   852  S  SD  B MET A 1 106 ? -1.309  8.270   -0.279  0.50 18.16 ? 106  MET A SD  1 
ATOM   853  C  CE  A MET A 1 106 ? -1.852  6.921   -1.493  0.50 18.04 ? 106  MET A CE  1 
ATOM   854  C  CE  B MET A 1 106 ? -1.705  7.091   -1.563  0.50 18.66 ? 106  MET A CE  1 
ATOM   855  N  N   . GLY A 1 107 ? 1.694   5.282   3.381   1.00 17.39 ? 107  GLY A N   1 
ATOM   856  C  CA  . GLY A 1 107 ? 1.799   5.396   4.843   1.00 18.25 ? 107  GLY A CA  1 
ATOM   857  C  C   . GLY A 1 107 ? 0.580   6.021   5.497   1.00 18.90 ? 107  GLY A C   1 
ATOM   858  O  O   . GLY A 1 107 ? -0.183  6.740   4.843   1.00 19.24 ? 107  GLY A O   1 
ATOM   859  N  N   . GLU A 1 108 ? 0.428   5.730   6.789   1.00 19.55 ? 108  GLU A N   1 
ATOM   860  C  CA  . GLU A 1 108 ? -0.660  6.200   7.653   1.00 20.26 ? 108  GLU A CA  1 
ATOM   861  C  C   . GLU A 1 108 ? -0.882  7.712   7.583   1.00 20.27 ? 108  GLU A C   1 
ATOM   862  O  O   . GLU A 1 108 ? -1.970  8.161   7.218   1.00 20.02 ? 108  GLU A O   1 
ATOM   863  C  CB  . GLU A 1 108 ? -0.379  5.770   9.099   1.00 20.22 ? 108  GLU A CB  1 
ATOM   864  C  CG  . GLU A 1 108 ? -1.421  6.182   10.138  1.00 21.08 ? 108  GLU A CG  1 
ATOM   865  C  CD  . GLU A 1 108 ? -0.898  6.174   11.566  1.00 21.06 ? 108  GLU A CD  1 
ATOM   866  O  OE1 . GLU A 1 108 ? -0.023  5.349   11.913  1.00 23.12 ? 108  GLU A OE1 1 
ATOM   867  O  OE2 . GLU A 1 108 ? -1.375  7.010   12.363  1.00 22.28 ? 108  GLU A OE2 1 
ATOM   868  N  N   . THR A 1 109 ? 0.147   8.491   7.925   1.00 20.64 ? 109  THR A N   1 
ATOM   869  C  CA  . THR A 1 109 ? 0.038   9.961   7.949   1.00 20.85 ? 109  THR A CA  1 
ATOM   870  C  C   . THR A 1 109 ? -0.245  10.550  6.562   1.00 20.57 ? 109  THR A C   1 
ATOM   871  O  O   . THR A 1 109 ? -0.980  11.540  6.443   1.00 20.80 ? 109  THR A O   1 
ATOM   872  C  CB  . THR A 1 109 ? 1.241   10.633  8.654   1.00 20.90 ? 109  THR A CB  1 
ATOM   873  O  OG1 . THR A 1 109 ? 2.461   10.266  8.010   1.00 22.37 ? 109  THR A OG1 1 
ATOM   874  C  CG2 . THR A 1 109 ? 1.298   10.218  10.125  1.00 21.28 ? 109  THR A CG2 1 
ATOM   875  N  N   . GLY A 1 110 ? 0.324   9.924   5.533   1.00 20.44 ? 110  GLY A N   1 
ATOM   876  C  CA  . GLY A 1 110 ? 0.092   10.301  4.139   1.00 20.09 ? 110  GLY A CA  1 
ATOM   877  C  C   . GLY A 1 110 ? -1.378  10.283  3.744   1.00 19.82 ? 110  GLY A C   1 
ATOM   878  O  O   . GLY A 1 110 ? -1.906  11.287  3.257   1.00 20.43 ? 110  GLY A O   1 
ATOM   879  N  N   . VAL A 1 111 ? -2.044  9.153   3.975   1.00 18.94 ? 111  VAL A N   1 
ATOM   880  C  CA  . VAL A 1 111 ? -3.468  8.996   3.637   1.00 18.09 ? 111  VAL A CA  1 
ATOM   881  C  C   . VAL A 1 111 ? -4.349  9.803   4.602   1.00 17.89 ? 111  VAL A C   1 
ATOM   882  O  O   . VAL A 1 111 ? -5.369  10.355  4.187   1.00 17.69 ? 111  VAL A O   1 
ATOM   883  C  CB  . VAL A 1 111 ? -3.909  7.507   3.624   1.00 18.09 ? 111  VAL A CB  1 
ATOM   884  C  CG1 . VAL A 1 111 ? -5.353  7.350   3.162   1.00 17.64 ? 111  VAL A CG1 1 
ATOM   885  C  CG2 . VAL A 1 111 ? -3.025  6.673   2.713   1.00 17.80 ? 111  VAL A CG2 1 
ATOM   886  N  N   . ALA A 1 112 ? -3.944  9.881   5.871   1.00 17.60 ? 112  ALA A N   1 
ATOM   887  C  CA  . ALA A 1 112 ? -4.725  10.579  6.906   1.00 17.82 ? 112  ALA A CA  1 
ATOM   888  C  C   . ALA A 1 112 ? -4.947  12.055  6.590   1.00 17.77 ? 112  ALA A C   1 
ATOM   889  O  O   . ALA A 1 112 ? -5.922  12.646  7.055   1.00 18.14 ? 112  ALA A O   1 
ATOM   890  C  CB  . ALA A 1 112 ? -4.076  10.413  8.284   1.00 17.79 ? 112  ALA A CB  1 
ATOM   891  N  N   . GLY A 1 113 ? -4.040  12.637  5.804   1.00 17.74 ? 113  GLY A N   1 
ATOM   892  C  CA  . GLY A 1 113 ? -4.146  14.048  5.419   1.00 17.61 ? 113  GLY A CA  1 
ATOM   893  C  C   . GLY A 1 113 ? -5.086  14.378  4.270   1.00 17.59 ? 113  GLY A C   1 
ATOM   894  O  O   . GLY A 1 113 ? -5.328  15.562  4.014   1.00 17.72 ? 113  GLY A O   1 
ATOM   895  N  N   . PHE A 1 114 ? -5.611  13.358  3.583   1.00 17.37 ? 114  PHE A N   1 
ATOM   896  C  CA  . PHE A 1 114 ? -6.534  13.508  2.446   1.00 17.25 ? 114  PHE A CA  1 
ATOM   897  C  C   . PHE A 1 114 ? -7.927  13.820  3.000   1.00 16.89 ? 114  PHE A C   1 
ATOM   898  O  O   . PHE A 1 114 ? -8.885  13.077  2.759   1.00 16.73 ? 114  PHE A O   1 
ATOM   899  C  CB  . PHE A 1 114 ? -6.587  12.210  1.620   1.00 17.66 ? 114  PHE A CB  1 
ATOM   900  C  CG  . PHE A 1 114 ? -5.417  11.972  0.684   1.00 18.56 ? 114  PHE A CG  1 
ATOM   901  C  CD1 . PHE A 1 114 ? -4.121  12.417  0.967   1.00 19.65 ? 114  PHE A CD1 1 
ATOM   902  C  CD2 . PHE A 1 114 ? -5.631  11.247  -0.492  1.00 19.62 ? 114  PHE A CD2 1 
ATOM   903  C  CE1 . PHE A 1 114 ? -3.061  12.164  0.080   1.00 20.18 ? 114  PHE A CE1 1 
ATOM   904  C  CE2 . PHE A 1 114 ? -4.581  10.981  -1.392  1.00 21.26 ? 114  PHE A CE2 1 
ATOM   905  C  CZ  . PHE A 1 114 ? -3.295  11.443  -1.097  1.00 19.75 ? 114  PHE A CZ  1 
ATOM   906  N  N   . THR A 1 115 ? -8.028  14.928  3.734   1.00 16.73 ? 115  THR A N   1 
ATOM   907  C  CA  . THR A 1 115 ? -9.236  15.308  4.478   1.00 16.59 ? 115  THR A CA  1 
ATOM   908  C  C   . THR A 1 115 ? -10.532 15.289  3.658   1.00 16.10 ? 115  THR A C   1 
ATOM   909  O  O   . THR A 1 115 ? -11.531 14.714  4.092   1.00 16.05 ? 115  THR A O   1 
ATOM   910  C  CB  . THR A 1 115 ? -9.042  16.668  5.209   1.00 16.64 ? 115  THR A CB  1 
ATOM   911  O  OG1 . THR A 1 115 ? -7.812  16.626  5.944   1.00 17.75 ? 115  THR A OG1 1 
ATOM   912  C  CG2 . THR A 1 115 ? -10.200 16.978  6.162   1.00 16.85 ? 115  THR A CG2 1 
ATOM   913  N  N   . ASN A 1 116 ? -10.510 15.898  2.477   1.00 15.49 ? 116  ASN A N   1 
ATOM   914  C  CA  . ASN A 1 116 ? -11.704 15.968  1.647   1.00 15.28 ? 116  ASN A CA  1 
ATOM   915  C  C   . ASN A 1 116 ? -12.133 14.611  1.079   1.00 14.81 ? 116  ASN A C   1 
ATOM   916  O  O   . ASN A 1 116 ? -13.316 14.293  1.095   1.00 14.68 ? 116  ASN A O   1 
ATOM   917  C  CB  . ASN A 1 116 ? -11.523 17.039  0.565   1.00 15.19 ? 116  ASN A CB  1 
ATOM   918  C  CG  . ASN A 1 116 ? -11.179 18.398  1.154   1.00 16.54 ? 116  ASN A CG  1 
ATOM   919  O  OD1 . ASN A 1 116 ? -11.818 18.854  2.106   1.00 18.11 ? 116  ASN A OD1 1 
ATOM   920  N  ND2 . ASN A 1 116 ? -10.158 19.050  0.595   1.00 16.30 ? 116  ASN A ND2 1 
ATOM   921  N  N   . SER A 1 117 ? -11.171 13.823  0.599   1.00 14.29 ? 117  SER A N   1 
ATOM   922  C  CA  . SER A 1 117 ? -11.445 12.498  0.044   1.00 14.25 ? 117  SER A CA  1 
ATOM   923  C  C   . SER A 1 117 ? -12.031 11.602  1.129   1.00 13.85 ? 117  SER A C   1 
ATOM   924  O  O   . SER A 1 117 ? -13.002 10.878  0.890   1.00 13.65 ? 117  SER A O   1 
ATOM   925  C  CB  . SER A 1 117 ? -10.164 11.863  -0.506  1.00 14.17 ? 117  SER A CB  1 
ATOM   926  O  OG  . SER A 1 117 ? -9.470  12.749  -1.369  1.00 16.26 ? 117  SER A OG  1 
ATOM   927  N  N   . LEU A 1 118 ? -11.436 11.669  2.321   1.00 13.61 ? 118  LEU A N   1 
ATOM   928  C  CA  . LEU A 1 118 ? -11.901 10.878  3.464   1.00 13.64 ? 118  LEU A CA  1 
ATOM   929  C  C   . LEU A 1 118 ? -13.330 11.232  3.850   1.00 13.70 ? 118  LEU A C   1 
ATOM   930  O  O   . LEU A 1 118 ? -14.139 10.336  4.111   1.00 13.71 ? 118  LEU A O   1 
ATOM   931  C  CB  . LEU A 1 118 ? -10.958 11.024  4.662   1.00 13.40 ? 118  LEU A CB  1 
ATOM   932  C  CG  . LEU A 1 118 ? -9.581  10.369  4.489   1.00 14.22 ? 118  LEU A CG  1 
ATOM   933  C  CD1 . LEU A 1 118 ? -8.688  10.806  5.629   1.00 14.44 ? 118  LEU A CD1 1 
ATOM   934  C  CD2 . LEU A 1 118 ? -9.663  8.841   4.419   1.00 14.28 ? 118  LEU A CD2 1 
ATOM   935  N  N   . ARG A 1 119 ? -13.634 12.527  3.872   1.00 13.96 ? 119  ARG A N   1 
ATOM   936  C  CA  . ARG A 1 119 ? -14.991 12.982  4.167   1.00 14.15 ? 119  ARG A CA  1 
ATOM   937  C  C   . ARG A 1 119 ? -15.993 12.422  3.142   1.00 13.61 ? 119  ARG A C   1 
ATOM   938  O  O   . ARG A 1 119 ? -17.055 11.914  3.519   1.00 13.34 ? 119  ARG A O   1 
ATOM   939  C  CB  . ARG A 1 119 ? -15.049 14.510  4.215   1.00 14.02 ? 119  ARG A CB  1 
ATOM   940  C  CG  . ARG A 1 119 ? -16.397 15.050  4.692   1.00 15.38 ? 119  ARG A CG  1 
ATOM   941  C  CD  . ARG A 1 119 ? -16.562 16.547  4.477   1.00 15.94 ? 119  ARG A CD  1 
ATOM   942  N  NE  . ARG A 1 119 ? -16.578 16.886  3.051   1.00 19.21 ? 119  ARG A NE  1 
ATOM   943  C  CZ  . ARG A 1 119 ? -15.607 17.520  2.394   1.00 20.40 ? 119  ARG A CZ  1 
ATOM   944  N  NH1 . ARG A 1 119 ? -14.507 17.932  3.014   1.00 21.19 ? 119  ARG A NH1 1 
ATOM   945  N  NH2 . ARG A 1 119 ? -15.755 17.753  1.096   1.00 22.39 ? 119  ARG A NH2 1 
ATOM   946  N  N   . MET A 1 120 ? -15.654 12.499  1.856   1.00 13.12 ? 120  MET A N   1 
ATOM   947  C  CA  . MET A 1 120 ? -16.535 11.981  0.796   1.00 13.51 ? 120  MET A CA  1 
ATOM   948  C  C   . MET A 1 120 ? -16.746 10.467  0.921   1.00 13.18 ? 120  MET A C   1 
ATOM   949  O  O   . MET A 1 120 ? -17.855 9.980   0.706   1.00 13.44 ? 120  MET A O   1 
ATOM   950  C  CB  . MET A 1 120 ? -16.022 12.374  -0.591  1.00 13.29 ? 120  MET A CB  1 
ATOM   951  C  CG  . MET A 1 120 ? -16.042 13.864  -0.817  1.00 13.86 ? 120  MET A CG  1 
ATOM   952  S  SD  . MET A 1 120 ? -15.017 14.254  -2.236  1.00 15.29 ? 120  MET A SD  1 
ATOM   953  C  CE  . MET A 1 120 ? -14.883 16.033  -2.083  1.00 14.91 ? 120  MET A CE  1 
ATOM   954  N  N   . LEU A 1 121 ? -15.688 9.741   1.277   1.00 12.90 ? 121  LEU A N   1 
ATOM   955  C  CA  . LEU A 1 121 ? -15.807 8.302   1.534   1.00 12.83 ? 121  LEU A CA  1 
ATOM   956  C  C   . LEU A 1 121 ? -16.715 8.018   2.731   1.00 13.12 ? 121  LEU A C   1 
ATOM   957  O  O   . LEU A 1 121 ? -17.570 7.141   2.644   1.00 13.21 ? 121  LEU A O   1 
ATOM   958  C  CB  . LEU A 1 121 ? -14.437 7.654   1.747   1.00 12.72 ? 121  LEU A CB  1 
ATOM   959  C  CG  . LEU A 1 121 ? -13.514 7.586   0.526   1.00 12.49 ? 121  LEU A CG  1 
ATOM   960  C  CD1 . LEU A 1 121 ? -12.112 7.143   0.960   1.00 13.01 ? 121  LEU A CD1 1 
ATOM   961  C  CD2 . LEU A 1 121 ? -14.046 6.663   -0.564  1.00 11.92 ? 121  LEU A CD2 1 
ATOM   962  N  N   . GLN A 1 122 ? -16.521 8.754   3.829   1.00 13.67 ? 122  GLN A N   1 
ATOM   963  C  CA  . GLN A 1 122 ? -17.350 8.633   5.039   1.00 14.45 ? 122  GLN A CA  1 
ATOM   964  C  C   . GLN A 1 122 ? -18.837 8.848   4.732   1.00 14.37 ? 122  GLN A C   1 
ATOM   965  O  O   . GLN A 1 122 ? -19.708 8.147   5.262   1.00 14.48 ? 122  GLN A O   1 
ATOM   966  C  CB  . GLN A 1 122 ? -16.887 9.646   6.088   1.00 14.88 ? 122  GLN A CB  1 
ATOM   967  C  CG  . GLN A 1 122 ? -17.592 9.563   7.445   1.00 17.17 ? 122  GLN A CG  1 
ATOM   968  C  CD  . GLN A 1 122 ? -17.004 8.519   8.367   1.00 20.64 ? 122  GLN A CD  1 
ATOM   969  O  OE1 . GLN A 1 122 ? -15.783 8.426   8.530   1.00 21.82 ? 122  GLN A OE1 1 
ATOM   970  N  NE2 . GLN A 1 122 ? -17.874 7.735   8.994   1.00 21.54 ? 122  GLN A NE2 1 
ATOM   971  N  N   . GLN A 1 123 ? -19.096 9.815   3.856   1.00 14.16 ? 123  GLN A N   1 
ATOM   972  C  CA  . GLN A 1 123 ? -20.439 10.189  3.406   1.00 14.47 ? 123  GLN A CA  1 
ATOM   973  C  C   . GLN A 1 123 ? -21.018 9.274   2.334   1.00 13.70 ? 123  GLN A C   1 
ATOM   974  O  O   . GLN A 1 123 ? -22.174 9.448   1.930   1.00 13.81 ? 123  GLN A O   1 
ATOM   975  C  CB  . GLN A 1 123 ? -20.403 11.603  2.820   1.00 14.48 ? 123  GLN A CB  1 
ATOM   976  C  CG  . GLN A 1 123 ? -20.187 12.737  3.800   1.00 15.97 ? 123  GLN A CG  1 
ATOM   977  C  CD  . GLN A 1 123 ? -20.006 14.071  3.076   1.00 16.09 ? 123  GLN A CD  1 
ATOM   978  O  OE1 . GLN A 1 123 ? -20.634 15.065  3.438   1.00 21.03 ? 123  GLN A OE1 1 
ATOM   979  N  NE2 . GLN A 1 123 ? -19.152 14.099  2.058   1.00 18.68 ? 123  GLN A NE2 1 
ATOM   980  N  N   . LYS A 1 124 ? -20.213 8.328   1.854   1.00 12.98 ? 124  LYS A N   1 
ATOM   981  C  CA  . LYS A 1 124 ? -20.605 7.363   0.822   1.00 12.47 ? 124  LYS A CA  1 
ATOM   982  C  C   . LYS A 1 124 ? -21.014 8.047   -0.496  1.00 12.07 ? 124  LYS A C   1 
ATOM   983  O  O   . LYS A 1 124 ? -21.938 7.620   -1.192  1.00 12.41 ? 124  LYS A O   1 
ATOM   984  C  CB  . LYS A 1 124 ? -21.673 6.386   1.350   1.00 12.48 ? 124  LYS A CB  1 
ATOM   985  C  CG  . LYS A 1 124 ? -21.197 5.626   2.585   1.00 12.19 ? 124  LYS A CG  1 
ATOM   986  C  CD  . LYS A 1 124 ? -22.071 4.426   2.896   1.00 13.04 ? 124  LYS A CD  1 
ATOM   987  C  CE  . LYS A 1 124 ? -21.489 3.584   4.004   1.00 13.54 ? 124  LYS A CE  1 
ATOM   988  N  NZ  . LYS A 1 124 ? -20.143 3.034   3.691   1.00 14.83 ? 124  LYS A NZ  1 
ATOM   989  N  N   . ARG A 1 125 ? -20.279 9.109   -0.820  1.00 12.17 ? 125  ARG A N   1 
ATOM   990  C  CA  . ARG A 1 125 ? -20.406 9.838   -2.078  1.00 12.20 ? 125  ARG A CA  1 
ATOM   991  C  C   . ARG A 1 125 ? -19.318 9.244   -2.975  1.00 11.97 ? 125  ARG A C   1 
ATOM   992  O  O   . ARG A 1 125 ? -18.273 9.853   -3.213  1.00 12.31 ? 125  ARG A O   1 
ATOM   993  C  CB  . ARG A 1 125 ? -20.177 11.329  -1.856  1.00 12.31 ? 125  ARG A CB  1 
ATOM   994  C  CG  . ARG A 1 125 ? -21.279 12.050  -1.097  1.00 13.53 ? 125  ARG A CG  1 
ATOM   995  C  CD  . ARG A 1 125 ? -20.801 13.428  -0.707  1.00 16.81 ? 125  ARG A CD  1 
ATOM   996  N  NE  . ARG A 1 125 ? -21.846 14.240  -0.094  1.00 20.07 ? 125  ARG A NE  1 
ATOM   997  C  CZ  . ARG A 1 125 ? -22.335 15.364  -0.613  1.00 20.56 ? 125  ARG A CZ  1 
ATOM   998  N  NH1 . ARG A 1 125 ? -21.886 15.856  -1.765  1.00 21.32 ? 125  ARG A NH1 1 
ATOM   999  N  NH2 . ARG A 1 125 ? -23.283 16.009  0.046   1.00 21.75 ? 125  ARG A NH2 1 
ATOM   1000 N  N   . TRP A 1 126 ? -19.588 8.034   -3.468  1.00 11.86 ? 126  TRP A N   1 
ATOM   1001 C  CA  . TRP A 1 126 ? -18.565 7.229   -4.149  1.00 11.79 ? 126  TRP A CA  1 
ATOM   1002 C  C   . TRP A 1 126 ? -17.997 7.845   -5.415  1.00 12.24 ? 126  TRP A C   1 
ATOM   1003 O  O   . TRP A 1 126 ? -16.778 7.807   -5.587  1.00 12.16 ? 126  TRP A O   1 
ATOM   1004 C  CB  . TRP A 1 126 ? -19.072 5.815   -4.453  1.00 11.79 ? 126  TRP A CB  1 
ATOM   1005 C  CG  . TRP A 1 126 ? -19.638 5.076   -3.261  1.00 11.40 ? 126  TRP A CG  1 
ATOM   1006 C  CD1 . TRP A 1 126 ? -20.865 4.476   -3.191  1.00 11.66 ? 126  TRP A CD1 1 
ATOM   1007 C  CD2 . TRP A 1 126 ? -19.014 4.855   -1.985  1.00 11.12 ? 126  TRP A CD2 1 
ATOM   1008 N  NE1 . TRP A 1 126 ? -21.047 3.896   -1.964  1.00 11.06 ? 126  TRP A NE1 1 
ATOM   1009 C  CE2 . TRP A 1 126 ? -19.933 4.115   -1.197  1.00 11.52 ? 126  TRP A CE2 1 
ATOM   1010 C  CE3 . TRP A 1 126 ? -17.779 5.216   -1.420  1.00 11.78 ? 126  TRP A CE3 1 
ATOM   1011 C  CZ2 . TRP A 1 126 ? -19.653 3.711   0.113   1.00 11.64 ? 126  TRP A CZ2 1 
ATOM   1012 C  CZ3 . TRP A 1 126 ? -17.505 4.826   -0.111  1.00 11.17 ? 126  TRP A CZ3 1 
ATOM   1013 C  CH2 . TRP A 1 126 ? -18.440 4.076   0.647   1.00 12.08 ? 126  TRP A CH2 1 
ATOM   1014 N  N   . ASP A 1 127 ? -18.850 8.394   -6.282  1.00 12.39 ? 127  ASP A N   1 
ATOM   1015 C  CA  . ASP A 1 127 ? -18.362 9.017   -7.517  1.00 12.67 ? 127  ASP A CA  1 
ATOM   1016 C  C   . ASP A 1 127 ? -17.555 10.279  -7.221  1.00 12.74 ? 127  ASP A C   1 
ATOM   1017 O  O   . ASP A 1 127 ? -16.497 10.488  -7.827  1.00 12.52 ? 127  ASP A O   1 
ATOM   1018 C  CB  . ASP A 1 127 ? -19.490 9.290   -8.525  1.00 12.92 ? 127  ASP A CB  1 
ATOM   1019 C  CG  . ASP A 1 127 ? -19.931 8.042   -9.284  1.00 13.70 ? 127  ASP A CG  1 
ATOM   1020 O  OD1 . ASP A 1 127 ? -19.891 6.918   -8.735  1.00 14.66 ? 127  ASP A OD1 1 
ATOM   1021 O  OD2 . ASP A 1 127 ? -20.338 8.193   -10.456 1.00 15.14 ? 127  ASP A OD2 1 
ATOM   1022 N  N   . GLU A 1 128 ? -18.054 11.095  -6.295  1.00 12.83 ? 128  GLU A N   1 
ATOM   1023 C  CA  . GLU A 1 128 ? -17.376 12.326  -5.875  1.00 13.53 ? 128  GLU A CA  1 
ATOM   1024 C  C   . GLU A 1 128 ? -16.024 12.019  -5.231  1.00 12.92 ? 128  GLU A C   1 
ATOM   1025 O  O   . GLU A 1 128 ? -15.028 12.673  -5.556  1.00 12.61 ? 128  GLU A O   1 
ATOM   1026 C  CB  . GLU A 1 128 ? -18.260 13.139  -4.929  1.00 13.46 ? 128  GLU A CB  1 
ATOM   1027 C  CG  . GLU A 1 128 ? -17.780 14.577  -4.763  1.00 15.82 ? 128  GLU A CG  1 
ATOM   1028 C  CD  . GLU A 1 128 ? -18.689 15.427  -3.892  1.00 15.97 ? 128  GLU A CD  1 
ATOM   1029 O  OE1 . GLU A 1 128 ? -19.865 15.046  -3.684  1.00 19.22 ? 128  GLU A OE1 1 
ATOM   1030 O  OE2 . GLU A 1 128 ? -18.210 16.485  -3.418  1.00 20.53 ? 128  GLU A OE2 1 
ATOM   1031 N  N   . ALA A 1 129 ? -16.001 11.030  -4.338  1.00 12.48 ? 129  ALA A N   1 
ATOM   1032 C  CA  . ALA A 1 129 ? -14.757 10.600  -3.691  1.00 12.09 ? 129  ALA A CA  1 
ATOM   1033 C  C   . ALA A 1 129 ? -13.733 10.174  -4.738  1.00 12.26 ? 129  ALA A C   1 
ATOM   1034 O  O   . ALA A 1 129 ? -12.563 10.561  -4.681  1.00 12.50 ? 129  ALA A O   1 
ATOM   1035 C  CB  . ALA A 1 129 ? -15.017 9.458   -2.707  1.00 12.22 ? 129  ALA A CB  1 
ATOM   1036 N  N   . ALA A 1 130 ? -14.200 9.385   -5.700  1.00 12.08 ? 130  ALA A N   1 
ATOM   1037 C  CA  . ALA A 1 130 ? -13.358 8.876   -6.779  1.00 12.46 ? 130  ALA A CA  1 
ATOM   1038 C  C   . ALA A 1 130 ? -12.742 10.017  -7.584  1.00 12.83 ? 130  ALA A C   1 
ATOM   1039 O  O   . ALA A 1 130 ? -11.554 9.975   -7.901  1.00 12.80 ? 130  ALA A O   1 
ATOM   1040 C  CB  . ALA A 1 130 ? -14.164 7.954   -7.680  1.00 12.64 ? 130  ALA A CB  1 
ATOM   1041 N  N   . CYS A 1 131 ? -13.553 11.029  -7.902  1.00 13.08 ? 131  CYS A N   1 
ATOM   1042 C  CA  . CYS A 1 131 ? -13.091 12.183  -8.667  1.00 13.67 ? 131  CYS A CA  1 
ATOM   1043 C  C   . CYS A 1 131 ? -12.059 12.938  -7.847  1.00 13.39 ? 131  CYS A C   1 
ATOM   1044 O  O   . CYS A 1 131 ? -11.031 13.344  -8.374  1.00 13.65 ? 131  CYS A O   1 
ATOM   1045 C  CB  . CYS A 1 131 ? -14.307 13.042  -9.005  1.00 14.23 ? 131  CYS A CB  1 
ATOM   1046 S  SG  . CYS A 1 131 ? -13.867 14.559  -9.803  0.75 16.88 ? 131  CYS A SG  1 
ATOM   1047 N  N   . ASN A 1 132 ? -12.331 13.120  -6.558  1.00 12.95 ? 132  ASN A N   1 
ATOM   1048 C  CA  . ASN A 1 132 ? -11.439 13.866  -5.669  1.00 13.16 ? 132  ASN A CA  1 
ATOM   1049 C  C   . ASN A 1 132 ? -10.088 13.175  -5.460  1.00 12.98 ? 132  ASN A C   1 
ATOM   1050 O  O   . ASN A 1 132 ? -9.053  13.844  -5.419  1.00 12.89 ? 132  ASN A O   1 
ATOM   1051 C  CB  . ASN A 1 132 ? -12.114 14.118  -4.321  1.00 13.33 ? 132  ASN A CB  1 
ATOM   1052 C  CG  . ASN A 1 132 ? -11.332 15.070  -3.447  1.00 14.83 ? 132  ASN A CG  1 
ATOM   1053 O  OD1 . ASN A 1 132 ? -10.612 14.649  -2.547  1.00 16.59 ? 132  ASN A OD1 1 
ATOM   1054 N  ND2 . ASN A 1 132 ? -11.455 16.361  -3.719  1.00 16.20 ? 132  ASN A ND2 1 
ATOM   1055 N  N   . LEU A 1 133 ? -10.115 11.849  -5.339  1.00 12.95 ? 133  LEU A N   1 
ATOM   1056 C  CA  . LEU A 1 133 ? -8.896  11.065  -5.141  1.00 12.69 ? 133  LEU A CA  1 
ATOM   1057 C  C   . LEU A 1 133 ? -7.919  11.169  -6.300  1.00 12.95 ? 133  LEU A C   1 
ATOM   1058 O  O   . LEU A 1 133 ? -6.708  11.032  -6.089  1.00 12.88 ? 133  LEU A O   1 
ATOM   1059 C  CB  . LEU A 1 133 ? -9.244  9.592   -4.884  1.00 12.85 ? 133  LEU A CB  1 
ATOM   1060 C  CG  . LEU A 1 133 ? -9.739  9.270   -3.472  1.00 12.88 ? 133  LEU A CG  1 
ATOM   1061 C  CD1 . LEU A 1 133 ? -10.439 7.925   -3.455  1.00 13.59 ? 133  LEU A CD1 1 
ATOM   1062 C  CD2 . LEU A 1 133 ? -8.593  9.290   -2.464  1.00 13.77 ? 133  LEU A CD2 1 
ATOM   1063 N  N   . ALA A 1 134 ? -8.446  11.425  -7.498  1.00 12.84 ? 134  ALA A N   1 
ATOM   1064 C  CA  . ALA A 1 134 ? -7.617  11.508  -8.700  1.00 12.82 ? 134  ALA A CA  1 
ATOM   1065 C  C   . ALA A 1 134 ? -6.853  12.825  -8.805  1.00 12.65 ? 134  ALA A C   1 
ATOM   1066 O  O   . ALA A 1 134 ? -5.917  12.938  -9.606  1.00 12.98 ? 134  ALA A O   1 
ATOM   1067 C  CB  . ALA A 1 134 ? -8.462  11.268  -9.951  1.00 13.11 ? 134  ALA A CB  1 
ATOM   1068 N  N   . LYS A 1 135 ? -7.255  13.803  -7.998  1.00 12.35 ? 135  LYS A N   1 
ATOM   1069 C  CA  . LYS A 1 135 ? -6.620  15.126  -7.960  1.00 12.51 ? 135  LYS A CA  1 
ATOM   1070 C  C   . LYS A 1 135 ? -5.463  15.060  -6.963  1.00 12.05 ? 135  LYS A C   1 
ATOM   1071 O  O   . LYS A 1 135 ? -5.453  15.718  -5.919  1.00 12.31 ? 135  LYS A O   1 
ATOM   1072 C  CB  . LYS A 1 135 ? -7.660  16.195  -7.608  1.00 12.75 ? 135  LYS A CB  1 
ATOM   1073 C  CG  . LYS A 1 135 ? -8.768  16.318  -8.662  1.00 15.46 ? 135  LYS A CG  1 
ATOM   1074 C  CD  . LYS A 1 135 ? -9.568  17.602  -8.548  1.00 19.19 ? 135  LYS A CD  1 
ATOM   1075 C  CE  . LYS A 1 135 ? -10.356 17.703  -7.254  1.00 20.93 ? 135  LYS A CE  1 
ATOM   1076 N  NZ  . LYS A 1 135 ? -11.096 18.996  -7.179  0.70 22.40 ? 135  LYS A NZ  1 
ATOM   1077 N  N   . SER A 1 136 ? -4.470  14.240  -7.296  1.00 11.61 ? 136  SER A N   1 
ATOM   1078 C  CA  . SER A 1 136 ? -3.399  13.954  -6.344  1.00 11.32 ? 136  SER A CA  1 
ATOM   1079 C  C   . SER A 1 136 ? -2.092  13.603  -7.016  1.00 11.24 ? 136  SER A C   1 
ATOM   1080 O  O   . SER A 1 136 ? -2.105  13.122  -8.143  1.00 11.47 ? 136  SER A O   1 
ATOM   1081 C  CB  . SER A 1 136 ? -3.804  12.745  -5.486  1.00 11.36 ? 136  SER A CB  1 
ATOM   1082 O  OG  . SER A 1 136 ? -4.044  11.587  -6.278  1.00 11.17 ? 136  SER A OG  1 
ATOM   1083 N  N   . ARG A 1 137 ? -0.990  13.836  -6.302  1.00 11.00 ? 137  ARG A N   1 
ATOM   1084 C  CA  . ARG A 1 137 ? 0.329   13.404  -6.771  1.00 11.35 ? 137  ARG A CA  1 
ATOM   1085 C  C   . ARG A 1 137 ? 0.263   11.887  -6.969  1.00 11.64 ? 137  ARG A C   1 
ATOM   1086 O  O   . ARG A 1 137 ? 0.742   11.368  -7.981  1.00 11.63 ? 137  ARG A O   1 
ATOM   1087 C  CB  . ARG A 1 137 ? 1.426   13.762  -5.778  1.00 11.24 ? 137  ARG A CB  1 
ATOM   1088 C  CG  . ARG A 1 137 ? 2.785   13.255  -6.263  1.00 12.23 ? 137  ARG A CG  1 
ATOM   1089 C  CD  . ARG A 1 137 ? 3.901   13.550  -5.290  1.00 14.40 ? 137  ARG A CD  1 
ATOM   1090 N  NE  . ARG A 1 137 ? 5.172   13.121  -5.878  1.00 16.65 ? 137  ARG A NE  1 
ATOM   1091 C  CZ  . ARG A 1 137 ? 5.670   11.886  -5.834  1.00 17.95 ? 137  ARG A CZ  1 
ATOM   1092 N  NH1 . ARG A 1 137 ? 5.030   10.899  -5.217  1.00 19.41 ? 137  ARG A NH1 1 
ATOM   1093 N  NH2 . ARG A 1 137 ? 6.840   11.642  -6.425  1.00 18.89 ? 137  ARG A NH2 1 
ATOM   1094 N  N   . TRP A 1 138 ? -0.342  11.192  -6.008  1.00 11.74 ? 138  TRP A N   1 
ATOM   1095 C  CA  . TRP A 1 138 ? -0.525  9.746   -6.093  1.00 12.00 ? 138  TRP A CA  1 
ATOM   1096 C  C   . TRP A 1 138 ? -1.060  9.278   -7.444  1.00 12.32 ? 138  TRP A C   1 
ATOM   1097 O  O   . TRP A 1 138 ? -0.454  8.431   -8.097  1.00 12.52 ? 138  TRP A O   1 
ATOM   1098 C  CB  . TRP A 1 138 ? -1.465  9.325   -4.972  1.00 12.19 ? 138  TRP A CB  1 
ATOM   1099 C  CG  . TRP A 1 138 ? -1.925  7.897   -4.985  1.00 12.23 ? 138  TRP A CG  1 
ATOM   1100 C  CD1 . TRP A 1 138 ? -1.141  6.768   -4.988  1.00 12.57 ? 138  TRP A CD1 1 
ATOM   1101 C  CD2 . TRP A 1 138 ? -3.284  7.445   -4.966  1.00 12.23 ? 138  TRP A CD2 1 
ATOM   1102 N  NE1 . TRP A 1 138 ? -1.936  5.646   -4.976  1.00 12.46 ? 138  TRP A NE1 1 
ATOM   1103 C  CE2 . TRP A 1 138 ? -3.253  6.030   -4.959  1.00 12.52 ? 138  TRP A CE2 1 
ATOM   1104 C  CE3 . TRP A 1 138 ? -4.526  8.100   -4.954  1.00 12.24 ? 138  TRP A CE3 1 
ATOM   1105 C  CZ2 . TRP A 1 138 ? -4.415  5.254   -4.942  1.00 12.33 ? 138  TRP A CZ2 1 
ATOM   1106 C  CZ3 . TRP A 1 138 ? -5.689  7.327   -4.942  1.00 12.25 ? 138  TRP A CZ3 1 
ATOM   1107 C  CH2 . TRP A 1 138 ? -5.623  5.915   -4.935  1.00 12.53 ? 138  TRP A CH2 1 
ATOM   1108 N  N   . TYR A 1 139 ? -2.187  9.840   -7.868  1.00 12.42 ? 139  TYR A N   1 
ATOM   1109 C  CA  . TYR A 1 139 ? -2.791  9.469   -9.138  1.00 13.14 ? 139  TYR A CA  1 
ATOM   1110 C  C   . TYR A 1 139 ? -1.873  9.796   -10.312 1.00 12.87 ? 139  TYR A C   1 
ATOM   1111 O  O   . TYR A 1 139 ? -1.720  8.991   -11.217 1.00 13.21 ? 139  TYR A O   1 
ATOM   1112 C  CB  . TYR A 1 139 ? -4.143  10.167  -9.293  1.00 14.29 ? 139  TYR A CB  1 
ATOM   1113 C  CG  . TYR A 1 139 ? -4.867  9.865   -10.583 1.00 15.65 ? 139  TYR A CG  1 
ATOM   1114 C  CD1 . TYR A 1 139 ? -4.655  10.660  -11.720 1.00 17.40 ? 139  TYR A CD1 1 
ATOM   1115 C  CD2 . TYR A 1 139 ? -5.769  8.803   -10.669 1.00 16.04 ? 139  TYR A CD2 1 
ATOM   1116 C  CE1 . TYR A 1 139 ? -5.314  10.402  -12.918 1.00 18.70 ? 139  TYR A CE1 1 
ATOM   1117 C  CE2 . TYR A 1 139 ? -6.443  8.533   -11.873 1.00 18.15 ? 139  TYR A CE2 1 
ATOM   1118 C  CZ  . TYR A 1 139 ? -6.203  9.338   -12.983 1.00 18.15 ? 139  TYR A CZ  1 
ATOM   1119 O  OH  . TYR A 1 139 ? -6.843  9.119   -14.182 1.00 19.57 ? 139  TYR A OH  1 
ATOM   1120 N  N   . ASN A 1 140 ? -1.264  10.976  -10.301 1.00 12.33 ? 140  ASN A N   1 
ATOM   1121 C  CA  . ASN A 1 140 ? -0.403  11.370  -11.410 1.00 11.93 ? 140  ASN A CA  1 
ATOM   1122 C  C   . ASN A 1 140 ? 0.855   10.516  -11.549 1.00 11.59 ? 140  ASN A C   1 
ATOM   1123 O  O   . ASN A 1 140 ? 1.250   10.202  -12.673 1.00 11.67 ? 140  ASN A O   1 
ATOM   1124 C  CB  . ASN A 1 140 ? -0.053  12.850  -11.313 1.00 11.78 ? 140  ASN A CB  1 
ATOM   1125 C  CG  . ASN A 1 140 ? -1.174  13.736  -11.809 1.00 12.15 ? 140  ASN A CG  1 
ATOM   1126 O  OD1 . ASN A 1 140 ? -1.323  13.942  -13.019 1.00 12.93 ? 140  ASN A OD1 1 
ATOM   1127 N  ND2 . ASN A 1 140 ? -1.964  14.267  -10.878 1.00 11.55 ? 140  ASN A ND2 1 
ATOM   1128 N  N   . GLN A 1 141 ? 1.462   10.129  -10.429 1.00 11.16 ? 141  GLN A N   1 
ATOM   1129 C  CA  . GLN A 1 141 ? 2.702   9.342   -10.479 1.00 11.18 ? 141  GLN A CA  1 
ATOM   1130 C  C   . GLN A 1 141 ? 2.490   7.843   -10.718 1.00 11.17 ? 141  GLN A C   1 
ATOM   1131 O  O   . GLN A 1 141 ? 3.322   7.194   -11.361 1.00 11.79 ? 141  GLN A O   1 
ATOM   1132 C  CB  . GLN A 1 141 ? 3.562   9.567   -9.230  1.00 10.89 ? 141  GLN A CB  1 
ATOM   1133 C  CG  . GLN A 1 141 ? 3.914   11.028  -8.918  1.00 11.77 ? 141  GLN A CG  1 
ATOM   1134 C  CD  . GLN A 1 141 ? 4.644   11.782  -10.018 1.00 12.40 ? 141  GLN A CD  1 
ATOM   1135 O  OE1 . GLN A 1 141 ? 4.271   12.913  -10.359 1.00 12.45 ? 141  GLN A OE1 1 
ATOM   1136 N  NE2 . GLN A 1 141 ? 5.684   11.175  -10.575 1.00 12.32 ? 141  GLN A NE2 1 
ATOM   1137 N  N   . THR A 1 142 ? 1.396   7.289   -10.188 1.00 11.30 ? 142  THR A N   1 
ATOM   1138 C  CA  . THR A 1 142 ? 1.034   5.882   -10.390 1.00 11.46 ? 142  THR A CA  1 
ATOM   1139 C  C   . THR A 1 142 ? -0.423  5.805   -10.869 1.00 11.45 ? 142  THR A C   1 
ATOM   1140 O  O   . THR A 1 142 ? -1.281  5.300   -10.136 1.00 11.44 ? 142  THR A O   1 
ATOM   1141 C  CB  . THR A 1 142 ? 1.269   5.002   -9.130  1.00 11.51 ? 142  THR A CB  1 
ATOM   1142 O  OG1 . THR A 1 142 ? 0.626   5.588   -7.992  1.00 11.91 ? 142  THR A OG1 1 
ATOM   1143 C  CG2 . THR A 1 142 ? 2.756   4.844   -8.812  1.00 11.87 ? 142  THR A CG2 1 
ATOM   1144 N  N   . PRO A 1 143 ? -0.711  6.279   -12.099 1.00 11.18 ? 143  PRO A N   1 
ATOM   1145 C  CA  . PRO A 1 143 ? -2.117  6.340   -12.538 1.00 11.29 ? 143  PRO A CA  1 
ATOM   1146 C  C   . PRO A 1 143 ? -2.815  5.003   -12.728 1.00 11.33 ? 143  PRO A C   1 
ATOM   1147 O  O   . PRO A 1 143 ? -3.991  4.909   -12.408 1.00 11.49 ? 143  PRO A O   1 
ATOM   1148 C  CB  . PRO A 1 143 ? -2.056  7.137   -13.854 1.00 11.14 ? 143  PRO A CB  1 
ATOM   1149 C  CG  . PRO A 1 143 ? -0.673  6.899   -14.365 1.00 10.92 ? 143  PRO A CG  1 
ATOM   1150 C  CD  . PRO A 1 143 ? 0.200   6.799   -13.141 1.00 11.41 ? 143  PRO A CD  1 
ATOM   1151 N  N   . ASN A 1 144 ? -2.125  3.978   -13.219 1.00 11.59 ? 144  ASN A N   1 
ATOM   1152 C  CA  . ASN A 1 144 ? -2.794  2.694   -13.407 1.00 11.80 ? 144  ASN A CA  1 
ATOM   1153 C  C   . ASN A 1 144 ? -3.183  2.040   -12.089 1.00 11.53 ? 144  ASN A C   1 
ATOM   1154 O  O   . ASN A 1 144 ? -4.289  1.517   -11.956 1.00 11.64 ? 144  ASN A O   1 
ATOM   1155 C  CB  . ASN A 1 144 ? -1.955  1.762   -14.278 1.00 12.21 ? 144  ASN A CB  1 
ATOM   1156 C  CG  . ASN A 1 144 ? -1.930  2.221   -15.725 1.00 12.83 ? 144  ASN A CG  1 
ATOM   1157 O  OD1 . ASN A 1 144 ? -2.677  3.124   -16.106 1.00 16.77 ? 144  ASN A OD1 1 
ATOM   1158 N  ND2 . ASN A 1 144 ? -1.094  1.594   -16.535 1.00 15.48 ? 144  ASN A ND2 1 
ATOM   1159 N  N   . ARG A 1 145 ? -2.272  2.097   -11.124 1.00 11.62 ? 145  ARG A N   1 
ATOM   1160 C  CA  . ARG A 1 145 ? -2.545  1.538   -9.806  1.00 11.51 ? 145  ARG A CA  1 
ATOM   1161 C  C   . ARG A 1 145 ? -3.618  2.373   -9.093  1.00 11.34 ? 145  ARG A C   1 
ATOM   1162 O  O   . ARG A 1 145 ? -4.552  1.813   -8.502  1.00 11.17 ? 145  ARG A O   1 
ATOM   1163 C  CB  . ARG A 1 145 ? -1.270  1.477   -8.977  1.00 11.62 ? 145  ARG A CB  1 
ATOM   1164 C  CG  . ARG A 1 145 ? -1.477  0.636   -7.730  1.00 13.00 ? 145  ARG A CG  1 
ATOM   1165 C  CD  . ARG A 1 145 ? -0.803  1.304   -6.579  1.00 13.97 ? 145  ARG A CD  1 
ATOM   1166 N  NE  . ARG A 1 145 ? -0.909  0.601   -5.296  1.00 12.73 ? 145  ARG A NE  1 
ATOM   1167 C  CZ  . ARG A 1 145 ? 0.132   0.099   -4.635  1.00 12.56 ? 145  ARG A CZ  1 
ATOM   1168 N  NH1 . ARG A 1 145 ? 1.366   0.195   -5.127  1.00 13.27 ? 145  ARG A NH1 1 
ATOM   1169 N  NH2 . ARG A 1 145 ? -0.058  -0.503  -3.469  1.00 11.93 ? 145  ARG A NH2 1 
ATOM   1170 N  N   . ALA A 1 146 ? -3.483  3.698   -9.154  1.00 10.99 ? 146  ALA A N   1 
ATOM   1171 C  CA  . ALA A 1 146 ? -4.472  4.590   -8.533  1.00 11.00 ? 146  ALA A CA  1 
ATOM   1172 C  C   . ALA A 1 146 ? -5.851  4.344   -9.136  1.00 11.15 ? 146  ALA A C   1 
ATOM   1173 O  O   . ALA A 1 146 ? -6.837  4.291   -8.396  1.00 11.34 ? 146  ALA A O   1 
ATOM   1174 C  CB  . ALA A 1 146 ? -4.074  6.053   -8.667  1.00 10.98 ? 146  ALA A CB  1 
ATOM   1175 N  N   . LYS A 1 147 ? -5.928  4.182   -10.457 1.00 10.85 ? 147  LYS A N   1 
ATOM   1176 C  CA  . LYS A 1 147 ? -7.206  3.900   -11.125 1.00 11.49 ? 147  LYS A CA  1 
ATOM   1177 C  C   . LYS A 1 147 ? -7.840  2.627   -10.575 1.00 11.19 ? 147  LYS A C   1 
ATOM   1178 O  O   . LYS A 1 147 ? -9.048  2.601   -10.343 1.00 11.23 ? 147  LYS A O   1 
ATOM   1179 C  CB  . LYS A 1 147 ? -7.051  3.810   -12.643 1.00 11.79 ? 147  LYS A CB  1 
ATOM   1180 C  CG  . LYS A 1 147 ? -6.941  5.161   -13.324 1.00 13.96 ? 147  LYS A CG  1 
ATOM   1181 C  CD  . LYS A 1 147 ? -6.537  5.010   -14.781 1.00 15.88 ? 147  LYS A CD  1 
ATOM   1182 C  CE  . LYS A 1 147 ? -6.329  6.378   -15.403 1.00 17.89 ? 147  LYS A CE  1 
ATOM   1183 N  NZ  . LYS A 1 147 ? -5.886  6.368   -16.831 0.80 19.12 ? 147  LYS A NZ  1 
ATOM   1184 N  N   . ARG A 1 148 ? -7.035  1.591   -10.350 1.00 10.87 ? 148  ARG A N   1 
ATOM   1185 C  CA  . ARG A 1 148 ? -7.569  0.337   -9.789  1.00 10.87 ? 148  ARG A CA  1 
ATOM   1186 C  C   . ARG A 1 148 ? -8.138  0.535   -8.387  1.00 10.86 ? 148  ARG A C   1 
ATOM   1187 O  O   . ARG A 1 148 ? -9.239  0.062   -8.075  1.00 10.95 ? 148  ARG A O   1 
ATOM   1188 C  CB  . ARG A 1 148 ? -6.501  -0.761  -9.770  1.00 10.94 ? 148  ARG A CB  1 
ATOM   1189 C  CG  . ARG A 1 148 ? -6.164  -1.302  -11.140 1.00 10.61 ? 148  ARG A CG  1 
ATOM   1190 C  CD  . ARG A 1 148 ? -5.339  -2.576  -11.066 1.00 11.03 ? 148  ARG A CD  1 
ATOM   1191 N  NE  . ARG A 1 148 ? -3.990  -2.384  -10.532 1.00 11.32 ? 148  ARG A NE  1 
ATOM   1192 C  CZ  . ARG A 1 148 ? -2.933  -2.018  -11.257 1.00 12.85 ? 148  ARG A CZ  1 
ATOM   1193 N  NH1 . ARG A 1 148 ? -3.047  -1.782  -12.563 1.00 12.88 ? 148  ARG A NH1 1 
ATOM   1194 N  NH2 . ARG A 1 148 ? -1.755  -1.877  -10.665 1.00 12.66 ? 148  ARG A NH2 1 
ATOM   1195 N  N   . VAL A 1 149 ? -7.385  1.244   -7.549  1.00 10.72 ? 149  VAL A N   1 
ATOM   1196 C  CA  . VAL A 1 149 ? -7.778  1.500   -6.163  1.00 10.75 ? 149  VAL A CA  1 
ATOM   1197 C  C   . VAL A 1 149 ? -9.043  2.370   -6.149  1.00 10.81 ? 149  VAL A C   1 
ATOM   1198 O  O   . VAL A 1 149 ? -9.987  2.093   -5.407  1.00 11.00 ? 149  VAL A O   1 
ATOM   1199 C  CB  . VAL A 1 149 ? -6.609  2.118   -5.366  1.00 10.84 ? 149  VAL A CB  1 
ATOM   1200 C  CG1 . VAL A 1 149 ? -7.038  2.540   -3.967  1.00 11.07 ? 149  VAL A CG1 1 
ATOM   1201 C  CG2 . VAL A 1 149 ? -5.435  1.118   -5.318  1.00 11.06 ? 149  VAL A CG2 1 
ATOM   1202 N  N   . ILE A 1 150 ? -9.057  3.408   -6.977  1.00 10.91 ? 150  ILE A N   1 
ATOM   1203 C  CA  . ILE A 1 150 ? -10.212 4.310   -7.061  1.00 10.98 ? 150  ILE A CA  1 
ATOM   1204 C  C   . ILE A 1 150 ? -11.466 3.565   -7.547  1.00 11.07 ? 150  ILE A C   1 
ATOM   1205 O  O   . ILE A 1 150 ? -12.551 3.805   -7.010  1.00 10.94 ? 150  ILE A O   1 
ATOM   1206 C  CB  . ILE A 1 150 ? -9.879  5.549   -7.920  1.00 11.08 ? 150  ILE A CB  1 
ATOM   1207 C  CG1 . ILE A 1 150 ? -8.880  6.421   -7.166  1.00 10.80 ? 150  ILE A CG1 1 
ATOM   1208 C  CG2 . ILE A 1 150 ? -11.127 6.347   -8.228  1.00 11.86 ? 150  ILE A CG2 1 
ATOM   1209 C  CD1 . ILE A 1 150 ? -8.208  7.462   -8.045  1.00 10.56 ? 150  ILE A CD1 1 
ATOM   1210 N  N   . THR A 1 151 ? -11.314 2.685   -8.542  1.00 11.16 ? 151  THR A N   1 
ATOM   1211 C  CA  . THR A 1 151 ? -12.438 1.872   -9.037  1.00 11.57 ? 151  THR A CA  1 
ATOM   1212 C  C   . THR A 1 151 ? -13.033 1.037   -7.904  1.00 11.43 ? 151  THR A C   1 
ATOM   1213 O  O   . THR A 1 151 ? -14.259 0.907   -7.793  1.00 11.41 ? 151  THR A O   1 
ATOM   1214 C  CB  . THR A 1 151 ? -12.028 0.995   -10.239 1.00 11.76 ? 151  THR A CB  1 
ATOM   1215 O  OG1 . THR A 1 151 ? -11.799 1.863   -11.353 1.00 13.92 ? 151  THR A OG1 1 
ATOM   1216 C  CG2 . THR A 1 151 ? -13.108 -0.031  -10.621 1.00 12.29 ? 151  THR A CG2 1 
ATOM   1217 N  N   . THR A 1 152 ? -12.158 0.497   -7.061  1.00 10.99 ? 152  THR A N   1 
ATOM   1218 C  CA  . THR A 1 152 ? -12.566 -0.306  -5.915  1.00 11.08 ? 152  THR A CA  1 
ATOM   1219 C  C   . THR A 1 152 ? -13.389 0.561   -4.953  1.00 11.21 ? 152  THR A C   1 
ATOM   1220 O  O   . THR A 1 152 ? -14.437 0.115   -4.494  1.00 11.61 ? 152  THR A O   1 
ATOM   1221 C  CB  . THR A 1 152 ? -11.342 -0.974  -5.256  1.00 10.79 ? 152  THR A CB  1 
ATOM   1222 O  OG1 . THR A 1 152 ? -10.599 -1.645  -6.286  1.00 10.54 ? 152  THR A OG1 1 
ATOM   1223 C  CG2 . THR A 1 152 ? -11.758 -1.966  -4.164  1.00 10.72 ? 152  THR A CG2 1 
ATOM   1224 N  N   . PHE A 1 153 ? -12.940 1.784   -4.662  1.00 11.14 ? 153  PHE A N   1 
ATOM   1225 C  CA  . PHE A 1 153 ? -13.727 2.699   -3.833  1.00 11.19 ? 153  PHE A CA  1 
ATOM   1226 C  C   . PHE A 1 153 ? -15.029 3.133   -4.503  1.00 11.75 ? 153  PHE A C   1 
ATOM   1227 O  O   . PHE A 1 153 ? -16.048 3.304   -3.828  1.00 12.05 ? 153  PHE A O   1 
ATOM   1228 C  CB  . PHE A 1 153 ? -12.975 3.990   -3.512  1.00 11.10 ? 153  PHE A CB  1 
ATOM   1229 C  CG  . PHE A 1 153 ? -11.966 3.905   -2.399  1.00 10.58 ? 153  PHE A CG  1 
ATOM   1230 C  CD1 . PHE A 1 153 ? -12.317 3.484   -1.106  1.00 10.94 ? 153  PHE A CD1 1 
ATOM   1231 C  CD2 . PHE A 1 153 ? -10.652 4.303   -2.650  1.00 10.82 ? 153  PHE A CD2 1 
ATOM   1232 C  CE1 . PHE A 1 153 ? -11.356 3.449   -0.084  1.00 11.27 ? 153  PHE A CE1 1 
ATOM   1233 C  CE2 . PHE A 1 153 ? -9.686  4.275   -1.647  1.00 11.28 ? 153  PHE A CE2 1 
ATOM   1234 C  CZ  . PHE A 1 153 ? -10.040 3.843   -0.360  1.00 10.63 ? 153  PHE A CZ  1 
ATOM   1235 N  N   . ARG A 1 154 ? -15.004 3.329   -5.820  1.00 12.12 ? 154  ARG A N   1 
ATOM   1236 C  CA  . ARG A 1 154 ? -16.197 3.800   -6.522  1.00 12.77 ? 154  ARG A CA  1 
ATOM   1237 C  C   . ARG A 1 154 ? -17.310 2.749   -6.553  1.00 12.66 ? 154  ARG A C   1 
ATOM   1238 O  O   . ARG A 1 154 ? -18.480 3.082   -6.322  1.00 12.68 ? 154  ARG A O   1 
ATOM   1239 C  CB  . ARG A 1 154 ? -15.853 4.273   -7.938  1.00 12.71 ? 154  ARG A CB  1 
ATOM   1240 C  CG  . ARG A 1 154 ? -17.049 4.867   -8.680  1.00 13.46 ? 154  ARG A CG  1 
ATOM   1241 C  CD  . ARG A 1 154 ? -16.706 5.326   -10.099 1.00 14.02 ? 154  ARG A CD  1 
ATOM   1242 N  NE  . ARG A 1 154 ? -16.153 4.249   -10.934 1.00 17.47 ? 154  ARG A NE  1 
ATOM   1243 C  CZ  . ARG A 1 154 ? -16.863 3.343   -11.610 1.00 19.52 ? 154  ARG A CZ  1 
ATOM   1244 N  NH1 . ARG A 1 154 ? -18.198 3.332   -11.587 1.00 20.25 ? 154  ARG A NH1 1 
ATOM   1245 N  NH2 . ARG A 1 154 ? -16.227 2.423   -12.326 1.00 20.83 ? 154  ARG A NH2 1 
ATOM   1246 N  N   . THR A 1 155 ? -16.928 1.498   -6.807  1.00 12.61 ? 155  THR A N   1 
ATOM   1247 C  CA  . THR A 1 155 ? -17.888 0.416   -7.047  1.00 12.49 ? 155  THR A CA  1 
ATOM   1248 C  C   . THR A 1 155 ? -18.120 -0.537  -5.876  1.00 12.66 ? 155  THR A C   1 
ATOM   1249 O  O   . THR A 1 155 ? -19.195 -1.150  -5.769  1.00 13.24 ? 155  THR A O   1 
ATOM   1250 C  CB  . THR A 1 155 ? -17.472 -0.436  -8.280  1.00 12.68 ? 155  THR A CB  1 
ATOM   1251 O  OG1 . THR A 1 155 ? -16.254 -1.142  -7.994  1.00 11.12 ? 155  THR A OG1 1 
ATOM   1252 C  CG2 . THR A 1 155 ? -17.300 0.411   -9.545  1.00 12.42 ? 155  THR A CG2 1 
ATOM   1253 N  N   . GLY A 1 156 ? -17.125 -0.686  -5.004  1.00 12.51 ? 156  GLY A N   1 
ATOM   1254 C  CA  . GLY A 1 156 ? -17.239 -1.646  -3.904  1.00 12.67 ? 156  GLY A CA  1 
ATOM   1255 C  C   . GLY A 1 156 ? -17.159 -3.062  -4.451  1.00 12.47 ? 156  GLY A C   1 
ATOM   1256 O  O   . GLY A 1 156 ? -17.628 -4.021  -3.822  1.00 12.53 ? 156  GLY A O   1 
ATOM   1257 N  N   . THR A 1 157 ? -16.564 -3.195  -5.638  1.00 12.59 ? 157  THR A N   1 
ATOM   1258 C  CA  . THR A 1 157 ? -16.355 -4.484  -6.285  1.00 12.48 ? 157  THR A CA  1 
ATOM   1259 C  C   . THR A 1 157 ? -14.866 -4.644  -6.580  1.00 12.13 ? 157  THR A C   1 
ATOM   1260 O  O   . THR A 1 157 ? -14.089 -3.689  -6.505  1.00 12.15 ? 157  THR A O   1 
ATOM   1261 C  CB  . THR A 1 157 ? -17.081 -4.631  -7.650  1.00 12.69 ? 157  THR A CB  1 
ATOM   1262 O  OG1 . THR A 1 157 ? -16.398 -3.842  -8.641  1.00 12.79 ? 157  THR A OG1 1 
ATOM   1263 C  CG2 . THR A 1 157 ? -18.549 -4.221  -7.572  1.00 13.15 ? 157  THR A CG2 1 
ATOM   1264 N  N   . TRP A 1 158 ? -14.494 -5.868  -6.933  1.00 11.95 ? 158  TRP A N   1 
ATOM   1265 C  CA  . TRP A 1 158 ? -13.130 -6.185  -7.335  1.00 12.27 ? 158  TRP A CA  1 
ATOM   1266 C  C   . TRP A 1 158 ? -12.911 -6.127  -8.853  1.00 12.68 ? 158  TRP A C   1 
ATOM   1267 O  O   . TRP A 1 158 ? -11.939 -6.683  -9.368  1.00 12.51 ? 158  TRP A O   1 
ATOM   1268 C  CB  . TRP A 1 158 ? -12.793 -7.570  -6.801  1.00 12.19 ? 158  TRP A CB  1 
ATOM   1269 C  CG  . TRP A 1 158 ? -12.621 -7.640  -5.317  1.00 12.03 ? 158  TRP A CG  1 
ATOM   1270 C  CD1 . TRP A 1 158 ? -13.417 -8.317  -4.428  1.00 11.66 ? 158  TRP A CD1 1 
ATOM   1271 C  CD2 . TRP A 1 158 ? -11.581 -7.031  -4.540  1.00 11.68 ? 158  TRP A CD2 1 
ATOM   1272 N  NE1 . TRP A 1 158 ? -12.934 -8.163  -3.150  1.00 12.09 ? 158  TRP A NE1 1 
ATOM   1273 C  CE2 . TRP A 1 158 ? -11.810 -7.380  -3.188  1.00 11.45 ? 158  TRP A CE2 1 
ATOM   1274 C  CE3 . TRP A 1 158 ? -10.472 -6.218  -4.853  1.00 11.92 ? 158  TRP A CE3 1 
ATOM   1275 C  CZ2 . TRP A 1 158 ? -10.975 -6.949  -2.143  1.00 11.83 ? 158  TRP A CZ2 1 
ATOM   1276 C  CZ3 . TRP A 1 158 ? -9.636  -5.796  -3.811  1.00 11.89 ? 158  TRP A CZ3 1 
ATOM   1277 C  CH2 . TRP A 1 158 ? -9.895  -6.166  -2.476  1.00 12.42 ? 158  TRP A CH2 1 
ATOM   1278 N  N   . ASP A 1 159 ? -13.794 -5.438  -9.574  1.00 13.51 ? 159  ASP A N   1 
ATOM   1279 C  CA  . ASP A 1 159 ? -13.726 -5.398  -11.044 1.00 14.50 ? 159  ASP A CA  1 
ATOM   1280 C  C   . ASP A 1 159 ? -12.363 -5.002  -11.631 1.00 14.31 ? 159  ASP A C   1 
ATOM   1281 O  O   . ASP A 1 159 ? -11.950 -5.547  -12.662 1.00 14.87 ? 159  ASP A O   1 
ATOM   1282 C  CB  . ASP A 1 159 ? -14.827 -4.493  -11.608 1.00 15.00 ? 159  ASP A CB  1 
ATOM   1283 C  CG  . ASP A 1 159 ? -16.226 -5.096  -11.499 1.00 17.23 ? 159  ASP A CG  1 
ATOM   1284 O  OD1 . ASP A 1 159 ? -16.431 -6.172  -10.891 1.00 19.27 ? 159  ASP A OD1 1 
ATOM   1285 O  OD2 . ASP A 1 159 ? -17.149 -4.456  -12.045 1.00 20.67 ? 159  ASP A OD2 1 
ATOM   1286 N  N   . ALA A 1 160 ? -11.665 -4.080  -10.968 1.00 14.15 ? 160  ALA A N   1 
ATOM   1287 C  CA  . ALA A 1 160 ? -10.364 -3.604  -11.457 1.00 14.52 ? 160  ALA A CA  1 
ATOM   1288 C  C   . ALA A 1 160 ? -9.233  -4.616  -11.288 1.00 15.05 ? 160  ALA A C   1 
ATOM   1289 O  O   . ALA A 1 160 ? -8.154  -4.412  -11.845 1.00 14.87 ? 160  ALA A O   1 
ATOM   1290 C  CB  . ALA A 1 160 ? -9.995  -2.284  -10.791 1.00 14.26 ? 160  ALA A CB  1 
ATOM   1291 N  N   . TYR A 1 161 ? -9.478  -5.688  -10.533 1.00 15.67 ? 161  TYR A N   1 
ATOM   1292 C  CA  . TYR A 1 161 ? -8.456  -6.713  -10.301 1.00 16.92 ? 161  TYR A CA  1 
ATOM   1293 C  C   . TYR A 1 161 ? -8.791  -8.073  -10.914 1.00 18.94 ? 161  TYR A C   1 
ATOM   1294 O  O   . TYR A 1 161 ? -7.977  -8.997  -10.825 1.00 18.87 ? 161  TYR A O   1 
ATOM   1295 C  CB  . TYR A 1 161 ? -8.156  -6.832  -8.797  1.00 15.60 ? 161  TYR A CB  1 
ATOM   1296 C  CG  . TYR A 1 161 ? -7.471  -5.604  -8.243  1.00 14.18 ? 161  TYR A CG  1 
ATOM   1297 C  CD1 . TYR A 1 161 ? -8.223  -4.518  -7.805  1.00 11.91 ? 161  TYR A CD1 1 
ATOM   1298 C  CD2 . TYR A 1 161 ? -6.071  -5.522  -8.160  1.00 12.96 ? 161  TYR A CD2 1 
ATOM   1299 C  CE1 . TYR A 1 161 ? -7.614  -3.367  -7.304  1.00 11.96 ? 161  TYR A CE1 1 
ATOM   1300 C  CE2 . TYR A 1 161 ? -5.446  -4.378  -7.654  1.00 12.29 ? 161  TYR A CE2 1 
ATOM   1301 C  CZ  . TYR A 1 161 ? -6.231  -3.299  -7.229  1.00 12.42 ? 161  TYR A CZ  1 
ATOM   1302 O  OH  . TYR A 1 161 ? -5.660  -2.156  -6.725  1.00 12.29 ? 161  TYR A OH  1 
ATOM   1303 N  N   . LYS A 1 162 ? -9.965  -8.171  -11.544 1.00 21.83 ? 162  LYS A N   1 
ATOM   1304 C  CA  . LYS A 1 162 ? -10.491 -9.417  -12.141 1.00 24.41 ? 162  LYS A CA  1 
ATOM   1305 C  C   . LYS A 1 162 ? -9.539  -10.204 -13.046 1.00 25.75 ? 162  LYS A C   1 
ATOM   1306 O  O   . LYS A 1 162 ? -9.159  -11.322 -12.678 1.00 26.52 ? 162  LYS A O   1 
ATOM   1307 C  CB  . LYS A 1 162 ? -11.823 -9.165  -12.865 1.00 24.61 ? 162  LYS A CB  1 
ATOM   1308 C  CG  . LYS A 1 162 ? -13.036 -9.136  -11.951 1.00 26.10 ? 162  LYS A CG  1 
ATOM   1309 C  CD  . LYS A 1 162 ? -14.300 -8.954  -12.779 1.00 28.20 ? 162  LYS A CD  1 
ATOM   1310 C  CE  . LYS A 1 162 ? -15.549 -9.086  -11.922 1.00 29.45 ? 162  LYS A CE  1 
ATOM   1311 N  NZ  . LYS A 1 162 ? -16.785 -9.017  -12.758 1.00 30.28 ? 162  LYS A NZ  1 
ATOM   1312 N  N   . ASN A 1 163 ? -9.160  -9.644  -14.195 1.00 27.31 ? 163  ASN A N   1 
ATOM   1313 C  CA  . ASN A 1 163 ? -8.243  -10.327 -15.121 1.00 28.56 ? 163  ASN A CA  1 
ATOM   1314 C  C   . ASN A 1 163 ? -6.788  -9.870  -14.962 1.00 29.15 ? 163  ASN A C   1 
ATOM   1315 O  O   . ASN A 1 163 ? -6.125  -9.481  -15.929 1.00 29.47 ? 163  ASN A O   1 
ATOM   1316 C  CB  . ASN A 1 163 ? -8.746  -10.259 -16.578 1.00 28.85 ? 163  ASN A CB  1 
ATOM   1317 C  CG  . ASN A 1 163 ? -9.115  -8.853  -17.033 0.80 29.30 ? 163  ASN A CG  1 
ATOM   1318 O  OD1 . ASN A 1 163 ? -10.268 -8.600  -17.387 0.80 30.25 ? 163  ASN A OD1 1 
ATOM   1319 N  ND2 . ASN A 1 163 ? -8.153  -7.937  -17.029 0.80 29.96 ? 163  ASN A ND2 1 
ATOM   1320 N  N   . LEU A 1 164 ? -6.307  -9.924  -13.720 1.00 29.71 ? 164  LEU A N   1 
ATOM   1321 C  CA  . LEU A 1 164 ? -4.937  -9.529  -13.393 1.00 30.17 ? 164  LEU A CA  1 
ATOM   1322 C  C   . LEU A 1 164 ? -4.192  -10.582 -12.570 1.00 30.31 ? 164  LEU A C   1 
ATOM   1323 O  O   . LEU A 1 164 ? -2.963  -10.595 -12.529 1.00 30.53 ? 164  LEU A O   1 
ATOM   1324 C  CB  . LEU A 1 164 ? -4.913  -8.170  -12.680 1.00 30.25 ? 164  LEU A CB  1 
ATOM   1325 C  CG  . LEU A 1 164 ? -5.106  -6.876  -13.478 1.00 30.72 ? 164  LEU A CG  1 
ATOM   1326 C  CD1 . LEU A 1 164 ? -6.525  -6.583  -13.941 1.00 31.36 ? 164  LEU A CD1 1 
ATOM   1327 C  CD2 . LEU A 1 164 ? -4.644  -5.730  -12.613 1.00 30.84 ? 164  LEU A CD2 1 
ATOM   1328 O  OXT . LEU A 1 164 ? -4.782  -11.449 -11.928 1.00 30.52 ? 164  LEU A OXT 1 
HETATM 1329 S  SD  . R1F B 2 .   ? -13.658 15.851  -8.299  0.75 22.12 ? 1131 R1F A SD  1 
HETATM 1330 C  CE  . R1F B 2 .   ? -15.285 16.333  -7.804  0.75 22.72 ? 1131 R1F A CE  1 
HETATM 1331 C  C3  . R1F B 2 .   ? -16.044 17.167  -8.830  0.75 24.41 ? 1131 R1F A C3  1 
HETATM 1332 C  C2  . R1F B 2 .   ? -15.692 18.587  -9.250  0.75 25.21 ? 1131 R1F A C2  1 
HETATM 1333 C  C9  . R1F B 2 .   ? -15.993 19.549  -8.096  0.75 25.12 ? 1131 R1F A C9  1 
HETATM 1334 C  C8  . R1F B 2 .   ? -14.248 18.860  -9.678  0.75 25.71 ? 1131 R1F A C8  1 
HETATM 1335 N  N1  . R1F B 2 .   ? -16.624 18.816  -10.349 0.75 25.71 ? 1131 R1F A N1  1 
HETATM 1336 O  O1  . R1F B 2 .   ? -16.603 19.821  -11.058 0.75 26.53 ? 1131 R1F A O1  1 
HETATM 1337 C  C4  . R1F B 2 .   ? -17.145 16.738  -9.474  0.75 24.55 ? 1131 R1F A C4  1 
HETATM 1338 C  C5  . R1F B 2 .   ? -17.583 17.733  -10.528 0.75 25.33 ? 1131 R1F A C5  1 
HETATM 1339 C  C6  . R1F B 2 .   ? -19.023 18.209  -10.360 0.75 25.75 ? 1131 R1F A C6  1 
HETATM 1340 C  C7  . R1F B 2 .   ? -17.472 17.121  -11.926 0.75 25.40 ? 1131 R1F A C7  1 
HETATM 1341 C  C10 . R1F B 2 .   ? -17.912 15.459  -9.214  0.75 23.70 ? 1131 R1F A C10 1 
HETATM 1342 C  C11 . R1F B 2 .   ? -18.949 15.463  -8.273  0.75 23.94 ? 1131 R1F A C11 1 
HETATM 1343 C  C12 . R1F B 2 .   ? -19.685 14.300  -8.018  0.75 23.20 ? 1131 R1F A C12 1 
HETATM 1344 C  C13 . R1F B 2 .   ? -19.387 13.119  -8.703  0.75 23.24 ? 1131 R1F A C13 1 
HETATM 1345 C  C14 . R1F B 2 .   ? -18.355 13.106  -9.643  0.75 22.85 ? 1131 R1F A C14 1 
HETATM 1346 C  C15 . R1F B 2 .   ? -17.624 14.271  -9.898  0.75 23.72 ? 1131 R1F A C15 1 
HETATM 1347 CL CL  . CL  C 3 .   ? -21.277 10.413  -5.573  1.00 16.60 ? 200  CL  A CL  1 
HETATM 1348 CL CL  . CL  D 3 .   ? -4.194  17.820  -8.980  1.00 17.68 ? 201  CL  A CL  1 
HETATM 1349 CL CL  . CL  E 3 .   ? 6.695   -2.453  -6.302  1.00 15.12 ? 202  CL  A CL  1 
HETATM 1350 CL CL  . CL  F 3 .   ? 0.731   2.803   -11.958 1.00 17.79 ? 203  CL  A CL  1 
HETATM 1351 O  O   . HOH G 4 .   ? -12.068 -3.019  -8.244  1.00 12.29 ? 204  HOH A O   1 
HETATM 1352 O  O   . HOH G 4 .   ? -1.285  16.353  -8.651  1.00 12.21 ? 205  HOH A O   1 
HETATM 1353 O  O   . HOH G 4 .   ? 6.029   -6.473  1.977   1.00 11.34 ? 206  HOH A O   1 
HETATM 1354 O  O   . HOH G 4 .   ? 7.087   13.118  -12.276 1.00 13.23 ? 207  HOH A O   1 
HETATM 1355 O  O   . HOH G 4 .   ? 1.019   -1.380  -9.656  1.00 15.12 ? 208  HOH A O   1 
HETATM 1356 O  O   . HOH G 4 .   ? -18.564 -6.618  -3.577  1.00 14.25 ? 209  HOH A O   1 
HETATM 1357 O  O   . HOH G 4 .   ? -18.410 5.102   4.342   1.00 13.93 ? 210  HOH A O   1 
HETATM 1358 O  O   . HOH G 4 .   ? 22.318  4.400   -4.828  1.00 15.46 ? 211  HOH A O   1 
HETATM 1359 O  O   . HOH G 4 .   ? -2.737  2.711   -3.300  1.00 12.18 ? 212  HOH A O   1 
HETATM 1360 O  O   . HOH G 4 .   ? -5.278  -1.973  -14.470 1.00 15.30 ? 213  HOH A O   1 
HETATM 1361 O  O   . HOH G 4 .   ? -24.436 8.741   -1.789  1.00 16.32 ? 214  HOH A O   1 
HETATM 1362 O  O   . HOH G 4 .   ? -8.213  16.125  0.413   1.00 14.69 ? 215  HOH A O   1 
HETATM 1363 O  O   . HOH G 4 .   ? 6.990   -1.037  -3.891  1.00 14.52 ? 216  HOH A O   1 
HETATM 1364 O  O   . HOH G 4 .   ? 7.718   -8.523  1.042   1.00 10.61 ? 217  HOH A O   1 
HETATM 1365 O  O   . HOH G 4 .   ? 4.354   0.831   -2.170  1.00 15.82 ? 218  HOH A O   1 
HETATM 1366 O  O   . HOH G 4 .   ? -4.365  15.875  -11.332 1.00 16.74 ? 219  HOH A O   1 
HETATM 1367 O  O   . HOH G 4 .   ? -21.875 1.354   -4.469  1.00 12.70 ? 220  HOH A O   1 
HETATM 1368 O  O   . HOH G 4 .   ? -15.860 -8.761  1.402   1.00 15.22 ? 221  HOH A O   1 
HETATM 1369 O  O   . HOH G 4 .   ? -21.752 5.786   -6.931  1.00 13.66 ? 222  HOH A O   1 
HETATM 1370 O  O   . HOH G 4 .   ? -0.939  12.465  -3.409  1.00 13.00 ? 223  HOH A O   1 
HETATM 1371 O  O   . HOH G 4 .   ? 7.996   -6.361  7.739   1.00 13.81 ? 224  HOH A O   1 
HETATM 1372 O  O   . HOH G 4 .   ? 6.275   -16.857 4.946   1.00 17.24 ? 225  HOH A O   1 
HETATM 1373 O  O   . HOH G 4 .   ? 2.167   14.538  -9.565  1.00 12.76 ? 226  HOH A O   1 
HETATM 1374 O  O   . HOH G 4 .   ? -16.453 -8.135  -7.098  1.00 14.49 ? 227  HOH A O   1 
HETATM 1375 O  O   . HOH G 4 .   ? -5.691  -15.490 -1.194  1.00 11.10 ? 228  HOH A O   1 
HETATM 1376 O  O   . HOH G 4 .   ? 5.317   1.182   2.008   1.00 14.23 ? 229  HOH A O   1 
HETATM 1377 O  O   . HOH G 4 .   ? 20.551  -14.625 0.943   1.00 19.58 ? 230  HOH A O   1 
HETATM 1378 O  O   . HOH G 4 .   ? -0.191  10.436  -15.014 1.00 12.13 ? 231  HOH A O   1 
HETATM 1379 O  O   . HOH G 4 .   ? -9.289  -8.202  2.019   1.00 16.64 ? 232  HOH A O   1 
HETATM 1380 O  O   . HOH G 4 .   ? -15.983 9.517   -10.361 1.00 19.71 ? 233  HOH A O   1 
HETATM 1381 O  O   . HOH G 4 .   ? -21.923 -0.457  -1.264  1.00 15.91 ? 234  HOH A O   1 
HETATM 1382 O  O   . HOH G 4 .   ? -7.805  -2.983  -14.175 1.00 16.14 ? 235  HOH A O   1 
HETATM 1383 O  O   . HOH G 4 .   ? 6.332   -0.032  -0.382  1.00 14.76 ? 236  HOH A O   1 
HETATM 1384 O  O   . HOH G 4 .   ? -21.243 3.057   -6.589  1.00 14.64 ? 237  HOH A O   1 
HETATM 1385 O  O   . HOH G 4 .   ? 0.438   13.256  -14.954 1.00 14.61 ? 238  HOH A O   1 
HETATM 1386 O  O   . HOH G 4 .   ? -2.526  -11.688 -6.712  1.00 14.46 ? 239  HOH A O   1 
HETATM 1387 O  O   . HOH G 4 .   ? 8.551   0.386   -1.988  1.00 14.89 ? 240  HOH A O   1 
HETATM 1388 O  O   . HOH G 4 .   ? 11.960  -16.024 7.981   1.00 17.53 ? 241  HOH A O   1 
HETATM 1389 O  O   . HOH G 4 .   ? 11.333  -11.544 9.666   1.00 15.87 ? 242  HOH A O   1 
HETATM 1390 O  O   . HOH G 4 .   ? -22.398 7.317   -4.663  1.00 15.37 ? 243  HOH A O   1 
HETATM 1391 O  O   . HOH G 4 .   ? -5.759  0.826   -14.162 1.00 15.44 ? 244  HOH A O   1 
HETATM 1392 O  O   . HOH G 4 .   ? -5.090  17.874  5.475   1.00 20.41 ? 245  HOH A O   1 
HETATM 1393 O  O   . HOH G 4 .   ? -19.820 0.841   2.207   1.00 19.74 ? 246  HOH A O   1 
HETATM 1394 O  O   . HOH G 4 .   ? 10.140  -17.076 6.172   1.00 19.24 ? 247  HOH A O   1 
HETATM 1395 O  O   . HOH G 4 .   ? 7.681   4.212   -1.815  1.00 19.76 ? 248  HOH A O   1 
HETATM 1396 O  O   . HOH G 4 .   ? 7.680   -5.983  -4.947  1.00 17.20 ? 249  HOH A O   1 
HETATM 1397 O  O   . HOH G 4 .   ? -17.835 -6.698  1.727   1.00 16.16 ? 250  HOH A O   1 
HETATM 1398 O  O   . HOH G 4 .   ? 14.494  -16.815 7.256   1.00 19.08 ? 251  HOH A O   1 
HETATM 1399 O  O   . HOH G 4 .   ? -5.902  13.596  -12.215 1.00 18.48 ? 252  HOH A O   1 
HETATM 1400 O  O   . HOH G 4 .   ? 5.066   6.733   -7.192  1.00 18.26 ? 253  HOH A O   1 
HETATM 1401 O  O   . HOH G 4 .   ? 16.994  6.236   -6.954  1.00 18.26 ? 254  HOH A O   1 
HETATM 1402 O  O   . HOH G 4 .   ? -9.542  -14.701 -3.318  1.00 17.86 ? 255  HOH A O   1 
HETATM 1403 O  O   . HOH G 4 .   ? 16.287  -1.630  -9.530  1.00 18.27 ? 256  HOH A O   1 
HETATM 1404 O  O   . HOH G 4 .   ? 16.234  4.059   -1.057  1.00 15.97 ? 257  HOH A O   1 
HETATM 1405 O  O   . HOH G 4 .   ? -20.233 4.749   -10.298 1.00 20.70 ? 259  HOH A O   1 
HETATM 1406 O  O   . HOH G 4 .   ? -11.356 9.231   -10.611 1.00 16.27 ? 260  HOH A O   1 
HETATM 1407 O  O   . HOH G 4 .   ? 2.244   7.487   -6.484  1.00 16.06 ? 261  HOH A O   1 
HETATM 1408 O  O   . HOH G 4 .   ? 10.700  -19.819 -0.247  1.00 20.53 ? 262  HOH A O   1 
HETATM 1409 O  O   . HOH G 4 .   ? 9.361   9.846   -8.235  1.00 21.58 ? 263  HOH A O   1 
HETATM 1410 O  O   . HOH G 4 .   ? 17.251  -6.053  -8.558  1.00 19.60 ? 264  HOH A O   1 
HETATM 1411 O  O   . HOH G 4 .   ? -13.361 -12.019 -5.174  1.00 16.79 ? 265  HOH A O   1 
HETATM 1412 O  O   . HOH G 4 .   ? 13.337  -19.294 3.358   1.00 23.58 ? 266  HOH A O   1 
HETATM 1413 O  O   . HOH G 4 .   ? -13.765 7.996   -11.160 1.00 19.03 ? 267  HOH A O   1 
HETATM 1414 O  O   . HOH G 4 .   ? -1.538  -12.962 -2.498  1.00 17.45 ? 268  HOH A O   1 
HETATM 1415 O  O   . HOH G 4 .   ? -10.847 4.623   -11.682 1.00 17.74 ? 269  HOH A O   1 
HETATM 1416 O  O   . HOH G 4 .   ? -10.121 -14.721 -0.583  1.00 16.57 ? 270  HOH A O   1 
HETATM 1417 O  O   . HOH G 4 .   ? -21.188 -1.175  -7.625  1.00 21.43 ? 271  HOH A O   1 
HETATM 1418 O  O   . HOH G 4 .   ? 2.661   1.342   -7.376  1.00 19.04 ? 272  HOH A O   1 
HETATM 1419 O  O   . HOH G 4 .   ? 22.019  0.370   -6.449  1.00 26.46 ? 273  HOH A O   1 
HETATM 1420 O  O   . HOH G 4 .   ? 12.327  -18.744 -3.037  1.00 20.17 ? 274  HOH A O   1 
HETATM 1421 O  O   . HOH G 4 .   ? 24.131  -8.560  3.922   1.00 27.47 ? 275  HOH A O   1 
HETATM 1422 O  O   . HOH G 4 .   ? 2.802   -7.961  12.054  1.00 18.00 ? 276  HOH A O   1 
HETATM 1423 O  O   . HOH G 4 .   ? 2.573   1.047   -10.378 1.00 13.87 ? 277  HOH A O   1 
HETATM 1424 O  O   . HOH G 4 .   ? -1.796  -13.915 -5.149  1.00 17.92 ? 278  HOH A O   1 
HETATM 1425 O  O   . HOH G 4 .   ? -17.310 -9.042  -4.522  1.00 13.65 ? 279  HOH A O   1 
HETATM 1426 O  O   . HOH G 4 .   ? 1.061   -12.963 -1.633  1.00 17.95 ? 280  HOH A O   1 
HETATM 1427 O  O   . HOH G 4 .   ? -9.769  7.121   -11.578 1.00 18.90 ? 281  HOH A O   1 
HETATM 1428 O  O   . HOH G 4 .   ? -11.977 -13.198 -0.077  1.00 21.44 ? 282  HOH A O   1 
HETATM 1429 O  O   . HOH G 4 .   ? 4.522   -1.778  -7.865  1.00 21.85 ? 283  HOH A O   1 
HETATM 1430 O  O   . HOH G 4 .   ? -0.772  -11.977 -8.754  1.00 23.17 ? 284  HOH A O   1 
HETATM 1431 O  O   . HOH G 4 .   ? 20.143  -9.694  11.557  1.00 25.55 ? 285  HOH A O   1 
HETATM 1432 O  O   . HOH G 4 .   ? 16.048  -15.453 9.240   1.00 21.30 ? 286  HOH A O   1 
HETATM 1433 O  O   . HOH G 4 .   ? 2.699   -1.247  5.584   1.00 21.14 ? 287  HOH A O   1 
HETATM 1434 O  O   . HOH G 4 .   ? -13.484 5.067   -10.772 1.00 21.27 ? 288  HOH A O   1 
HETATM 1435 O  O   . HOH G 4 .   ? -10.547 14.089  -11.052 1.00 22.85 ? 289  HOH A O   1 
HETATM 1436 O  O   . HOH G 4 .   ? 24.275  -5.569  6.272   1.00 25.29 ? 290  HOH A O   1 
HETATM 1437 O  O   . HOH G 4 .   ? -7.829  14.404  7.477   1.00 23.07 ? 291  HOH A O   1 
HETATM 1438 O  O   . HOH G 4 .   ? -5.017  -12.871 -7.589  1.00 26.72 ? 292  HOH A O   1 
HETATM 1439 O  O   . HOH G 4 .   ? -12.356 14.286  6.654   1.00 22.31 ? 293  HOH A O   1 
HETATM 1440 O  O   . HOH G 4 .   ? 6.931   -1.528  3.204   1.00 24.37 ? 294  HOH A O   1 
HETATM 1441 O  O   . HOH G 4 .   ? -9.346  8.196   -14.037 1.00 24.90 ? 295  HOH A O   1 
HETATM 1442 O  O   . HOH G 4 .   ? -23.116 1.150   0.738   1.00 19.76 ? 296  HOH A O   1 
HETATM 1443 O  O   . HOH G 4 .   ? -1.430  1.945   -19.491 1.00 19.75 ? 297  HOH A O   1 
HETATM 1444 O  O   . HOH G 4 .   ? 18.337  -16.247 -0.042  1.00 24.19 ? 298  HOH A O   1 
HETATM 1445 O  O   . HOH G 4 .   ? 23.489  -14.768 8.976   1.00 25.18 ? 299  HOH A O   1 
HETATM 1446 O  O   . HOH G 4 .   ? 14.419  8.842   -5.374  1.00 27.25 ? 300  HOH A O   1 
HETATM 1447 O  O   . HOH G 4 .   ? -21.786 13.390  -4.459  1.00 21.26 ? 301  HOH A O   1 
HETATM 1448 O  O   . HOH G 4 .   ? -3.695  -0.331  15.932  1.00 26.00 ? 302  HOH A O   1 
HETATM 1449 O  O   . HOH G 4 .   ? 17.155  3.319   7.056   1.00 28.01 ? 303  HOH A O   1 
HETATM 1450 O  O   . HOH G 4 .   ? 3.847   -5.551  11.505  1.00 30.70 ? 304  HOH A O   1 
HETATM 1451 O  O   . HOH G 4 .   ? 16.529  -18.377 3.907   1.00 20.89 ? 305  HOH A O   1 
HETATM 1452 O  O   . HOH G 4 .   ? -23.101 14.470  -7.269  1.00 23.67 ? 306  HOH A O   1 
HETATM 1453 O  O   . HOH G 4 .   ? -13.829 -8.861  -0.499  1.00 20.31 ? 307  HOH A O   1 
HETATM 1454 O  O   . HOH G 4 .   ? -11.300 11.354  -12.325 1.00 24.86 ? 308  HOH A O   1 
HETATM 1455 O  O   . HOH G 4 .   ? 19.860  5.399   -4.988  1.00 21.39 ? 309  HOH A O   1 
HETATM 1456 O  O   . HOH G 4 .   ? -24.896 11.657  -0.677  1.00 26.84 ? 310  HOH A O   1 
HETATM 1457 O  O   . HOH G 4 .   ? 4.219   -0.986  3.351   1.00 25.10 ? 311  HOH A O   1 
HETATM 1458 O  O   . HOH G 4 .   ? -20.960 -3.064  -4.382  1.00 20.93 ? 312  HOH A O   1 
HETATM 1459 O  O   . HOH G 4 .   ? -10.596 -5.923  3.712   1.00 24.36 ? 313  HOH A O   1 
HETATM 1460 O  O   . HOH G 4 .   ? 21.895  4.041   -7.468  1.00 24.72 ? 314  HOH A O   1 
HETATM 1461 O  O   . HOH G 4 .   ? 12.681  -3.334  6.815   1.00 22.79 ? 315  HOH A O   1 
HETATM 1462 O  O   . HOH G 4 .   ? 18.355  -17.235 -2.573  1.00 22.18 ? 316  HOH A O   1 
HETATM 1463 O  O   . HOH G 4 .   ? 16.138  -16.095 -3.692  1.00 20.79 ? 317  HOH A O   1 
HETATM 1464 O  O   . HOH G 4 .   ? 17.488  4.836   -3.631  1.00 20.36 ? 318  HOH A O   1 
HETATM 1465 O  O   . HOH G 4 .   ? 2.290   -7.676  -10.238 1.00 24.97 ? 319  HOH A O   1 
HETATM 1466 O  O   . HOH G 4 .   ? 4.999   -0.621  7.294   1.00 26.45 ? 320  HOH A O   1 
HETATM 1467 O  O   . HOH G 4 .   ? -3.981  16.441  1.921   1.00 24.45 ? 321  HOH A O   1 
HETATM 1468 O  O   . HOH G 4 .   ? 18.299  -18.421 1.608   1.00 23.41 ? 322  HOH A O   1 
HETATM 1469 O  O   . HOH G 4 .   ? -26.396 8.094   0.092   1.00 21.98 ? 323  HOH A O   1 
HETATM 1470 O  O   . HOH G 4 .   ? -10.383 13.684  8.502   1.00 22.29 ? 324  HOH A O   1 
HETATM 1471 O  O   . HOH G 4 .   ? -11.730 11.334  9.531   1.00 21.48 ? 325  HOH A O   1 
HETATM 1472 O  O   . HOH G 4 .   ? 4.462   5.066   -4.621  1.00 24.34 ? 326  HOH A O   1 
HETATM 1473 O  O   . HOH G 4 .   ? 11.770  -19.249 5.572   1.00 22.66 ? 327  HOH A O   1 
HETATM 1474 O  O   . HOH G 4 .   ? 5.322   3.067   -3.136  1.00 24.10 ? 328  HOH A O   1 
HETATM 1475 O  O   . HOH G 4 .   ? -4.227  9.967   15.187  1.00 25.38 ? 329  HOH A O   1 
HETATM 1476 O  O   . HOH G 4 .   ? -20.760 6.171   6.862   1.00 24.51 ? 330  HOH A O   1 
HETATM 1477 O  O   . HOH G 4 .   ? 12.525  -13.865 9.541   1.00 21.93 ? 331  HOH A O   1 
HETATM 1478 O  O   . HOH G 4 .   ? -20.992 3.391   7.455   1.00 25.85 ? 332  HOH A O   1 
HETATM 1479 O  O   . HOH G 4 .   ? 1.999   8.310   -3.927  1.00 28.17 ? 333  HOH A O   1 
HETATM 1480 O  O   . HOH G 4 .   ? 0.495   -10.345 -10.511 1.00 23.18 ? 334  HOH A O   1 
HETATM 1481 O  O   . HOH G 4 .   ? 2.977   -14.903 -5.546  1.00 26.03 ? 335  HOH A O   1 
HETATM 1482 O  O   . HOH G 4 .   ? -17.944 8.670   -12.048 1.00 32.70 ? 336  HOH A O   1 
HETATM 1483 O  O   . HOH G 4 .   ? -23.313 11.476  -10.108 1.00 27.27 ? 337  HOH A O   1 
HETATM 1484 O  O   . HOH G 4 .   ? 2.857   8.477   5.463   1.00 29.38 ? 338  HOH A O   1 
HETATM 1485 O  O   . HOH G 4 .   ? 10.464  -21.428 5.003   1.00 27.58 ? 339  HOH A O   1 
HETATM 1486 O  O   . HOH G 4 .   ? -24.812 7.726   2.956   1.00 23.94 ? 340  HOH A O   1 
HETATM 1487 O  O   . HOH G 4 .   ? 2.859   7.290   8.451   1.00 29.09 ? 341  HOH A O   1 
HETATM 1488 O  O   . HOH G 4 .   ? -5.962  18.232  -5.011  1.00 27.03 ? 342  HOH A O   1 
HETATM 1489 O  O   . HOH G 4 .   ? 16.794  7.099   -2.361  1.00 29.99 ? 343  HOH A O   1 
HETATM 1490 O  O   . HOH G 4 .   ? -14.208 19.825  -0.068  1.00 27.49 ? 344  HOH A O   1 
HETATM 1491 O  O   . HOH G 4 .   ? -23.930 11.373  1.865   1.00 28.49 ? 345  HOH A O   1 
HETATM 1492 O  O   . HOH G 4 .   ? -13.764 -11.228 -2.135  1.00 18.81 ? 346  HOH A O   1 
HETATM 1493 O  O   . HOH G 4 .   ? 1.506   0.328   12.032  1.00 30.85 ? 347  HOH A O   1 
HETATM 1494 O  O   . HOH G 4 .   ? -10.935 -4.722  10.287  1.00 29.48 ? 348  HOH A O   1 
HETATM 1495 O  O   . HOH G 4 .   ? 20.529  -8.147  -4.579  1.00 37.24 ? 349  HOH A O   1 
HETATM 1496 O  O   . HOH G 4 .   ? 16.728  -14.979 -6.239  1.00 29.09 ? 350  HOH A O   1 
HETATM 1497 O  O   . HOH G 4 .   ? 21.737  -5.868  -3.820  1.00 25.31 ? 351  HOH A O   1 
HETATM 1498 O  O   . HOH G 4 .   ? -12.994 -11.060 -7.700  1.00 23.81 ? 352  HOH A O   1 
HETATM 1499 O  O   . HOH G 4 .   ? 2.557   -14.716 -2.882  1.00 27.40 ? 353  HOH A O   1 
HETATM 1500 O  O   . HOH G 4 .   ? -21.247 10.590  -11.368 1.00 27.61 ? 354  HOH A O   1 
HETATM 1501 O  O   . HOH G 4 .   ? 25.111  -3.346  4.657   1.00 30.03 ? 355  HOH A O   1 
HETATM 1502 O  O   . HOH G 4 .   ? -2.792  11.833  11.184  1.00 27.22 ? 356  HOH A O   1 
HETATM 1503 O  O   . HOH G 4 .   ? -10.196 -13.252 -7.440  1.00 31.80 ? 357  HOH A O   1 
HETATM 1504 O  O   . HOH G 4 .   ? -10.710 -5.345  6.232   1.00 26.81 ? 358  HOH A O   1 
HETATM 1505 O  O   . HOH G 4 .   ? 5.777   -4.271  9.293   1.00 25.12 ? 359  HOH A O   1 
HETATM 1506 O  O   . HOH G 4 .   ? 1.424   -3.799  -10.876 1.00 21.74 ? 360  HOH A O   1 
HETATM 1507 O  O   . HOH G 4 .   ? -13.673 16.516  7.414   1.00 32.09 ? 361  HOH A O   1 
HETATM 1508 O  O   . HOH G 4 .   ? 14.110  5.971   5.200   1.00 31.20 ? 362  HOH A O   1 
HETATM 1509 O  O   . HOH G 4 .   ? 24.803  2.950   -2.624  1.00 29.17 ? 363  HOH A O   1 
HETATM 1510 O  O   . HOH G 4 .   ? -3.351  5.525   -16.835 1.00 28.90 ? 364  HOH A O   1 
HETATM 1511 O  O   . HOH G 4 .   ? 5.952   3.226   0.242   1.00 26.62 ? 365  HOH A O   1 
HETATM 1512 O  O   . HOH G 4 .   ? 6.694   -8.922  -9.986  1.00 25.92 ? 366  HOH A O   1 
HETATM 1513 O  O   . HOH G 4 .   ? -22.675 8.239   5.173   1.00 28.04 ? 367  HOH A O   1 
HETATM 1514 O  O   . HOH G 4 .   ? 22.465  1.729   -8.727  1.00 30.73 ? 368  HOH A O   1 
HETATM 1515 O  O   . HOH G 4 .   ? 5.727   -19.586 -0.452  1.00 34.53 ? 369  HOH A O   1 
HETATM 1516 O  O   . HOH G 4 .   ? 12.292  -21.217 1.424   1.00 33.97 ? 370  HOH A O   1 
HETATM 1517 O  O   . HOH G 4 .   ? -3.783  13.290  -14.052 1.00 26.20 ? 371  HOH A O   1 
HETATM 1518 O  O   . HOH G 4 .   ? -27.250 11.790  0.777   1.00 37.59 ? 372  HOH A O   1 
HETATM 1519 O  O   . HOH G 4 .   ? -13.813 18.403  5.608   1.00 38.42 ? 373  HOH A O   1 
HETATM 1520 O  O   . HOH G 4 .   ? 10.865  9.912   -5.698  1.00 28.99 ? 374  HOH A O   1 
HETATM 1521 O  O   . HOH G 4 .   ? -10.851 0.586   -13.419 1.00 30.14 ? 375  HOH A O   1 
HETATM 1522 O  O   . HOH G 4 .   ? -5.461  1.714   -16.719 1.00 27.55 ? 376  HOH A O   1 
HETATM 1523 O  O   . HOH G 4 .   ? 7.507   13.527  -8.767  1.00 28.22 ? 377  HOH A O   1 
HETATM 1524 O  O   . HOH G 4 .   ? -14.529 10.662  9.198   1.00 26.25 ? 378  HOH A O   1 
HETATM 1525 O  O   . HOH G 4 .   ? 0.365   -15.145 -6.182  1.00 36.56 ? 379  HOH A O   1 
HETATM 1526 O  O   . HOH G 4 .   ? -12.242 -1.822  -13.939 1.00 29.00 ? 380  HOH A O   1 
HETATM 1527 O  O   . HOH G 4 .   ? 22.002  -15.946 5.762   1.00 24.25 ? 381  HOH A O   1 
HETATM 1528 O  O   . HOH G 4 .   ? -11.653 20.076  4.663   1.00 30.34 ? 382  HOH A O   1 
HETATM 1529 O  O   . HOH G 4 .   ? 2.723   10.824  -3.259  1.00 31.67 ? 383  HOH A O   1 
HETATM 1530 O  O   . HOH G 4 .   ? -6.645  -11.847 -10.005 1.00 29.97 ? 384  HOH A O   1 
HETATM 1531 O  O   . HOH G 4 .   ? 4.111   -10.403 -10.829 1.00 40.24 ? 385  HOH A O   1 
HETATM 1532 O  O   . HOH G 4 .   ? 24.581  -5.804  -4.484  1.00 32.42 ? 386  HOH A O   1 
HETATM 1533 O  O   . HOH G 4 .   ? -21.757 1.313   -8.653  1.00 26.38 ? 387  HOH A O   1 
HETATM 1534 O  O   . HOH G 4 .   ? -0.829  -9.123  -12.534 1.00 38.25 ? 388  HOH A O   1 
HETATM 1535 O  O   . HOH G 4 .   ? -20.758 7.843   8.925   1.00 37.34 ? 389  HOH A O   1 
HETATM 1536 O  O   . HOH G 4 .   ? -15.420 11.238  11.837  1.00 34.55 ? 390  HOH A O   1 
HETATM 1537 O  O   . HOH G 4 .   ? 4.707   0.321   -6.021  1.00 26.53 ? 391  HOH A O   1 
HETATM 1538 O  O   . HOH G 4 .   ? -23.602 13.906  2.436   1.00 27.91 ? 392  HOH A O   1 
HETATM 1539 O  O   . HOH G 4 .   ? 26.227  1.772   -0.595  1.00 33.63 ? 393  HOH A O   1 
HETATM 1540 O  O   . HOH G 4 .   ? -7.116  19.182  6.720   1.00 32.13 ? 394  HOH A O   1 
HETATM 1541 O  O   . HOH G 4 .   ? -12.449 -0.991  14.316  1.00 30.48 ? 395  HOH A O   1 
HETATM 1542 O  O   . HOH G 4 .   ? 6.828   -16.931 -7.406  1.00 39.08 ? 396  HOH A O   1 
HETATM 1543 O  O   . HOH G 4 .   ? -24.743 12.969  -12.167 1.00 33.73 ? 397  HOH A O   1 
HETATM 1544 O  O   . HOH G 4 .   ? -13.332 17.695  -5.498  1.00 28.86 ? 398  HOH A O   1 
HETATM 1545 O  O   . HOH G 4 .   ? 14.839  -7.670  -8.152  1.00 28.30 ? 399  HOH A O   1 
HETATM 1546 O  O   . HOH G 4 .   ? 9.464   -16.377 -6.320  1.00 32.70 ? 400  HOH A O   1 
HETATM 1547 O  O   . HOH G 4 .   ? -8.135  19.880  -5.876  1.00 26.86 ? 401  HOH A O   1 
HETATM 1548 O  O   . HOH G 4 .   ? 6.566   2.071   -5.601  1.00 40.69 ? 402  HOH A O   1 
HETATM 1549 O  O   . HOH G 4 .   ? -2.612  11.506  -15.779 1.00 27.11 ? 403  HOH A O   1 
HETATM 1550 O  O   . HOH G 4 .   ? 20.911  -17.081 -3.733  1.00 27.36 ? 404  HOH A O   1 
HETATM 1551 O  O   . HOH G 4 .   ? -25.741 17.442  1.864   1.00 30.14 ? 405  HOH A O   1 
HETATM 1552 O  O   . HOH G 4 .   ? -11.083 -3.155  15.151  1.00 33.43 ? 406  HOH A O   1 
HETATM 1553 O  O   . HOH G 4 .   ? -15.327 -9.819  -8.710  1.00 26.73 ? 407  HOH A O   1 
HETATM 1554 O  O   . HOH G 4 .   ? 14.806  -14.132 -8.184  1.00 30.64 ? 408  HOH A O   1 
HETATM 1555 O  O   . HOH G 4 .   ? 12.898  -12.250 -8.135  1.00 21.99 ? 409  HOH A O   1 
HETATM 1556 O  O   . HOH G 4 .   ? 14.286  -10.217 -8.822  1.00 33.14 ? 410  HOH A O   1 
HETATM 1557 O  O   . HOH G 4 .   ? -24.078 6.777   8.213   1.00 34.83 ? 411  HOH A O   1 
HETATM 1558 O  O   . HOH G 4 .   ? 1.591   1.231   5.937   1.00 31.78 ? 412  HOH A O   1 
HETATM 1559 O  O   . HOH G 4 .   ? 10.780  -17.885 9.653   1.00 30.60 ? 413  HOH A O   1 
HETATM 1560 O  O   . HOH G 4 .   ? -8.345  0.028   -13.972 1.00 30.42 ? 414  HOH A O   1 
HETATM 1561 O  O   . HOH G 4 .   ? 3.531   2.515   4.141   1.00 33.64 ? 415  HOH A O   1 
HETATM 1562 O  O   . HOH G 4 .   ? -1.248  13.712  7.980   1.00 29.80 ? 416  HOH A O   1 
HETATM 1563 O  O   . HOH G 4 .   ? 0.594   -14.211 -8.662  1.00 29.67 ? 417  HOH A O   1 
HETATM 1564 O  O   . HOH G 4 .   ? 10.710  -18.810 -5.319  1.00 29.87 ? 418  HOH A O   1 
HETATM 1565 O  O   . HOH G 4 .   ? -21.593 16.533  -5.989  1.00 31.84 ? 419  HOH A O   1 
HETATM 1566 O  O   . HOH G 4 .   ? 11.683  4.102   4.844   1.00 36.32 ? 420  HOH A O   1 
HETATM 1567 O  O   . HOH G 4 .   ? 1.626   3.072   8.135   1.00 34.29 ? 421  HOH A O   1 
HETATM 1568 O  O   . HOH G 4 .   ? -9.538  -4.791  12.435  1.00 34.04 ? 422  HOH A O   1 
HETATM 1569 O  O   . HOH G 4 .   ? -26.625 14.829  -11.410 1.00 27.24 ? 423  HOH A O   1 
HETATM 1570 O  O   . HOH G 4 .   ? 17.464  -20.687 0.229   1.00 30.62 ? 424  HOH A O   1 
HETATM 1571 O  O   . HOH G 4 .   ? 6.901   1.388   4.421   1.00 31.49 ? 425  HOH A O   1 
HETATM 1572 O  O   . HOH G 4 .   ? 4.066   6.631   -2.491  1.00 40.50 ? 426  HOH A O   1 
HETATM 1573 O  O   . HOH G 4 .   ? -22.942 8.155   10.204  1.00 43.95 ? 427  HOH A O   1 
HETATM 1574 O  O   . HOH G 4 .   ? 25.460  0.178   5.980   1.00 32.83 ? 428  HOH A O   1 
HETATM 1575 O  O   . HOH G 4 .   ? -26.303 13.874  2.183   1.00 37.34 ? 429  HOH A O   1 
HETATM 1576 O  O   . HOH G 4 .   ? 10.493  -14.599 -7.973  1.00 32.73 ? 430  HOH A O   1 
HETATM 1577 O  O   . HOH G 4 .   ? -3.624  14.233  9.108   1.00 40.35 ? 431  HOH A O   1 
HETATM 1578 O  O   . HOH G 4 .   ? 1.465   3.466   10.790  1.00 37.73 ? 432  HOH A O   1 
# 
